data_2OTZ
# 
_entry.id   2OTZ 
# 
_audit_conform.dict_name       mmcif_pdbx.dic 
_audit_conform.dict_version    5.377 
_audit_conform.dict_location   http://mmcif.pdb.org/dictionaries/ascii/mmcif_pdbx.dic 
# 
loop_
_database_2.database_id 
_database_2.database_code 
_database_2.pdbx_database_accession 
_database_2.pdbx_DOI 
PDB   2OTZ         pdb_00002otz 10.2210/pdb2otz/pdb 
RCSB  RCSB041582   ?            ?                   
WWPDB D_1000041582 ?            ?                   
# 
_pdbx_database_related.db_name        PDB 
_pdbx_database_related.db_id          181L 
_pdbx_database_related.details        'The same protein complexed with benzene' 
_pdbx_database_related.content_type   unspecified 
# 
_pdbx_database_status.entry_id                        2OTZ 
_pdbx_database_status.deposit_site                    RCSB 
_pdbx_database_status.process_site                    RCSB 
_pdbx_database_status.recvd_initial_deposition_date   2007-02-09 
_pdbx_database_status.status_code                     REL 
_pdbx_database_status.status_code_sf                  REL 
_pdbx_database_status.status_code_mr                  ? 
_pdbx_database_status.SG_entry                        ? 
_pdbx_database_status.pdb_format_compatible           Y 
_pdbx_database_status.status_code_cs                  ? 
_pdbx_database_status.methods_development_category    ? 
_pdbx_database_status.status_code_nmr_data            ? 
# 
loop_
_audit_author.name 
_audit_author.pdbx_ordinal 
'Graves, A.P.'   1 
'Shoichet, B.K.' 2 
# 
_citation.id                        primary 
_citation.title                     'Predicting absolute ligand binding free energies to a simple model site.' 
_citation.journal_abbrev            J.Mol.Biol. 
_citation.journal_volume            371 
_citation.page_first                1118 
_citation.page_last                 1134 
_citation.year                      2007 
_citation.journal_id_ASTM           JMOBAK 
_citation.country                   UK 
_citation.journal_id_ISSN           0022-2836 
_citation.journal_id_CSD            0070 
_citation.book_publisher            ? 
_citation.pdbx_database_id_PubMed   17599350 
_citation.pdbx_database_id_DOI      10.1016/j.jmb.2007.06.002 
# 
loop_
_citation_author.citation_id 
_citation_author.name 
_citation_author.ordinal 
_citation_author.identifier_ORCID 
primary 'Mobley, D.L.'     1 ? 
primary 'Graves, A.P.'     2 ? 
primary 'Chodera, J.D.'    3 ? 
primary 'McReynolds, A.C.' 4 ? 
primary 'Shoichet, B.K.'   5 ? 
primary 'Dill, K.A.'       6 ? 
# 
_cell.entry_id           2OTZ 
_cell.length_a           59.897 
_cell.length_b           59.897 
_cell.length_c           96.088 
_cell.angle_alpha        90.00 
_cell.angle_beta         90.00 
_cell.angle_gamma        120.00 
_cell.Z_PDB              6 
_cell.pdbx_unique_axis   ? 
_cell.length_a_esd       ? 
_cell.length_b_esd       ? 
_cell.length_c_esd       ? 
_cell.angle_alpha_esd    ? 
_cell.angle_beta_esd     ? 
_cell.angle_gamma_esd    ? 
# 
_symmetry.entry_id                         2OTZ 
_symmetry.space_group_name_H-M             'P 32 2 1' 
_symmetry.pdbx_full_space_group_name_H-M   ? 
_symmetry.cell_setting                     ? 
_symmetry.Int_Tables_number                154 
_symmetry.space_group_name_Hall            ? 
# 
loop_
_entity.id 
_entity.type 
_entity.src_method 
_entity.pdbx_description 
_entity.formula_weight 
_entity.pdbx_number_of_molecules 
_entity.pdbx_ec 
_entity.pdbx_mutation 
_entity.pdbx_fragment 
_entity.details 
1 polymer     man Lysozyme        18359.023 1   3.2.1.17 ? ? ? 
2 non-polymer syn 'PHOSPHATE ION' 94.971    2   ?        ? ? ? 
3 non-polymer syn N-METHYLANILINE 107.153   1   ?        ? ? ? 
4 water       nat water           18.015    103 ?        ? ? ? 
# 
_entity_name_com.entity_id   1 
_entity_name_com.name        'Lysis protein, Muramidase, Endolysin' 
# 
_entity_poly.entity_id                      1 
_entity_poly.type                           'polypeptide(L)' 
_entity_poly.nstd_linkage                   no 
_entity_poly.nstd_monomer                   no 
_entity_poly.pdbx_seq_one_letter_code       
;MNIFEMLRIDEGLRLKIYKDTEGYYTIGIGHLLTKSPSLNAAKSELDKAIGRNTNGVITKDEAEKLFNQDVDAAVRGILR
NAKLKPVYDSLDAVRRAAAINMVFQMGETGVAGFTNSLRMLQQKRWDEAAVNLAKSRWYNQTPNRAKRVITTFRTGTWDA
YK
;
_entity_poly.pdbx_seq_one_letter_code_can   
;MNIFEMLRIDEGLRLKIYKDTEGYYTIGIGHLLTKSPSLNAAKSELDKAIGRNTNGVITKDEAEKLFNQDVDAAVRGILR
NAKLKPVYDSLDAVRRAAAINMVFQMGETGVAGFTNSLRMLQQKRWDEAAVNLAKSRWYNQTPNRAKRVITTFRTGTWDA
YK
;
_entity_poly.pdbx_strand_id                 X 
_entity_poly.pdbx_target_identifier         ? 
# 
loop_
_entity_poly_seq.entity_id 
_entity_poly_seq.num 
_entity_poly_seq.mon_id 
_entity_poly_seq.hetero 
1 1   MET n 
1 2   ASN n 
1 3   ILE n 
1 4   PHE n 
1 5   GLU n 
1 6   MET n 
1 7   LEU n 
1 8   ARG n 
1 9   ILE n 
1 10  ASP n 
1 11  GLU n 
1 12  GLY n 
1 13  LEU n 
1 14  ARG n 
1 15  LEU n 
1 16  LYS n 
1 17  ILE n 
1 18  TYR n 
1 19  LYS n 
1 20  ASP n 
1 21  THR n 
1 22  GLU n 
1 23  GLY n 
1 24  TYR n 
1 25  TYR n 
1 26  THR n 
1 27  ILE n 
1 28  GLY n 
1 29  ILE n 
1 30  GLY n 
1 31  HIS n 
1 32  LEU n 
1 33  LEU n 
1 34  THR n 
1 35  LYS n 
1 36  SER n 
1 37  PRO n 
1 38  SER n 
1 39  LEU n 
1 40  ASN n 
1 41  ALA n 
1 42  ALA n 
1 43  LYS n 
1 44  SER n 
1 45  GLU n 
1 46  LEU n 
1 47  ASP n 
1 48  LYS n 
1 49  ALA n 
1 50  ILE n 
1 51  GLY n 
1 52  ARG n 
1 53  ASN n 
1 54  THR n 
1 55  ASN n 
1 56  GLY n 
1 57  VAL n 
1 58  ILE n 
1 59  THR n 
1 60  LYS n 
1 61  ASP n 
1 62  GLU n 
1 63  ALA n 
1 64  GLU n 
1 65  LYS n 
1 66  LEU n 
1 67  PHE n 
1 68  ASN n 
1 69  GLN n 
1 70  ASP n 
1 71  VAL n 
1 72  ASP n 
1 73  ALA n 
1 74  ALA n 
1 75  VAL n 
1 76  ARG n 
1 77  GLY n 
1 78  ILE n 
1 79  LEU n 
1 80  ARG n 
1 81  ASN n 
1 82  ALA n 
1 83  LYS n 
1 84  LEU n 
1 85  LYS n 
1 86  PRO n 
1 87  VAL n 
1 88  TYR n 
1 89  ASP n 
1 90  SER n 
1 91  LEU n 
1 92  ASP n 
1 93  ALA n 
1 94  VAL n 
1 95  ARG n 
1 96  ARG n 
1 97  ALA n 
1 98  ALA n 
1 99  ALA n 
1 100 ILE n 
1 101 ASN n 
1 102 MET n 
1 103 VAL n 
1 104 PHE n 
1 105 GLN n 
1 106 MET n 
1 107 GLY n 
1 108 GLU n 
1 109 THR n 
1 110 GLY n 
1 111 VAL n 
1 112 ALA n 
1 113 GLY n 
1 114 PHE n 
1 115 THR n 
1 116 ASN n 
1 117 SER n 
1 118 LEU n 
1 119 ARG n 
1 120 MET n 
1 121 LEU n 
1 122 GLN n 
1 123 GLN n 
1 124 LYS n 
1 125 ARG n 
1 126 TRP n 
1 127 ASP n 
1 128 GLU n 
1 129 ALA n 
1 130 ALA n 
1 131 VAL n 
1 132 ASN n 
1 133 LEU n 
1 134 ALA n 
1 135 LYS n 
1 136 SER n 
1 137 ARG n 
1 138 TRP n 
1 139 TYR n 
1 140 ASN n 
1 141 GLN n 
1 142 THR n 
1 143 PRO n 
1 144 ASN n 
1 145 ARG n 
1 146 ALA n 
1 147 LYS n 
1 148 ARG n 
1 149 VAL n 
1 150 ILE n 
1 151 THR n 
1 152 THR n 
1 153 PHE n 
1 154 ARG n 
1 155 THR n 
1 156 GLY n 
1 157 THR n 
1 158 TRP n 
1 159 ASP n 
1 160 ALA n 
1 161 TYR n 
1 162 LYS n 
# 
_entity_src_gen.entity_id                          1 
_entity_src_gen.pdbx_src_id                        1 
_entity_src_gen.pdbx_alt_source_flag               sample 
_entity_src_gen.pdbx_seq_type                      ? 
_entity_src_gen.pdbx_beg_seq_num                   ? 
_entity_src_gen.pdbx_end_seq_num                   ? 
_entity_src_gen.gene_src_common_name               ? 
_entity_src_gen.gene_src_genus                     'T4-like viruses' 
_entity_src_gen.pdbx_gene_src_gene                 E 
_entity_src_gen.gene_src_species                   'Enterobacteria phage T4 sensu lato' 
_entity_src_gen.gene_src_strain                    ? 
_entity_src_gen.gene_src_tissue                    ? 
_entity_src_gen.gene_src_tissue_fraction           ? 
_entity_src_gen.gene_src_details                   ? 
_entity_src_gen.pdbx_gene_src_fragment             ? 
_entity_src_gen.pdbx_gene_src_scientific_name      'Enterobacteria phage T4' 
_entity_src_gen.pdbx_gene_src_ncbi_taxonomy_id     10665 
_entity_src_gen.pdbx_gene_src_variant              ? 
_entity_src_gen.pdbx_gene_src_cell_line            ? 
_entity_src_gen.pdbx_gene_src_atcc                 ? 
_entity_src_gen.pdbx_gene_src_organ                ? 
_entity_src_gen.pdbx_gene_src_organelle            ? 
_entity_src_gen.pdbx_gene_src_cell                 ? 
_entity_src_gen.pdbx_gene_src_cellular_location    ? 
_entity_src_gen.host_org_common_name               ? 
_entity_src_gen.pdbx_host_org_scientific_name      'Escherichia coli' 
_entity_src_gen.pdbx_host_org_ncbi_taxonomy_id     562 
_entity_src_gen.host_org_genus                     Escherichia 
_entity_src_gen.pdbx_host_org_gene                 ? 
_entity_src_gen.pdbx_host_org_organ                ? 
_entity_src_gen.host_org_species                   ? 
_entity_src_gen.pdbx_host_org_tissue               ? 
_entity_src_gen.pdbx_host_org_tissue_fraction      ? 
_entity_src_gen.pdbx_host_org_strain               ? 
_entity_src_gen.pdbx_host_org_variant              ? 
_entity_src_gen.pdbx_host_org_cell_line            ? 
_entity_src_gen.pdbx_host_org_atcc                 ? 
_entity_src_gen.pdbx_host_org_culture_collection   ? 
_entity_src_gen.pdbx_host_org_cell                 ? 
_entity_src_gen.pdbx_host_org_organelle            ? 
_entity_src_gen.pdbx_host_org_cellular_location    ? 
_entity_src_gen.pdbx_host_org_vector_type          Plamid 
_entity_src_gen.pdbx_host_org_vector               ? 
_entity_src_gen.host_org_details                   ? 
_entity_src_gen.expression_system_id               ? 
_entity_src_gen.plasmid_name                       M13 
_entity_src_gen.plasmid_details                    ? 
_entity_src_gen.pdbx_description                   ? 
# 
_struct_ref.id                         1 
_struct_ref.db_name                    UNP 
_struct_ref.db_code                    LYS_BPT4 
_struct_ref.pdbx_db_accession          P00720 
_struct_ref.entity_id                  1 
_struct_ref.pdbx_seq_one_letter_code   
;MNIFEMLRIDEGLRLKIYKDTEGYYTIGIGHLLTKSPSLNAAKSELDKAIGRNCNGVITKDEAEKLFNQDVDAAVRGILR
NAKLKPVYDSLDAVRRCALINMVFQMGETGVAGFTNSLRMLQQKRWDEAAVNLAKSRWYNQTPNRAKRVITTFRTGTWDA
YK
;
_struct_ref.pdbx_align_begin           1 
_struct_ref.pdbx_db_isoform            ? 
# 
_struct_ref_seq.align_id                      1 
_struct_ref_seq.ref_id                        1 
_struct_ref_seq.pdbx_PDB_id_code              2OTZ 
_struct_ref_seq.pdbx_strand_id                X 
_struct_ref_seq.seq_align_beg                 1 
_struct_ref_seq.pdbx_seq_align_beg_ins_code   ? 
_struct_ref_seq.seq_align_end                 162 
_struct_ref_seq.pdbx_seq_align_end_ins_code   ? 
_struct_ref_seq.pdbx_db_accession             P00720 
_struct_ref_seq.db_align_beg                  1 
_struct_ref_seq.pdbx_db_align_beg_ins_code    ? 
_struct_ref_seq.db_align_end                  162 
_struct_ref_seq.pdbx_db_align_end_ins_code    ? 
_struct_ref_seq.pdbx_auth_seq_align_beg       1 
_struct_ref_seq.pdbx_auth_seq_align_end       162 
# 
loop_
_struct_ref_seq_dif.align_id 
_struct_ref_seq_dif.pdbx_pdb_id_code 
_struct_ref_seq_dif.mon_id 
_struct_ref_seq_dif.pdbx_pdb_strand_id 
_struct_ref_seq_dif.seq_num 
_struct_ref_seq_dif.pdbx_pdb_ins_code 
_struct_ref_seq_dif.pdbx_seq_db_name 
_struct_ref_seq_dif.pdbx_seq_db_accession_code 
_struct_ref_seq_dif.db_mon_id 
_struct_ref_seq_dif.pdbx_seq_db_seq_num 
_struct_ref_seq_dif.details 
_struct_ref_seq_dif.pdbx_auth_seq_num 
_struct_ref_seq_dif.pdbx_ordinal 
1 2OTZ THR X 54 ? UNP P00720 CYS 54 'engineered mutation' 54 1 
1 2OTZ ALA X 97 ? UNP P00720 CYS 97 'engineered mutation' 97 2 
1 2OTZ ALA X 99 ? UNP P00720 LEU 99 'engineered mutation' 99 3 
# 
loop_
_chem_comp.id 
_chem_comp.type 
_chem_comp.mon_nstd_flag 
_chem_comp.name 
_chem_comp.pdbx_synonyms 
_chem_comp.formula 
_chem_comp.formula_weight 
1MR non-polymer         . N-METHYLANILINE ? 'C7 H9 N'        107.153 
ALA 'L-peptide linking' y ALANINE         ? 'C3 H7 N O2'     89.093  
ARG 'L-peptide linking' y ARGININE        ? 'C6 H15 N4 O2 1' 175.209 
ASN 'L-peptide linking' y ASPARAGINE      ? 'C4 H8 N2 O3'    132.118 
ASP 'L-peptide linking' y 'ASPARTIC ACID' ? 'C4 H7 N O4'     133.103 
CYS 'L-peptide linking' y CYSTEINE        ? 'C3 H7 N O2 S'   121.158 
GLN 'L-peptide linking' y GLUTAMINE       ? 'C5 H10 N2 O3'   146.144 
GLU 'L-peptide linking' y 'GLUTAMIC ACID' ? 'C5 H9 N O4'     147.129 
GLY 'peptide linking'   y GLYCINE         ? 'C2 H5 N O2'     75.067  
HIS 'L-peptide linking' y HISTIDINE       ? 'C6 H10 N3 O2 1' 156.162 
HOH non-polymer         . WATER           ? 'H2 O'           18.015  
ILE 'L-peptide linking' y ISOLEUCINE      ? 'C6 H13 N O2'    131.173 
LEU 'L-peptide linking' y LEUCINE         ? 'C6 H13 N O2'    131.173 
LYS 'L-peptide linking' y LYSINE          ? 'C6 H15 N2 O2 1' 147.195 
MET 'L-peptide linking' y METHIONINE      ? 'C5 H11 N O2 S'  149.211 
PHE 'L-peptide linking' y PHENYLALANINE   ? 'C9 H11 N O2'    165.189 
PO4 non-polymer         . 'PHOSPHATE ION' ? 'O4 P -3'        94.971  
PRO 'L-peptide linking' y PROLINE         ? 'C5 H9 N O2'     115.130 
SER 'L-peptide linking' y SERINE          ? 'C3 H7 N O3'     105.093 
THR 'L-peptide linking' y THREONINE       ? 'C4 H9 N O3'     119.119 
TRP 'L-peptide linking' y TRYPTOPHAN      ? 'C11 H12 N2 O2'  204.225 
TYR 'L-peptide linking' y TYROSINE        ? 'C9 H11 N O3'    181.189 
VAL 'L-peptide linking' y VALINE          ? 'C5 H11 N O2'    117.146 
# 
_exptl.crystals_number   1 
_exptl.entry_id          2OTZ 
_exptl.method            'X-RAY DIFFRACTION' 
# 
_exptl_crystal.id                    1 
_exptl_crystal.density_Matthews      2.71 
_exptl_crystal.density_meas          ? 
_exptl_crystal.density_percent_sol   54.61 
_exptl_crystal.description           ? 
_exptl_crystal.F_000                 ? 
_exptl_crystal.preparation           ? 
# 
_exptl_crystal_grow.crystal_id      1 
_exptl_crystal_grow.method          'VAPOR DIFFUSION, HANGING DROP' 
_exptl_crystal_grow.pH              7.1 
_exptl_crystal_grow.temp            277 
_exptl_crystal_grow.temp_details    ? 
_exptl_crystal_grow.pdbx_details    
;2.2M sodium-potassium phosphate, 0.05M beta-mercaptoethanol, 0.05M 2-hydroxyethyldisulfide, pH 7.1, VAPOR DIFFUSION, HANGING DROP, temperature 277K
;
_exptl_crystal_grow.pdbx_pH_range   . 
# 
_diffrn.id                     1 
_diffrn.ambient_temp           110 
_diffrn.ambient_temp_details   ? 
_diffrn.crystal_id             1 
# 
_diffrn_detector.diffrn_id              1 
_diffrn_detector.detector               'IMAGE PLATE' 
_diffrn_detector.type                   'RIGAKU RAXIS IV' 
_diffrn_detector.pdbx_collection_date   2006-06-29 
_diffrn_detector.details                ? 
# 
_diffrn_radiation.diffrn_id                        1 
_diffrn_radiation.wavelength_id                    1 
_diffrn_radiation.pdbx_diffrn_protocol             'SINGLE WAVELENGTH' 
_diffrn_radiation.monochromator                    ? 
_diffrn_radiation.pdbx_monochromatic_or_laue_m_l   M 
_diffrn_radiation.pdbx_scattering_type             x-ray 
# 
_diffrn_radiation_wavelength.id           1 
_diffrn_radiation_wavelength.wavelength   1.5418 
_diffrn_radiation_wavelength.wt           1.0 
# 
_diffrn_source.diffrn_id                   1 
_diffrn_source.source                      'ROTATING ANODE' 
_diffrn_source.type                        'RIGAKU RU200' 
_diffrn_source.pdbx_wavelength             ? 
_diffrn_source.pdbx_wavelength_list        1.5418 
_diffrn_source.pdbx_synchrotron_site       ? 
_diffrn_source.pdbx_synchrotron_beamline   ? 
# 
_reflns.entry_id                     2OTZ 
_reflns.d_resolution_high            2.070 
_reflns.d_resolution_low             50.000 
_reflns.number_obs                   12102 
_reflns.pdbx_Rmerge_I_obs            0.135 
_reflns.pdbx_netI_over_sigmaI        7.400 
_reflns.pdbx_chi_squared             1.007 
_reflns.pdbx_redundancy              3.600 
_reflns.percent_possible_obs         95.000 
_reflns.observed_criterion_sigma_F   0 
_reflns.observed_criterion_sigma_I   0 
_reflns.number_all                   12102 
_reflns.pdbx_Rsym_value              ? 
_reflns.B_iso_Wilson_estimate        ? 
_reflns.R_free_details               ? 
_reflns.limit_h_max                  ? 
_reflns.limit_h_min                  ? 
_reflns.limit_k_max                  ? 
_reflns.limit_k_min                  ? 
_reflns.limit_l_max                  ? 
_reflns.limit_l_min                  ? 
_reflns.observed_criterion_F_max     ? 
_reflns.observed_criterion_F_min     ? 
_reflns.pdbx_scaling_rejects         ? 
_reflns.pdbx_diffrn_id               1 
_reflns.pdbx_ordinal                 1 
# 
_reflns_shell.d_res_high             2.07 
_reflns_shell.d_res_low              2.14 
_reflns_shell.number_measured_obs    ? 
_reflns_shell.number_measured_all    ? 
_reflns_shell.number_unique_obs      ? 
_reflns_shell.Rmerge_I_obs           0.52 
_reflns_shell.meanI_over_sigI_obs    ? 
_reflns_shell.pdbx_Rsym_value        ? 
_reflns_shell.pdbx_chi_squared       1.015 
_reflns_shell.pdbx_redundancy        3.60 
_reflns_shell.percent_possible_obs   ? 
_reflns_shell.number_unique_all      1169 
_reflns_shell.percent_possible_all   92.80 
_reflns_shell.pdbx_diffrn_id         ? 
_reflns_shell.pdbx_ordinal           1 
# 
_refine.entry_id                                 2OTZ 
_refine.ls_d_res_high                            2.070 
_refine.ls_d_res_low                             51.850 
_refine.pdbx_ls_sigma_F                          0.00 
_refine.ls_percent_reflns_obs                    95.040 
_refine.ls_number_reflns_obs                     12102 
_refine.pdbx_ls_cross_valid_method               THROUGHOUT 
_refine.pdbx_R_Free_selection_details            RANDOM 
_refine.details                                  'HYDROGENS HAVE BEEN ADDED IN THE RIDING POSITIONS' 
_refine.ls_R_factor_obs                          0.22 
_refine.ls_R_factor_R_work                       0.219 
_refine.ls_R_factor_R_free                       0.258 
_refine.ls_percent_reflns_R_free                 4.900 
_refine.ls_number_reflns_R_free                  591 
_refine.B_iso_mean                               17.892 
_refine.aniso_B[1][1]                            -0.020 
_refine.aniso_B[2][2]                            -0.020 
_refine.aniso_B[3][3]                            0.030 
_refine.aniso_B[1][2]                            -0.010 
_refine.aniso_B[1][3]                            0.000 
_refine.aniso_B[2][3]                            0.000 
_refine.correlation_coeff_Fo_to_Fc               0.924 
_refine.correlation_coeff_Fo_to_Fc_free          0.879 
_refine.pdbx_overall_ESU_R                       0.226 
_refine.pdbx_overall_ESU_R_Free                  0.192 
_refine.overall_SU_ML                            0.131 
_refine.overall_SU_B                             4.903 
_refine.solvent_model_details                    MASK 
_refine.pdbx_solvent_vdw_probe_radii             1.200 
_refine.pdbx_solvent_ion_probe_radii             0.800 
_refine.pdbx_solvent_shrinkage_radii             0.800 
_refine.pdbx_stereochemistry_target_values       'MAXIMUM LIKELIHOOD' 
_refine.pdbx_ls_sigma_I                          ? 
_refine.ls_number_reflns_all                     12102 
_refine.ls_R_factor_all                          0.22 
_refine.ls_redundancy_reflns_obs                 ? 
_refine.pdbx_data_cutoff_high_absF               ? 
_refine.pdbx_data_cutoff_low_absF                ? 
_refine.ls_number_parameters                     ? 
_refine.ls_number_restraints                     ? 
_refine.ls_R_factor_R_free_error                 ? 
_refine.ls_R_factor_R_free_error_details         ? 
_refine.pdbx_method_to_determine_struct          'MOLECULAR REPLACEMENT' 
_refine.pdbx_starting_model                      181L 
_refine.pdbx_stereochem_target_val_spec_case     ? 
_refine.solvent_model_param_bsol                 ? 
_refine.solvent_model_param_ksol                 ? 
_refine.occupancy_max                            ? 
_refine.occupancy_min                            ? 
_refine.pdbx_isotropic_thermal_model             ? 
_refine.B_iso_min                                ? 
_refine.B_iso_max                                ? 
_refine.overall_SU_R_Cruickshank_DPI             ? 
_refine.overall_SU_R_free                        ? 
_refine.pdbx_data_cutoff_high_rms_absF           ? 
_refine.ls_wR_factor_R_free                      ? 
_refine.ls_wR_factor_R_work                      ? 
_refine.overall_FOM_free_R_set                   ? 
_refine.overall_FOM_work_R_set                   ? 
_refine.pdbx_refine_id                           'X-RAY DIFFRACTION' 
_refine.pdbx_diffrn_id                           1 
_refine.pdbx_TLS_residual_ADP_flag               ? 
_refine.pdbx_overall_phase_error                 ? 
_refine.pdbx_overall_SU_R_free_Cruickshank_DPI   ? 
_refine.pdbx_overall_SU_R_Blow_DPI               ? 
_refine.pdbx_overall_SU_R_free_Blow_DPI          ? 
# 
_refine_hist.pdbx_refine_id                   'X-RAY DIFFRACTION' 
_refine_hist.cycle_id                         LAST 
_refine_hist.pdbx_number_atoms_protein        1271 
_refine_hist.pdbx_number_atoms_nucleic_acid   0 
_refine_hist.pdbx_number_atoms_ligand         18 
_refine_hist.number_atoms_solvent             103 
_refine_hist.number_atoms_total               1392 
_refine_hist.d_res_high                       2.070 
_refine_hist.d_res_low                        51.850 
# 
loop_
_refine_ls_restr.type 
_refine_ls_restr.number 
_refine_ls_restr.dev_ideal 
_refine_ls_restr.dev_ideal_target 
_refine_ls_restr.weight 
_refine_ls_restr.pdbx_refine_id 
_refine_ls_restr.pdbx_restraint_function 
r_bond_refined_d         1305 0.007  0.022  ? 'X-RAY DIFFRACTION' ? 
r_angle_refined_deg      1760 0.916  1.959  ? 'X-RAY DIFFRACTION' ? 
r_dihedral_angle_1_deg   161  4.350  5.000  ? 'X-RAY DIFFRACTION' ? 
r_dihedral_angle_2_deg   61   35.026 23.607 ? 'X-RAY DIFFRACTION' ? 
r_dihedral_angle_3_deg   228  13.539 15.000 ? 'X-RAY DIFFRACTION' ? 
r_dihedral_angle_4_deg   12   13.763 15.000 ? 'X-RAY DIFFRACTION' ? 
r_chiral_restr           194  0.057  0.200  ? 'X-RAY DIFFRACTION' ? 
r_gen_planes_refined     977  0.002  0.020  ? 'X-RAY DIFFRACTION' ? 
r_nbd_refined            652  0.172  0.200  ? 'X-RAY DIFFRACTION' ? 
r_nbtor_refined          907  0.292  0.200  ? 'X-RAY DIFFRACTION' ? 
r_xyhbond_nbd_refined    113  0.110  0.200  ? 'X-RAY DIFFRACTION' ? 
r_symmetry_vdw_refined   45   0.338  0.200  ? 'X-RAY DIFFRACTION' ? 
r_symmetry_hbond_refined 20   0.127  0.200  ? 'X-RAY DIFFRACTION' ? 
r_mcbond_it              831  0.445  1.500  ? 'X-RAY DIFFRACTION' ? 
r_mcangle_it             1278 0.505  2.000  ? 'X-RAY DIFFRACTION' ? 
r_scbond_it              525  0.893  3.000  ? 'X-RAY DIFFRACTION' ? 
r_scangle_it             482  1.372  4.500  ? 'X-RAY DIFFRACTION' ? 
# 
_refine_ls_shell.d_res_high                       2.066 
_refine_ls_shell.d_res_low                        2.119 
_refine_ls_shell.pdbx_total_number_of_bins_used   20 
_refine_ls_shell.percent_reflns_obs               89.880 
_refine_ls_shell.number_reflns_R_work             772 
_refine_ls_shell.R_factor_all                     ? 
_refine_ls_shell.R_factor_R_work                  0.284 
_refine_ls_shell.R_factor_R_free                  0.323 
_refine_ls_shell.percent_reflns_R_free            ? 
_refine_ls_shell.number_reflns_R_free             63 
_refine_ls_shell.R_factor_R_free_error            ? 
_refine_ls_shell.number_reflns_all                ? 
_refine_ls_shell.number_reflns_obs                835 
_refine_ls_shell.redundancy_reflns_obs            ? 
_refine_ls_shell.pdbx_refine_id                   'X-RAY DIFFRACTION' 
# 
_struct.entry_id                  2OTZ 
_struct.title                     'N-methylaniline in complex with T4 Lysozyme L99A' 
_struct.pdbx_model_details        ? 
_struct.pdbx_CASP_flag            ? 
_struct.pdbx_model_type_details   ? 
# 
_struct_keywords.entry_id        2OTZ 
_struct_keywords.pdbx_keywords   HYDROLASE 
_struct_keywords.text            'Hydrolase, Protein-Ligand Complex, Model System' 
# 
loop_
_struct_asym.id 
_struct_asym.pdbx_blank_PDB_chainid_flag 
_struct_asym.pdbx_modified 
_struct_asym.entity_id 
_struct_asym.details 
A N N 1 ? 
B N N 2 ? 
C N N 2 ? 
D N N 3 ? 
E N N 4 ? 
# 
_struct_biol.id        1 
_struct_biol.details   ? 
# 
loop_
_struct_conf.conf_type_id 
_struct_conf.id 
_struct_conf.pdbx_PDB_helix_id 
_struct_conf.beg_label_comp_id 
_struct_conf.beg_label_asym_id 
_struct_conf.beg_label_seq_id 
_struct_conf.pdbx_beg_PDB_ins_code 
_struct_conf.end_label_comp_id 
_struct_conf.end_label_asym_id 
_struct_conf.end_label_seq_id 
_struct_conf.pdbx_end_PDB_ins_code 
_struct_conf.beg_auth_comp_id 
_struct_conf.beg_auth_asym_id 
_struct_conf.beg_auth_seq_id 
_struct_conf.end_auth_comp_id 
_struct_conf.end_auth_asym_id 
_struct_conf.end_auth_seq_id 
_struct_conf.pdbx_PDB_helix_class 
_struct_conf.details 
_struct_conf.pdbx_PDB_helix_length 
HELX_P HELX_P1  1  ASN A 2   ? GLY A 12  ? ASN X 2   GLY X 12  1 ? 11 
HELX_P HELX_P2  2  SER A 38  ? GLY A 51  ? SER X 38  GLY X 51  1 ? 14 
HELX_P HELX_P3  3  THR A 59  ? ARG A 80  ? THR X 59  ARG X 80  1 ? 22 
HELX_P HELX_P4  4  LYS A 83  ? LEU A 91  ? LYS X 83  LEU X 91  1 ? 9  
HELX_P HELX_P5  5  ASP A 92  ? GLY A 107 ? ASP X 92  GLY X 107 1 ? 16 
HELX_P HELX_P6  6  GLY A 107 ? GLY A 113 ? GLY X 107 GLY X 113 1 ? 7  
HELX_P HELX_P7  7  PHE A 114 ? GLN A 123 ? PHE X 114 GLN X 123 1 ? 10 
HELX_P HELX_P8  8  ARG A 125 ? LYS A 135 ? ARG X 125 LYS X 135 1 ? 11 
HELX_P HELX_P9  9  SER A 136 ? THR A 142 ? SER X 136 THR X 142 1 ? 7  
HELX_P HELX_P10 10 THR A 142 ? GLY A 156 ? THR X 142 GLY X 156 1 ? 15 
HELX_P HELX_P11 11 TRP A 158 ? LYS A 162 ? TRP X 158 LYS X 162 5 ? 5  
# 
_struct_conf_type.id          HELX_P 
_struct_conf_type.criteria    ? 
_struct_conf_type.reference   ? 
# 
_struct_sheet.id               A 
_struct_sheet.type             ? 
_struct_sheet.number_strands   3 
_struct_sheet.details          ? 
# 
loop_
_struct_sheet_order.sheet_id 
_struct_sheet_order.range_id_1 
_struct_sheet_order.range_id_2 
_struct_sheet_order.offset 
_struct_sheet_order.sense 
A 1 2 ? anti-parallel 
A 2 3 ? anti-parallel 
# 
loop_
_struct_sheet_range.sheet_id 
_struct_sheet_range.id 
_struct_sheet_range.beg_label_comp_id 
_struct_sheet_range.beg_label_asym_id 
_struct_sheet_range.beg_label_seq_id 
_struct_sheet_range.pdbx_beg_PDB_ins_code 
_struct_sheet_range.end_label_comp_id 
_struct_sheet_range.end_label_asym_id 
_struct_sheet_range.end_label_seq_id 
_struct_sheet_range.pdbx_end_PDB_ins_code 
_struct_sheet_range.beg_auth_comp_id 
_struct_sheet_range.beg_auth_asym_id 
_struct_sheet_range.beg_auth_seq_id 
_struct_sheet_range.end_auth_comp_id 
_struct_sheet_range.end_auth_asym_id 
_struct_sheet_range.end_auth_seq_id 
A 1 ARG A 14 ? LYS A 19 ? ARG X 14 LYS X 19 
A 2 TYR A 25 ? GLY A 28 ? TYR X 25 GLY X 28 
A 3 HIS A 31 ? LEU A 32 ? HIS X 31 LEU X 32 
# 
loop_
_pdbx_struct_sheet_hbond.sheet_id 
_pdbx_struct_sheet_hbond.range_id_1 
_pdbx_struct_sheet_hbond.range_id_2 
_pdbx_struct_sheet_hbond.range_1_label_atom_id 
_pdbx_struct_sheet_hbond.range_1_label_comp_id 
_pdbx_struct_sheet_hbond.range_1_label_asym_id 
_pdbx_struct_sheet_hbond.range_1_label_seq_id 
_pdbx_struct_sheet_hbond.range_1_PDB_ins_code 
_pdbx_struct_sheet_hbond.range_1_auth_atom_id 
_pdbx_struct_sheet_hbond.range_1_auth_comp_id 
_pdbx_struct_sheet_hbond.range_1_auth_asym_id 
_pdbx_struct_sheet_hbond.range_1_auth_seq_id 
_pdbx_struct_sheet_hbond.range_2_label_atom_id 
_pdbx_struct_sheet_hbond.range_2_label_comp_id 
_pdbx_struct_sheet_hbond.range_2_label_asym_id 
_pdbx_struct_sheet_hbond.range_2_label_seq_id 
_pdbx_struct_sheet_hbond.range_2_PDB_ins_code 
_pdbx_struct_sheet_hbond.range_2_auth_atom_id 
_pdbx_struct_sheet_hbond.range_2_auth_comp_id 
_pdbx_struct_sheet_hbond.range_2_auth_asym_id 
_pdbx_struct_sheet_hbond.range_2_auth_seq_id 
A 1 2 N TYR A 18 ? N TYR X 18 O THR A 26 ? O THR X 26 
A 2 3 N ILE A 27 ? N ILE X 27 O HIS A 31 ? O HIS X 31 
# 
loop_
_struct_site.id 
_struct_site.pdbx_evidence_code 
_struct_site.pdbx_auth_asym_id 
_struct_site.pdbx_auth_comp_id 
_struct_site.pdbx_auth_seq_id 
_struct_site.pdbx_auth_ins_code 
_struct_site.pdbx_num_residues 
_struct_site.details 
AC1 Software X PO4 201 ? 7 'BINDING SITE FOR RESIDUE PO4 X 201' 
AC2 Software X PO4 202 ? 4 'BINDING SITE FOR RESIDUE PO4 X 202' 
AC3 Software X 1MR 203 ? 7 'BINDING SITE FOR RESIDUE 1MR X 203' 
# 
loop_
_struct_site_gen.id 
_struct_site_gen.site_id 
_struct_site_gen.pdbx_num_res 
_struct_site_gen.label_comp_id 
_struct_site_gen.label_asym_id 
_struct_site_gen.label_seq_id 
_struct_site_gen.pdbx_auth_ins_code 
_struct_site_gen.auth_comp_id 
_struct_site_gen.auth_asym_id 
_struct_site_gen.auth_seq_id 
_struct_site_gen.label_atom_id 
_struct_site_gen.label_alt_id 
_struct_site_gen.symmetry 
_struct_site_gen.details 
1  AC1 7 ARG A 14  ? ARG X 14  . ? 1_555 ? 
2  AC1 7 LYS A 19  ? LYS X 19  . ? 1_555 ? 
3  AC1 7 ARG A 125 ? ARG X 125 . ? 6_664 ? 
4  AC1 7 TRP A 126 ? TRP X 126 . ? 6_664 ? 
5  AC1 7 ASP A 127 ? ASP X 127 . ? 6_664 ? 
6  AC1 7 GLU A 128 ? GLU X 128 . ? 6_664 ? 
7  AC1 7 HOH E .   ? HOH X 280 . ? 1_555 ? 
8  AC2 4 GLN A 122 ? GLN X 122 . ? 6_664 ? 
9  AC2 4 ASN A 144 ? ASN X 144 . ? 1_555 ? 
10 AC2 4 ARG A 148 ? ARG X 148 . ? 1_555 ? 
11 AC2 4 HOH E .   ? HOH X 299 . ? 1_555 ? 
12 AC3 7 LEU A 84  ? LEU X 84  . ? 1_555 ? 
13 AC3 7 ALA A 99  ? ALA X 99  . ? 1_555 ? 
14 AC3 7 MET A 102 ? MET X 102 . ? 1_555 ? 
15 AC3 7 VAL A 111 ? VAL X 111 . ? 1_555 ? 
16 AC3 7 LEU A 118 ? LEU X 118 . ? 1_555 ? 
17 AC3 7 LEU A 121 ? LEU X 121 . ? 1_555 ? 
18 AC3 7 PHE A 153 ? PHE X 153 . ? 1_555 ? 
# 
_atom_sites.entry_id                    2OTZ 
_atom_sites.fract_transf_matrix[1][1]   0.00525015 
_atom_sites.fract_transf_matrix[1][2]   -0.01794008 
_atom_sites.fract_transf_matrix[1][3]   -0.00471410 
_atom_sites.fract_transf_matrix[2][1]   0.00531964 
_atom_sites.fract_transf_matrix[2][2]   -0.00404979 
_atom_sites.fract_transf_matrix[2][3]   -0.01808153 
_atom_sites.fract_transf_matrix[3][1]   0.00987175 
_atom_sites.fract_transf_matrix[3][2]   0.00225874 
_atom_sites.fract_transf_matrix[3][3]   0.00239840 
_atom_sites.fract_transf_vector[1]      0.460883 
_atom_sites.fract_transf_vector[2]      -0.317625 
_atom_sites.fract_transf_vector[3]      -0.065992 
# 
loop_
_atom_type.symbol 
C 
N 
O 
P 
S 
# 
loop_
_atom_site.group_PDB 
_atom_site.id 
_atom_site.type_symbol 
_atom_site.label_atom_id 
_atom_site.label_alt_id 
_atom_site.label_comp_id 
_atom_site.label_asym_id 
_atom_site.label_entity_id 
_atom_site.label_seq_id 
_atom_site.pdbx_PDB_ins_code 
_atom_site.Cartn_x 
_atom_site.Cartn_y 
_atom_site.Cartn_z 
_atom_site.occupancy 
_atom_site.B_iso_or_equiv 
_atom_site.pdbx_formal_charge 
_atom_site.auth_seq_id 
_atom_site.auth_comp_id 
_atom_site.auth_asym_id 
_atom_site.auth_atom_id 
_atom_site.pdbx_PDB_model_num 
ATOM   1    N N   . MET A 1 1   ? 2.460   -16.811 3.454   1.00 18.47 ? 1   MET X N   1 
ATOM   2    C CA  . MET A 1 1   ? 2.058   -15.435 3.047   1.00 18.40 ? 1   MET X CA  1 
ATOM   3    C C   . MET A 1 1   ? 2.020   -14.482 4.247   1.00 18.11 ? 1   MET X C   1 
ATOM   4    O O   . MET A 1 1   ? 1.606   -14.862 5.350   1.00 18.18 ? 1   MET X O   1 
ATOM   5    C CB  . MET A 1 1   ? 0.705   -15.480 2.332   1.00 18.64 ? 1   MET X CB  1 
ATOM   6    C CG  . MET A 1 1   ? 0.256   -14.173 1.676   1.00 19.39 ? 1   MET X CG  1 
ATOM   7    S SD  . MET A 1 1   ? 1.327   -13.449 0.414   1.00 21.27 ? 1   MET X SD  1 
ATOM   8    C CE  . MET A 1 1   ? 1.503   -14.836 -0.713  1.00 18.95 ? 1   MET X CE  1 
ATOM   9    N N   . ASN A 1 2   ? 2.477   -13.254 4.015   1.00 17.58 ? 2   ASN X N   1 
ATOM   10   C CA  . ASN A 1 2   ? 2.467   -12.176 5.008   1.00 16.93 ? 2   ASN X CA  1 
ATOM   11   C C   . ASN A 1 2   ? 2.412   -10.819 4.301   1.00 16.55 ? 2   ASN X C   1 
ATOM   12   O O   . ASN A 1 2   ? 2.378   -10.767 3.072   1.00 16.42 ? 2   ASN X O   1 
ATOM   13   C CB  . ASN A 1 2   ? 3.681   -12.279 5.952   1.00 16.88 ? 2   ASN X CB  1 
ATOM   14   C CG  . ASN A 1 2   ? 5.018   -12.240 5.215   1.00 16.84 ? 2   ASN X CG  1 
ATOM   15   O OD1 . ASN A 1 2   ? 5.329   -11.281 4.505   1.00 16.51 ? 2   ASN X OD1 1 
ATOM   16   N ND2 . ASN A 1 2   ? 5.829   -13.275 5.409   1.00 15.89 ? 2   ASN X ND2 1 
ATOM   17   N N   . ILE A 1 3   ? 2.402   -9.728  5.064   1.00 16.22 ? 3   ILE X N   1 
ATOM   18   C CA  . ILE A 1 3   ? 2.315   -8.383  4.477   1.00 15.97 ? 3   ILE X CA  1 
ATOM   19   C C   . ILE A 1 3   ? 3.441   -8.057  3.476   1.00 15.98 ? 3   ILE X C   1 
ATOM   20   O O   . ILE A 1 3   ? 3.191   -7.420  2.446   1.00 15.85 ? 3   ILE X O   1 
ATOM   21   C CB  . ILE A 1 3   ? 2.148   -7.254  5.564   1.00 16.05 ? 3   ILE X CB  1 
ATOM   22   C CG1 . ILE A 1 3   ? 1.950   -5.871  4.922   1.00 15.47 ? 3   ILE X CG1 1 
ATOM   23   C CG2 . ILE A 1 3   ? 3.312   -7.247  6.565   1.00 15.69 ? 3   ILE X CG2 1 
ATOM   24   C CD1 . ILE A 1 3   ? 0.722   -5.747  4.036   1.00 14.67 ? 3   ILE X CD1 1 
ATOM   25   N N   . PHE A 1 4   ? 4.660   -8.509  3.768   1.00 15.71 ? 4   PHE X N   1 
ATOM   26   C CA  . PHE A 1 4   ? 5.798   -8.262  2.879   1.00 15.49 ? 4   PHE X CA  1 
ATOM   27   C C   . PHE A 1 4   ? 5.649   -9.007  1.547   1.00 15.38 ? 4   PHE X C   1 
ATOM   28   O O   . PHE A 1 4   ? 5.879   -8.429  0.481   1.00 15.23 ? 4   PHE X O   1 
ATOM   29   C CB  . PHE A 1 4   ? 7.127   -8.613  3.563   1.00 15.40 ? 4   PHE X CB  1 
ATOM   30   C CG  . PHE A 1 4   ? 7.550   -7.621  4.614   1.00 15.22 ? 4   PHE X CG  1 
ATOM   31   C CD1 . PHE A 1 4   ? 8.335   -6.523  4.277   1.00 15.98 ? 4   PHE X CD1 1 
ATOM   32   C CD2 . PHE A 1 4   ? 7.166   -7.785  5.942   1.00 15.72 ? 4   PHE X CD2 1 
ATOM   33   C CE1 . PHE A 1 4   ? 8.732   -5.597  5.252   1.00 16.30 ? 4   PHE X CE1 1 
ATOM   34   C CE2 . PHE A 1 4   ? 7.558   -6.868  6.926   1.00 16.39 ? 4   PHE X CE2 1 
ATOM   35   C CZ  . PHE A 1 4   ? 8.342   -5.772  6.580   1.00 16.35 ? 4   PHE X CZ  1 
ATOM   36   N N   . GLU A 1 5   ? 5.252   -10.276 1.618   1.00 15.10 ? 5   GLU X N   1 
ATOM   37   C CA  . GLU A 1 5   ? 5.024   -11.097 0.428   1.00 15.12 ? 5   GLU X CA  1 
ATOM   38   C C   . GLU A 1 5   ? 3.816   -10.609 -0.369  1.00 14.89 ? 5   GLU X C   1 
ATOM   39   O O   . GLU A 1 5   ? 3.806   -10.682 -1.600  1.00 14.84 ? 5   GLU X O   1 
ATOM   40   C CB  . GLU A 1 5   ? 4.825   -12.563 0.813   1.00 15.05 ? 5   GLU X CB  1 
ATOM   41   C CG  . GLU A 1 5   ? 6.042   -13.228 1.439   1.00 16.01 ? 5   GLU X CG  1 
ATOM   42   C CD  . GLU A 1 5   ? 5.849   -14.719 1.664   1.00 17.21 ? 5   GLU X CD  1 
ATOM   43   O OE1 . GLU A 1 5   ? 4.907   -15.303 1.085   1.00 18.53 ? 5   GLU X OE1 1 
ATOM   44   O OE2 . GLU A 1 5   ? 6.648   -15.315 2.412   1.00 18.14 ? 5   GLU X OE2 1 
ATOM   45   N N   . MET A 1 6   ? 2.807   -10.116 0.348   1.00 14.69 ? 6   MET X N   1 
ATOM   46   C CA  . MET A 1 6   ? 1.572   -9.616  -0.244  1.00 14.48 ? 6   MET X CA  1 
ATOM   47   C C   . MET A 1 6   ? 1.838   -8.368  -1.082  1.00 14.45 ? 6   MET X C   1 
ATOM   48   O O   . MET A 1 6   ? 1.449   -8.302  -2.249  1.00 14.56 ? 6   MET X O   1 
ATOM   49   C CB  . MET A 1 6   ? 0.557   -9.311  0.857   1.00 14.49 ? 6   MET X CB  1 
ATOM   50   C CG  . MET A 1 6   ? -0.830  -8.911  0.365   1.00 14.14 ? 6   MET X CG  1 
ATOM   51   S SD  . MET A 1 6   ? -1.708  -8.034  1.662   1.00 13.18 ? 6   MET X SD  1 
ATOM   52   C CE  . MET A 1 6   ? -3.409  -8.192  1.138   1.00 12.10 ? 6   MET X CE  1 
ATOM   53   N N   . LEU A 1 7   ? 2.515   -7.395  -0.479  1.00 14.42 ? 7   LEU X N   1 
ATOM   54   C CA  . LEU A 1 7   ? 2.872   -6.153  -1.161  1.00 14.50 ? 7   LEU X CA  1 
ATOM   55   C C   . LEU A 1 7   ? 3.926   -6.337  -2.261  1.00 14.56 ? 7   LEU X C   1 
ATOM   56   O O   . LEU A 1 7   ? 3.928   -5.595  -3.242  1.00 14.51 ? 7   LEU X O   1 
ATOM   57   C CB  . LEU A 1 7   ? 3.316   -5.094  -0.152  1.00 14.33 ? 7   LEU X CB  1 
ATOM   58   C CG  . LEU A 1 7   ? 2.193   -4.296  0.520   1.00 14.75 ? 7   LEU X CG  1 
ATOM   59   C CD1 . LEU A 1 7   ? 2.711   -3.557  1.743   1.00 14.05 ? 7   LEU X CD1 1 
ATOM   60   C CD2 . LEU A 1 7   ? 1.543   -3.330  -0.475  1.00 13.78 ? 7   LEU X CD2 1 
ATOM   61   N N   . ARG A 1 8   ? 4.813   -7.318  -2.092  1.00 14.56 ? 8   ARG X N   1 
ATOM   62   C CA  . ARG A 1 8   ? 5.775   -7.684  -3.138  1.00 14.78 ? 8   ARG X CA  1 
ATOM   63   C C   . ARG A 1 8   ? 5.059   -8.179  -4.409  1.00 14.87 ? 8   ARG X C   1 
ATOM   64   O O   . ARG A 1 8   ? 5.471   -7.862  -5.530  1.00 14.89 ? 8   ARG X O   1 
ATOM   65   C CB  . ARG A 1 8   ? 6.779   -8.719  -2.603  1.00 14.91 ? 8   ARG X CB  1 
ATOM   66   C CG  . ARG A 1 8   ? 7.761   -9.304  -3.623  1.00 15.56 ? 8   ARG X CG  1 
ATOM   67   C CD  . ARG A 1 8   ? 8.678   -8.245  -4.256  1.00 16.49 ? 8   ARG X CD  1 
ATOM   68   N NE  . ARG A 1 8   ? 9.526   -8.825  -5.300  1.00 17.25 ? 8   ARG X NE  1 
ATOM   69   C CZ  . ARG A 1 8   ? 9.115   -9.124  -6.534  1.00 17.92 ? 8   ARG X CZ  1 
ATOM   70   N NH1 . ARG A 1 8   ? 7.854   -8.901  -6.904  1.00 18.07 ? 8   ARG X NH1 1 
ATOM   71   N NH2 . ARG A 1 8   ? 9.966   -9.651  -7.406  1.00 18.31 ? 8   ARG X NH2 1 
ATOM   72   N N   . ILE A 1 9   ? 3.978   -8.935  -4.226  1.00 15.07 ? 9   ILE X N   1 
ATOM   73   C CA  . ILE A 1 9   ? 3.145   -9.375  -5.349  1.00 15.08 ? 9   ILE X CA  1 
ATOM   74   C C   . ILE A 1 9   ? 2.412   -8.198  -6.005  1.00 14.95 ? 9   ILE X C   1 
ATOM   75   O O   . ILE A 1 9   ? 2.455   -8.049  -7.221  1.00 15.04 ? 9   ILE X O   1 
ATOM   76   C CB  . ILE A 1 9   ? 2.155   -10.499 -4.934  1.00 15.05 ? 9   ILE X CB  1 
ATOM   77   C CG1 . ILE A 1 9   ? 2.916   -11.805 -4.684  1.00 15.03 ? 9   ILE X CG1 1 
ATOM   78   C CG2 . ILE A 1 9   ? 1.069   -10.713 -6.005  1.00 15.41 ? 9   ILE X CG2 1 
ATOM   79   C CD1 . ILE A 1 9   ? 2.169   -12.807 -3.820  1.00 14.93 ? 9   ILE X CD1 1 
ATOM   80   N N   . ASP A 1 10  ? 1.764   -7.359  -5.199  1.00 15.10 ? 10  ASP X N   1 
ATOM   81   C CA  . ASP A 1 10  ? 0.971   -6.244  -5.725  1.00 15.46 ? 10  ASP X CA  1 
ATOM   82   C C   . ASP A 1 10  ? 1.799   -5.117  -6.346  1.00 15.72 ? 10  ASP X C   1 
ATOM   83   O O   . ASP A 1 10  ? 1.360   -4.479  -7.306  1.00 15.72 ? 10  ASP X O   1 
ATOM   84   C CB  . ASP A 1 10  ? 0.053   -5.668  -4.646  1.00 15.43 ? 10  ASP X CB  1 
ATOM   85   C CG  . ASP A 1 10  ? -1.058  -6.625  -4.248  1.00 15.81 ? 10  ASP X CG  1 
ATOM   86   O OD1 . ASP A 1 10  ? -1.482  -7.452  -5.088  1.00 15.65 ? 10  ASP X OD1 1 
ATOM   87   O OD2 . ASP A 1 10  ? -1.517  -6.535  -3.088  1.00 15.66 ? 10  ASP X OD2 1 
ATOM   88   N N   . GLU A 1 11  ? 2.984   -4.876  -5.791  1.00 15.88 ? 11  GLU X N   1 
ATOM   89   C CA  . GLU A 1 11  ? 3.811   -3.747  -6.203  1.00 16.13 ? 11  GLU X CA  1 
ATOM   90   C C   . GLU A 1 11  ? 4.901   -4.114  -7.202  1.00 16.25 ? 11  GLU X C   1 
ATOM   91   O O   . GLU A 1 11  ? 5.346   -3.263  -7.965  1.00 16.33 ? 11  GLU X O   1 
ATOM   92   C CB  . GLU A 1 11  ? 4.436   -3.054  -4.982  1.00 16.05 ? 11  GLU X CB  1 
ATOM   93   C CG  . GLU A 1 11  ? 3.432   -2.407  -4.019  1.00 16.07 ? 11  GLU X CG  1 
ATOM   94   C CD  . GLU A 1 11  ? 2.661   -1.231  -4.627  1.00 16.01 ? 11  GLU X CD  1 
ATOM   95   O OE1 . GLU A 1 11  ? 2.965   -0.811  -5.764  1.00 16.44 ? 11  GLU X OE1 1 
ATOM   96   O OE2 . GLU A 1 11  ? 1.744   -0.719  -3.955  1.00 16.50 ? 11  GLU X OE2 1 
ATOM   97   N N   . GLY A 1 12  ? 5.331   -5.372  -7.190  1.00 16.53 ? 12  GLY X N   1 
ATOM   98   C CA  . GLY A 1 12  ? 6.440   -5.821  -8.033  1.00 16.83 ? 12  GLY X CA  1 
ATOM   99   C C   . GLY A 1 12  ? 7.794   -5.414  -7.474  1.00 17.13 ? 12  GLY X C   1 
ATOM   100  O O   . GLY A 1 12  ? 7.894   -4.937  -6.339  1.00 17.17 ? 12  GLY X O   1 
ATOM   101  N N   . LEU A 1 13  ? 8.839   -5.624  -8.271  1.00 17.41 ? 13  LEU X N   1 
ATOM   102  C CA  . LEU A 1 13  ? 10.181  -5.162  -7.951  1.00 17.69 ? 13  LEU X CA  1 
ATOM   103  C C   . LEU A 1 13  ? 10.879  -4.669  -9.215  1.00 17.77 ? 13  LEU X C   1 
ATOM   104  O O   . LEU A 1 13  ? 11.084  -5.429  -10.162 1.00 17.70 ? 13  LEU X O   1 
ATOM   105  C CB  . LEU A 1 13  ? 11.002  -6.269  -7.276  1.00 17.74 ? 13  LEU X CB  1 
ATOM   106  C CG  . LEU A 1 13  ? 12.514  -6.070  -7.086  1.00 18.44 ? 13  LEU X CG  1 
ATOM   107  C CD1 . LEU A 1 13  ? 12.827  -4.889  -6.174  1.00 18.50 ? 13  LEU X CD1 1 
ATOM   108  C CD2 . LEU A 1 13  ? 13.157  -7.348  -6.547  1.00 19.42 ? 13  LEU X CD2 1 
ATOM   109  N N   . ARG A 1 14  ? 11.232  -3.389  -9.221  1.00 17.82 ? 14  ARG X N   1 
ATOM   110  C CA  . ARG A 1 14  ? 11.942  -2.784  -10.343 1.00 18.08 ? 14  ARG X CA  1 
ATOM   111  C C   . ARG A 1 14  ? 13.073  -1.922  -9.799  1.00 17.95 ? 14  ARG X C   1 
ATOM   112  O O   . ARG A 1 14  ? 12.850  -1.058  -8.953  1.00 17.95 ? 14  ARG X O   1 
ATOM   113  C CB  . ARG A 1 14  ? 10.991  -1.955  -11.212 1.00 18.27 ? 14  ARG X CB  1 
ATOM   114  C CG  . ARG A 1 14  ? 9.860   -2.772  -11.856 1.00 18.87 ? 14  ARG X CG  1 
ATOM   115  C CD  . ARG A 1 14  ? 9.039   -1.943  -12.815 1.00 20.73 ? 14  ARG X CD  1 
ATOM   116  N NE  . ARG A 1 14  ? 9.716   -1.762  -14.101 1.00 22.17 ? 14  ARG X NE  1 
ATOM   117  C CZ  . ARG A 1 14  ? 9.224   -1.057  -15.121 1.00 22.86 ? 14  ARG X CZ  1 
ATOM   118  N NH1 . ARG A 1 14  ? 8.045   -0.457  -15.016 1.00 22.93 ? 14  ARG X NH1 1 
ATOM   119  N NH2 . ARG A 1 14  ? 9.915   -0.950  -16.250 1.00 23.00 ? 14  ARG X NH2 1 
ATOM   120  N N   . LEU A 1 15  ? 14.283  -2.167  -10.292 1.00 17.90 ? 15  LEU X N   1 
ATOM   121  C CA  . LEU A 1 15  ? 15.483  -1.549  -9.741  1.00 17.97 ? 15  LEU X CA  1 
ATOM   122  C C   . LEU A 1 15  ? 15.846  -0.215  -10.394 1.00 17.96 ? 15  LEU X C   1 
ATOM   123  O O   . LEU A 1 15  ? 16.801  0.441   -9.982  1.00 18.22 ? 15  LEU X O   1 
ATOM   124  C CB  . LEU A 1 15  ? 16.666  -2.532  -9.779  1.00 17.78 ? 15  LEU X CB  1 
ATOM   125  C CG  . LEU A 1 15  ? 16.531  -3.819  -8.950  1.00 17.62 ? 15  LEU X CG  1 
ATOM   126  C CD1 . LEU A 1 15  ? 17.802  -4.668  -9.031  1.00 16.59 ? 15  LEU X CD1 1 
ATOM   127  C CD2 . LEU A 1 15  ? 16.165  -3.529  -7.496  1.00 17.22 ? 15  LEU X CD2 1 
ATOM   128  N N   . LYS A 1 16  ? 15.077  0.176   -11.407 1.00 17.93 ? 16  LYS X N   1 
ATOM   129  C CA  . LYS A 1 16  ? 15.235  1.471   -12.062 1.00 17.95 ? 16  LYS X CA  1 
ATOM   130  C C   . LYS A 1 16  ? 13.978  2.303   -11.853 1.00 17.89 ? 16  LYS X C   1 
ATOM   131  O O   . LYS A 1 16  ? 12.895  1.751   -11.659 1.00 17.88 ? 16  LYS X O   1 
ATOM   132  C CB  . LYS A 1 16  ? 15.507  1.296   -13.560 1.00 17.97 ? 16  LYS X CB  1 
ATOM   133  C CG  . LYS A 1 16  ? 16.894  0.740   -13.875 1.00 18.51 ? 16  LYS X CG  1 
ATOM   134  N N   . ILE A 1 17  ? 14.127  3.627   -11.895 1.00 17.80 ? 17  ILE X N   1 
ATOM   135  C CA  . ILE A 1 17  ? 12.991  4.534   -11.725 1.00 17.71 ? 17  ILE X CA  1 
ATOM   136  C C   . ILE A 1 17  ? 11.937  4.281   -12.803 1.00 17.72 ? 17  ILE X C   1 
ATOM   137  O O   . ILE A 1 17  ? 12.232  4.297   -14.003 1.00 17.76 ? 17  ILE X O   1 
ATOM   138  C CB  . ILE A 1 17  ? 13.415  6.032   -11.738 1.00 17.68 ? 17  ILE X CB  1 
ATOM   139  C CG1 . ILE A 1 17  ? 14.294  6.361   -10.526 1.00 17.58 ? 17  ILE X CG1 1 
ATOM   140  C CG2 . ILE A 1 17  ? 12.183  6.946   -11.777 1.00 17.22 ? 17  ILE X CG2 1 
ATOM   141  C CD1 . ILE A 1 17  ? 14.791  7.807   -10.486 1.00 16.99 ? 17  ILE X CD1 1 
ATOM   142  N N   . TYR A 1 18  ? 10.711  4.035   -12.354 1.00 17.60 ? 18  TYR X N   1 
ATOM   143  C CA  . TYR A 1 18  ? 9.575   3.825   -13.243 1.00 17.64 ? 18  TYR X CA  1 
ATOM   144  C C   . TYR A 1 18  ? 8.396   4.667   -12.766 1.00 17.23 ? 18  TYR X C   1 
ATOM   145  O O   . TYR A 1 18  ? 8.427   5.223   -11.671 1.00 17.16 ? 18  TYR X O   1 
ATOM   146  C CB  . TYR A 1 18  ? 9.206   2.336   -13.296 1.00 17.58 ? 18  TYR X CB  1 
ATOM   147  C CG  . TYR A 1 18  ? 8.677   1.765   -11.993 1.00 18.29 ? 18  TYR X CG  1 
ATOM   148  C CD1 . TYR A 1 18  ? 9.547   1.394   -10.961 1.00 18.97 ? 18  TYR X CD1 1 
ATOM   149  C CD2 . TYR A 1 18  ? 7.304   1.583   -11.794 1.00 18.81 ? 18  TYR X CD2 1 
ATOM   150  C CE1 . TYR A 1 18  ? 9.059   0.861   -9.762  1.00 19.00 ? 18  TYR X CE1 1 
ATOM   151  C CE2 . TYR A 1 18  ? 6.807   1.059   -10.597 1.00 19.16 ? 18  TYR X CE2 1 
ATOM   152  C CZ  . TYR A 1 18  ? 7.689   0.697   -9.591  1.00 19.44 ? 18  TYR X CZ  1 
ATOM   153  O OH  . TYR A 1 18  ? 7.202   0.174   -8.415  1.00 20.15 ? 18  TYR X OH  1 
ATOM   154  N N   . LYS A 1 19  ? 7.366   4.778   -13.596 1.00 17.13 ? 19  LYS X N   1 
ATOM   155  C CA  . LYS A 1 19  ? 6.140   5.444   -13.184 1.00 16.96 ? 19  LYS X CA  1 
ATOM   156  C C   . LYS A 1 19  ? 5.130   4.412   -12.692 1.00 16.84 ? 19  LYS X C   1 
ATOM   157  O O   . LYS A 1 19  ? 4.940   3.369   -13.322 1.00 16.84 ? 19  LYS X O   1 
ATOM   158  C CB  . LYS A 1 19  ? 5.558   6.278   -14.327 1.00 16.92 ? 19  LYS X CB  1 
ATOM   159  C CG  . LYS A 1 19  ? 6.427   7.456   -14.737 1.00 17.06 ? 19  LYS X CG  1 
ATOM   160  C CD  . LYS A 1 19  ? 5.794   8.223   -15.882 1.00 17.39 ? 19  LYS X CD  1 
ATOM   161  C CE  . LYS A 1 19  ? 6.638   9.411   -16.296 1.00 16.47 ? 19  LYS X CE  1 
ATOM   162  N NZ  . LYS A 1 19  ? 5.942   10.212  -17.338 1.00 16.48 ? 19  LYS X NZ  1 
ATOM   163  N N   . ASP A 1 20  ? 4.499   4.697   -11.556 1.00 16.78 ? 20  ASP X N   1 
ATOM   164  C CA  . ASP A 1 20  ? 3.463   3.821   -11.013 1.00 16.70 ? 20  ASP X CA  1 
ATOM   165  C C   . ASP A 1 20  ? 2.162   3.915   -11.830 1.00 16.70 ? 20  ASP X C   1 
ATOM   166  O O   . ASP A 1 20  ? 2.141   4.502   -12.921 1.00 16.68 ? 20  ASP X O   1 
ATOM   167  C CB  . ASP A 1 20  ? 3.232   4.085   -9.511  1.00 16.72 ? 20  ASP X CB  1 
ATOM   168  C CG  . ASP A 1 20  ? 2.650   5.472   -9.215  1.00 16.79 ? 20  ASP X CG  1 
ATOM   169  O OD1 . ASP A 1 20  ? 2.173   6.172   -10.135 1.00 16.54 ? 20  ASP X OD1 1 
ATOM   170  O OD2 . ASP A 1 20  ? 2.661   5.864   -8.029  1.00 17.44 ? 20  ASP X OD2 1 
ATOM   171  N N   . THR A 1 21  ? 1.088   3.335   -11.295 1.00 16.54 ? 21  THR X N   1 
ATOM   172  C CA  . THR A 1 21  ? -0.206  3.277   -11.980 1.00 16.53 ? 21  THR X CA  1 
ATOM   173  C C   . THR A 1 21  ? -0.824  4.665   -12.195 1.00 16.49 ? 21  THR X C   1 
ATOM   174  O O   . THR A 1 21  ? -1.661  4.851   -13.082 1.00 16.35 ? 21  THR X O   1 
ATOM   175  C CB  . THR A 1 21  ? -1.204  2.383   -11.220 1.00 16.47 ? 21  THR X CB  1 
ATOM   176  O OG1 . THR A 1 21  ? -1.510  2.976   -9.954  1.00 16.78 ? 21  THR X OG1 1 
ATOM   177  C CG2 . THR A 1 21  ? -0.628  0.975   -10.998 1.00 16.56 ? 21  THR X CG2 1 
ATOM   178  N N   . GLU A 1 22  ? -0.394  5.630   -11.386 1.00 16.53 ? 22  GLU X N   1 
ATOM   179  C CA  . GLU A 1 22  ? -0.891  7.002   -11.462 1.00 16.61 ? 22  GLU X CA  1 
ATOM   180  C C   . GLU A 1 22  ? 0.011   7.895   -12.321 1.00 16.54 ? 22  GLU X C   1 
ATOM   181  O O   . GLU A 1 22  ? -0.324  9.049   -12.598 1.00 16.59 ? 22  GLU X O   1 
ATOM   182  C CB  . GLU A 1 22  ? -1.047  7.592   -10.055 1.00 16.59 ? 22  GLU X CB  1 
ATOM   183  C CG  . GLU A 1 22  ? -2.091  6.895   -9.173  1.00 17.54 ? 22  GLU X CG  1 
ATOM   184  C CD  . GLU A 1 22  ? -3.528  7.093   -9.652  1.00 19.01 ? 22  GLU X CD  1 
ATOM   185  O OE1 . GLU A 1 22  ? -3.804  8.078   -10.372 1.00 19.98 ? 22  GLU X OE1 1 
ATOM   186  O OE2 . GLU A 1 22  ? -4.394  6.263   -9.293  1.00 19.68 ? 22  GLU X OE2 1 
ATOM   187  N N   . GLY A 1 23  ? 1.149   7.348   -12.741 1.00 16.42 ? 23  GLY X N   1 
ATOM   188  C CA  . GLY A 1 23  ? 2.124   8.087   -13.535 1.00 16.37 ? 23  GLY X CA  1 
ATOM   189  C C   . GLY A 1 23  ? 3.187   8.779   -12.700 1.00 16.36 ? 23  GLY X C   1 
ATOM   190  O O   . GLY A 1 23  ? 3.891   9.660   -13.195 1.00 16.44 ? 23  GLY X O   1 
ATOM   191  N N   . TYR A 1 24  ? 3.316   8.374   -11.438 1.00 16.36 ? 24  TYR X N   1 
ATOM   192  C CA  . TYR A 1 24  ? 4.271   9.002   -10.527 1.00 16.40 ? 24  TYR X CA  1 
ATOM   193  C C   . TYR A 1 24  ? 5.564   8.213   -10.418 1.00 16.14 ? 24  TYR X C   1 
ATOM   194  O O   . TYR A 1 24  ? 5.540   6.984   -10.306 1.00 16.16 ? 24  TYR X O   1 
ATOM   195  C CB  . TYR A 1 24  ? 3.669   9.184   -9.135  1.00 16.75 ? 24  TYR X CB  1 
ATOM   196  C CG  . TYR A 1 24  ? 2.429   10.050  -9.074  1.00 17.97 ? 24  TYR X CG  1 
ATOM   197  C CD1 . TYR A 1 24  ? 2.343   11.244  -9.796  1.00 19.28 ? 24  TYR X CD1 1 
ATOM   198  C CD2 . TYR A 1 24  ? 1.349   9.686   -8.274  1.00 18.99 ? 24  TYR X CD2 1 
ATOM   199  C CE1 . TYR A 1 24  ? 1.196   12.045  -9.731  1.00 19.90 ? 24  TYR X CE1 1 
ATOM   200  C CE2 . TYR A 1 24  ? 0.203   10.480  -8.199  1.00 19.96 ? 24  TYR X CE2 1 
ATOM   201  C CZ  . TYR A 1 24  ? 0.133   11.654  -8.930  1.00 20.63 ? 24  TYR X CZ  1 
ATOM   202  O OH  . TYR A 1 24  ? -1.002  12.441  -8.854  1.00 21.25 ? 24  TYR X OH  1 
ATOM   203  N N   . TYR A 1 25  ? 6.686   8.930   -10.443 1.00 15.90 ? 25  TYR X N   1 
ATOM   204  C CA  . TYR A 1 25  ? 8.008   8.315   -10.352 1.00 15.60 ? 25  TYR X CA  1 
ATOM   205  C C   . TYR A 1 25  ? 8.169   7.486   -9.081  1.00 15.42 ? 25  TYR X C   1 
ATOM   206  O O   . TYR A 1 25  ? 7.916   7.961   -7.969  1.00 15.12 ? 25  TYR X O   1 
ATOM   207  C CB  . TYR A 1 25  ? 9.115   9.360   -10.461 1.00 15.53 ? 25  TYR X CB  1 
ATOM   208  C CG  . TYR A 1 25  ? 9.249   9.976   -11.834 1.00 16.04 ? 25  TYR X CG  1 
ATOM   209  C CD1 . TYR A 1 25  ? 9.556   9.192   -12.951 1.00 16.69 ? 25  TYR X CD1 1 
ATOM   210  C CD2 . TYR A 1 25  ? 9.078   11.346  -12.019 1.00 16.18 ? 25  TYR X CD2 1 
ATOM   211  C CE1 . TYR A 1 25  ? 9.680   9.764   -14.217 1.00 16.02 ? 25  TYR X CE1 1 
ATOM   212  C CE2 . TYR A 1 25  ? 9.196   11.920  -13.274 1.00 15.61 ? 25  TYR X CE2 1 
ATOM   213  C CZ  . TYR A 1 25  ? 9.502   11.128  -14.365 1.00 16.54 ? 25  TYR X CZ  1 
ATOM   214  O OH  . TYR A 1 25  ? 9.625   11.706  -15.606 1.00 17.27 ? 25  TYR X OH  1 
ATOM   215  N N   . THR A 1 26  ? 8.601   6.246   -9.283  1.00 15.31 ? 26  THR X N   1 
ATOM   216  C CA  . THR A 1 26  ? 8.627   5.214   -8.255  1.00 15.26 ? 26  THR X CA  1 
ATOM   217  C C   . THR A 1 26  ? 9.869   4.345   -8.485  1.00 15.39 ? 26  THR X C   1 
ATOM   218  O O   . THR A 1 26  ? 10.455  4.365   -9.575  1.00 15.43 ? 26  THR X O   1 
ATOM   219  C CB  . THR A 1 26  ? 7.314   4.370   -8.326  1.00 15.23 ? 26  THR X CB  1 
ATOM   220  O OG1 . THR A 1 26  ? 6.181   5.245   -8.233  1.00 14.92 ? 26  THR X OG1 1 
ATOM   221  C CG2 . THR A 1 26  ? 7.223   3.341   -7.210  1.00 14.60 ? 26  THR X CG2 1 
ATOM   222  N N   . ILE A 1 27  ? 10.288  3.613   -7.454  1.00 15.28 ? 27  ILE X N   1 
ATOM   223  C CA  . ILE A 1 27  ? 11.379  2.639   -7.577  1.00 15.18 ? 27  ILE X CA  1 
ATOM   224  C C   . ILE A 1 27  ? 11.197  1.475   -6.593  1.00 14.90 ? 27  ILE X C   1 
ATOM   225  O O   . ILE A 1 27  ? 10.470  1.594   -5.602  1.00 15.04 ? 27  ILE X O   1 
ATOM   226  C CB  . ILE A 1 27  ? 12.778  3.303   -7.400  1.00 15.19 ? 27  ILE X CB  1 
ATOM   227  C CG1 . ILE A 1 27  ? 13.881  2.413   -7.998  1.00 15.43 ? 27  ILE X CG1 1 
ATOM   228  C CG2 . ILE A 1 27  ? 13.040  3.647   -5.929  1.00 15.46 ? 27  ILE X CG2 1 
ATOM   229  C CD1 . ILE A 1 27  ? 15.104  3.165   -8.490  1.00 14.80 ? 27  ILE X CD1 1 
ATOM   230  N N   . GLY A 1 28  ? 11.859  0.357   -6.882  1.00 14.74 ? 28  GLY X N   1 
ATOM   231  C CA  . GLY A 1 28  ? 11.891  -0.796  -5.984  1.00 14.30 ? 28  GLY X CA  1 
ATOM   232  C C   . GLY A 1 28  ? 10.542  -1.468  -5.866  1.00 14.07 ? 28  GLY X C   1 
ATOM   233  O O   . GLY A 1 28  ? 9.914   -1.805  -6.873  1.00 13.77 ? 28  GLY X O   1 
ATOM   234  N N   . ILE A 1 29  ? 10.102  -1.656  -4.626  1.00 13.92 ? 29  ILE X N   1 
ATOM   235  C CA  . ILE A 1 29  ? 8.825   -2.299  -4.339  1.00 14.00 ? 29  ILE X CA  1 
ATOM   236  C C   . ILE A 1 29  ? 7.784   -1.227  -3.967  1.00 14.14 ? 29  ILE X C   1 
ATOM   237  O O   . ILE A 1 29  ? 7.450   -1.035  -2.798  1.00 14.10 ? 29  ILE X O   1 
ATOM   238  C CB  . ILE A 1 29  ? 8.968   -3.403  -3.247  1.00 14.04 ? 29  ILE X CB  1 
ATOM   239  C CG1 . ILE A 1 29  ? 10.151  -4.328  -3.577  1.00 14.11 ? 29  ILE X CG1 1 
ATOM   240  C CG2 . ILE A 1 29  ? 7.660   -4.209  -3.100  1.00 13.62 ? 29  ILE X CG2 1 
ATOM   241  C CD1 . ILE A 1 29  ? 10.658  -5.163  -2.400  1.00 14.16 ? 29  ILE X CD1 1 
ATOM   242  N N   . GLY A 1 30  ? 7.307   -0.517  -4.988  1.00 14.20 ? 30  GLY X N   1 
ATOM   243  C CA  . GLY A 1 30  ? 6.281   0.516   -4.825  1.00 14.58 ? 30  GLY X CA  1 
ATOM   244  C C   . GLY A 1 30  ? 6.673   1.699   -3.957  1.00 14.74 ? 30  GLY X C   1 
ATOM   245  O O   . GLY A 1 30  ? 5.816   2.317   -3.326  1.00 14.97 ? 30  GLY X O   1 
ATOM   246  N N   . HIS A 1 31  ? 7.962   2.018   -3.911  1.00 14.79 ? 31  HIS X N   1 
ATOM   247  C CA  . HIS A 1 31  ? 8.398   3.194   -3.166  1.00 15.12 ? 31  HIS X CA  1 
ATOM   248  C C   . HIS A 1 31  ? 8.212   4.459   -4.000  1.00 15.22 ? 31  HIS X C   1 
ATOM   249  O O   . HIS A 1 31  ? 9.015   4.747   -4.892  1.00 14.84 ? 31  HIS X O   1 
ATOM   250  C CB  . HIS A 1 31  ? 9.854   3.078   -2.710  1.00 14.83 ? 31  HIS X CB  1 
ATOM   251  C CG  . HIS A 1 31  ? 10.351  4.303   -2.004  1.00 15.13 ? 31  HIS X CG  1 
ATOM   252  N ND1 . HIS A 1 31  ? 10.122  4.532   -0.665  1.00 15.00 ? 31  HIS X ND1 1 
ATOM   253  C CD2 . HIS A 1 31  ? 11.035  5.382   -2.458  1.00 14.95 ? 31  HIS X CD2 1 
ATOM   254  C CE1 . HIS A 1 31  ? 10.652  5.693   -0.321  1.00 15.32 ? 31  HIS X CE1 1 
ATOM   255  N NE2 . HIS A 1 31  ? 11.217  6.226   -1.390  1.00 15.39 ? 31  HIS X NE2 1 
ATOM   256  N N   . LEU A 1 32  ? 7.146   5.201   -3.702  1.00 15.82 ? 32  LEU X N   1 
ATOM   257  C CA  . LEU A 1 32  ? 6.882   6.483   -4.349  1.00 16.41 ? 32  LEU X CA  1 
ATOM   258  C C   . LEU A 1 32  ? 8.009   7.470   -4.056  1.00 16.85 ? 32  LEU X C   1 
ATOM   259  O O   . LEU A 1 32  ? 8.351   7.718   -2.896  1.00 16.52 ? 32  LEU X O   1 
ATOM   260  C CB  . LEU A 1 32  ? 5.540   7.066   -3.888  1.00 16.58 ? 32  LEU X CB  1 
ATOM   261  C CG  . LEU A 1 32  ? 5.124   8.428   -4.470  1.00 16.63 ? 32  LEU X CG  1 
ATOM   262  C CD1 . LEU A 1 32  ? 4.851   8.327   -5.960  1.00 15.90 ? 32  LEU X CD1 1 
ATOM   263  C CD2 . LEU A 1 32  ? 3.908   8.992   -3.743  1.00 16.91 ? 32  LEU X CD2 1 
ATOM   264  N N   . LEU A 1 33  ? 8.590   8.018   -5.118  1.00 17.29 ? 33  LEU X N   1 
ATOM   265  C CA  . LEU A 1 33  ? 9.662   8.998   -4.979  1.00 18.13 ? 33  LEU X CA  1 
ATOM   266  C C   . LEU A 1 33  ? 9.110   10.420  -4.883  1.00 18.70 ? 33  LEU X C   1 
ATOM   267  O O   . LEU A 1 33  ? 9.531   11.201  -4.025  1.00 18.87 ? 33  LEU X O   1 
ATOM   268  C CB  . LEU A 1 33  ? 10.646  8.877   -6.144  1.00 17.99 ? 33  LEU X CB  1 
ATOM   269  C CG  . LEU A 1 33  ? 11.476  7.591   -6.199  1.00 18.11 ? 33  LEU X CG  1 
ATOM   270  C CD1 . LEU A 1 33  ? 12.183  7.498   -7.534  1.00 17.64 ? 33  LEU X CD1 1 
ATOM   271  C CD2 . LEU A 1 33  ? 12.481  7.530   -5.039  1.00 17.95 ? 33  LEU X CD2 1 
ATOM   272  N N   . THR A 1 34  ? 8.163   10.741  -5.766  1.00 19.23 ? 34  THR X N   1 
ATOM   273  C CA  . THR A 1 34  ? 7.552   12.065  -5.831  1.00 19.94 ? 34  THR X CA  1 
ATOM   274  C C   . THR A 1 34  ? 6.315   12.036  -6.723  1.00 20.52 ? 34  THR X C   1 
ATOM   275  O O   . THR A 1 34  ? 6.168   11.150  -7.572  1.00 20.70 ? 34  THR X O   1 
ATOM   276  C CB  . THR A 1 34  ? 8.557   13.140  -6.356  1.00 19.94 ? 34  THR X CB  1 
ATOM   277  O OG1 . THR A 1 34  ? 7.962   14.443  -6.282  1.00 19.79 ? 34  THR X OG1 1 
ATOM   278  C CG2 . THR A 1 34  ? 8.980   12.851  -7.800  1.00 19.36 ? 34  THR X CG2 1 
ATOM   279  N N   . LYS A 1 35  ? 5.428   13.006  -6.521  1.00 21.19 ? 35  LYS X N   1 
ATOM   280  C CA  . LYS A 1 35  ? 4.292   13.222  -7.414  1.00 21.75 ? 35  LYS X CA  1 
ATOM   281  C C   . LYS A 1 35  ? 4.632   14.265  -8.483  1.00 22.01 ? 35  LYS X C   1 
ATOM   282  O O   . LYS A 1 35  ? 3.808   14.578  -9.347  1.00 22.09 ? 35  LYS X O   1 
ATOM   283  C CB  . LYS A 1 35  ? 3.044   13.633  -6.623  1.00 21.83 ? 35  LYS X CB  1 
ATOM   284  C CG  . LYS A 1 35  ? 2.455   12.509  -5.775  1.00 22.56 ? 35  LYS X CG  1 
ATOM   285  C CD  . LYS A 1 35  ? 1.068   12.874  -5.254  1.00 23.44 ? 35  LYS X CD  1 
ATOM   286  C CE  . LYS A 1 35  ? 0.493   11.750  -4.394  1.00 24.61 ? 35  LYS X CE  1 
ATOM   287  N N   . SER A 1 36  ? 5.857   14.785  -8.420  1.00 22.21 ? 36  SER X N   1 
ATOM   288  C CA  . SER A 1 36  ? 6.347   15.782  -9.372  1.00 22.55 ? 36  SER X CA  1 
ATOM   289  C C   . SER A 1 36  ? 6.621   15.173  -10.744 1.00 22.64 ? 36  SER X C   1 
ATOM   290  O O   . SER A 1 36  ? 7.167   14.067  -10.833 1.00 22.81 ? 36  SER X O   1 
ATOM   291  C CB  . SER A 1 36  ? 7.617   16.446  -8.834  1.00 22.49 ? 36  SER X CB  1 
ATOM   292  O OG  . SER A 1 36  ? 8.253   17.219  -9.831  1.00 22.57 ? 36  SER X OG  1 
ATOM   293  N N   . PRO A 1 37  ? 6.236   15.889  -11.824 1.00 22.77 ? 37  PRO X N   1 
ATOM   294  C CA  . PRO A 1 37  ? 6.528   15.426  -13.182 1.00 22.80 ? 37  PRO X CA  1 
ATOM   295  C C   . PRO A 1 37  ? 7.998   15.579  -13.594 1.00 22.66 ? 37  PRO X C   1 
ATOM   296  O O   . PRO A 1 37  ? 8.345   15.291  -14.736 1.00 22.79 ? 37  PRO X O   1 
ATOM   297  C CB  . PRO A 1 37  ? 5.621   16.303  -14.054 1.00 22.87 ? 37  PRO X CB  1 
ATOM   298  C CG  . PRO A 1 37  ? 5.439   17.548  -13.271 1.00 23.11 ? 37  PRO X CG  1 
ATOM   299  C CD  . PRO A 1 37  ? 5.477   17.155  -11.823 1.00 22.70 ? 37  PRO X CD  1 
ATOM   300  N N   . SER A 1 38  ? 8.852   16.007  -12.667 1.00 22.64 ? 38  SER X N   1 
ATOM   301  C CA  . SER A 1 38  ? 10.278  16.184  -12.947 1.00 22.57 ? 38  SER X CA  1 
ATOM   302  C C   . SER A 1 38  ? 11.086  14.935  -12.584 1.00 22.55 ? 38  SER X C   1 
ATOM   303  O O   . SER A 1 38  ? 11.076  14.495  -11.430 1.00 22.68 ? 38  SER X O   1 
ATOM   304  C CB  . SER A 1 38  ? 10.813  17.407  -12.197 1.00 22.59 ? 38  SER X CB  1 
ATOM   305  O OG  . SER A 1 38  ? 12.225  17.485  -12.273 1.00 22.70 ? 38  SER X OG  1 
ATOM   306  N N   . LEU A 1 39  ? 11.779  14.367  -13.571 1.00 22.26 ? 39  LEU X N   1 
ATOM   307  C CA  . LEU A 1 39  ? 12.616  13.186  -13.346 1.00 22.22 ? 39  LEU X CA  1 
ATOM   308  C C   . LEU A 1 39  ? 13.826  13.496  -12.463 1.00 22.16 ? 39  LEU X C   1 
ATOM   309  O O   . LEU A 1 39  ? 14.227  12.667  -11.640 1.00 21.94 ? 39  LEU X O   1 
ATOM   310  C CB  . LEU A 1 39  ? 13.054  12.556  -14.677 1.00 22.41 ? 39  LEU X CB  1 
ATOM   311  C CG  . LEU A 1 39  ? 13.992  11.331  -14.675 1.00 22.33 ? 39  LEU X CG  1 
ATOM   312  C CD1 . LEU A 1 39  ? 13.397  10.130  -13.944 1.00 22.48 ? 39  LEU X CD1 1 
ATOM   313  C CD2 . LEU A 1 39  ? 14.362  10.948  -16.099 1.00 23.16 ? 39  LEU X CD2 1 
ATOM   314  N N   . ASN A 1 40  ? 14.402  14.687  -12.642 1.00 22.04 ? 40  ASN X N   1 
ATOM   315  C CA  . ASN A 1 40  ? 15.508  15.148  -11.810 1.00 22.25 ? 40  ASN X CA  1 
ATOM   316  C C   . ASN A 1 40  ? 15.104  15.282  -10.337 1.00 22.00 ? 40  ASN X C   1 
ATOM   317  O O   . ASN A 1 40  ? 15.895  14.979  -9.442  1.00 22.22 ? 40  ASN X O   1 
ATOM   318  C CB  . ASN A 1 40  ? 16.069  16.474  -12.336 1.00 22.61 ? 40  ASN X CB  1 
ATOM   319  C CG  . ASN A 1 40  ? 17.054  16.288  -13.479 1.00 23.44 ? 40  ASN X CG  1 
ATOM   320  O OD1 . ASN A 1 40  ? 17.645  15.218  -13.649 1.00 25.58 ? 40  ASN X OD1 1 
ATOM   321  N ND2 . ASN A 1 40  ? 17.245  17.342  -14.263 1.00 24.91 ? 40  ASN X ND2 1 
ATOM   322  N N   . ALA A 1 41  ? 13.872  15.727  -10.101 1.00 21.60 ? 41  ALA X N   1 
ATOM   323  C CA  . ALA A 1 41  ? 13.313  15.813  -8.751  1.00 21.49 ? 41  ALA X CA  1 
ATOM   324  C C   . ALA A 1 41  ? 13.186  14.430  -8.106  1.00 21.15 ? 41  ALA X C   1 
ATOM   325  O O   . ALA A 1 41  ? 13.446  14.269  -6.909  1.00 21.15 ? 41  ALA X O   1 
ATOM   326  C CB  . ALA A 1 41  ? 11.966  16.520  -8.772  1.00 21.12 ? 41  ALA X CB  1 
ATOM   327  N N   . ALA A 1 42  ? 12.796  13.443  -8.911  1.00 20.78 ? 42  ALA X N   1 
ATOM   328  C CA  . ALA A 1 42  ? 12.664  12.058  -8.462  1.00 20.37 ? 42  ALA X CA  1 
ATOM   329  C C   . ALA A 1 42  ? 14.021  11.437  -8.133  1.00 20.03 ? 42  ALA X C   1 
ATOM   330  O O   . ALA A 1 42  ? 14.164  10.748  -7.117  1.00 19.74 ? 42  ALA X O   1 
ATOM   331  C CB  . ALA A 1 42  ? 11.939  11.232  -9.513  1.00 20.44 ? 42  ALA X CB  1 
ATOM   332  N N   . LYS A 1 43  ? 15.011  11.691  -8.992  1.00 19.83 ? 43  LYS X N   1 
ATOM   333  C CA  . LYS A 1 43  ? 16.385  11.228  -8.774  1.00 19.82 ? 43  LYS X CA  1 
ATOM   334  C C   . LYS A 1 43  ? 16.981  11.829  -7.501  1.00 19.62 ? 43  LYS X C   1 
ATOM   335  O O   . LYS A 1 43  ? 17.714  11.160  -6.776  1.00 19.51 ? 43  LYS X O   1 
ATOM   336  C CB  . LYS A 1 43  ? 17.271  11.554  -9.980  1.00 20.04 ? 43  LYS X CB  1 
ATOM   337  C CG  . LYS A 1 43  ? 16.971  10.727  -11.218 1.00 20.72 ? 43  LYS X CG  1 
ATOM   338  C CD  . LYS A 1 43  ? 17.895  11.096  -12.369 1.00 22.29 ? 43  LYS X CD  1 
ATOM   339  C CE  . LYS A 1 43  ? 17.676  10.182  -13.569 1.00 23.15 ? 43  LYS X CE  1 
ATOM   340  N NZ  . LYS A 1 43  ? 18.577  10.538  -14.706 1.00 24.03 ? 43  LYS X NZ  1 
ATOM   341  N N   . SER A 1 44  ? 16.648  13.090  -7.239  1.00 19.50 ? 44  SER X N   1 
ATOM   342  C CA  . SER A 1 44  ? 17.034  13.769  -6.007  1.00 19.56 ? 44  SER X CA  1 
ATOM   343  C C   . SER A 1 44  ? 16.439  13.069  -4.779  1.00 19.28 ? 44  SER X C   1 
ATOM   344  O O   . SER A 1 44  ? 17.136  12.846  -3.783  1.00 19.23 ? 44  SER X O   1 
ATOM   345  C CB  . SER A 1 44  ? 16.591  15.233  -6.057  1.00 19.53 ? 44  SER X CB  1 
ATOM   346  O OG  . SER A 1 44  ? 16.991  15.930  -4.892  1.00 20.70 ? 44  SER X OG  1 
ATOM   347  N N   . GLU A 1 45  ? 15.154  12.723  -4.867  1.00 19.06 ? 45  GLU X N   1 
ATOM   348  C CA  . GLU A 1 45  ? 14.442  12.034  -3.789  1.00 18.89 ? 45  GLU X CA  1 
ATOM   349  C C   . GLU A 1 45  ? 15.037  10.652  -3.540  1.00 18.62 ? 45  GLU X C   1 
ATOM   350  O O   . GLU A 1 45  ? 15.156  10.218  -2.390  1.00 18.59 ? 45  GLU X O   1 
ATOM   351  C CB  . GLU A 1 45  ? 12.945  11.912  -4.104  1.00 18.71 ? 45  GLU X CB  1 
ATOM   352  C CG  . GLU A 1 45  ? 12.160  13.215  -4.022  1.00 19.63 ? 45  GLU X CG  1 
ATOM   353  C CD  . GLU A 1 45  ? 12.142  13.819  -2.623  1.00 20.43 ? 45  GLU X CD  1 
ATOM   354  O OE1 . GLU A 1 45  ? 11.804  13.114  -1.650  1.00 22.23 ? 45  GLU X OE1 1 
ATOM   355  O OE2 . GLU A 1 45  ? 12.458  15.012  -2.496  1.00 21.56 ? 45  GLU X OE2 1 
ATOM   356  N N   . LEU A 1 46  ? 15.415  9.981   -4.626  1.00 18.39 ? 46  LEU X N   1 
ATOM   357  C CA  . LEU A 1 46  ? 16.033  8.662   -4.560  1.00 18.39 ? 46  LEU X CA  1 
ATOM   358  C C   . LEU A 1 46  ? 17.387  8.709   -3.859  1.00 18.36 ? 46  LEU X C   1 
ATOM   359  O O   . LEU A 1 46  ? 17.657  7.892   -2.981  1.00 18.41 ? 46  LEU X O   1 
ATOM   360  C CB  . LEU A 1 46  ? 16.173  8.051   -5.959  1.00 18.17 ? 46  LEU X CB  1 
ATOM   361  C CG  . LEU A 1 46  ? 16.758  6.635   -6.054  1.00 18.22 ? 46  LEU X CG  1 
ATOM   362  C CD1 . LEU A 1 46  ? 15.999  5.644   -5.174  1.00 17.70 ? 46  LEU X CD1 1 
ATOM   363  C CD2 . LEU A 1 46  ? 16.767  6.167   -7.497  1.00 17.59 ? 46  LEU X CD2 1 
ATOM   364  N N   . ASP A 1 47  ? 18.226  9.667   -4.249  1.00 18.32 ? 47  ASP X N   1 
ATOM   365  C CA  . ASP A 1 47  ? 19.539  9.845   -3.639  1.00 18.28 ? 47  ASP X CA  1 
ATOM   366  C C   . ASP A 1 47  ? 19.423  10.140  -2.151  1.00 18.49 ? 47  ASP X C   1 
ATOM   367  O O   . ASP A 1 47  ? 20.199  9.619   -1.347  1.00 18.48 ? 47  ASP X O   1 
ATOM   368  C CB  . ASP A 1 47  ? 20.311  10.965  -4.339  1.00 18.31 ? 47  ASP X CB  1 
ATOM   369  C CG  . ASP A 1 47  ? 20.680  10.620  -5.771  1.00 18.30 ? 47  ASP X CG  1 
ATOM   370  O OD1 . ASP A 1 47  ? 20.517  9.450   -6.181  1.00 18.41 ? 47  ASP X OD1 1 
ATOM   371  O OD2 . ASP A 1 47  ? 21.137  11.529  -6.486  1.00 18.58 ? 47  ASP X OD2 1 
ATOM   372  N N   . LYS A 1 48  ? 18.442  10.974  -1.805  1.00 18.56 ? 48  LYS X N   1 
ATOM   373  C CA  . LYS A 1 48  ? 18.125  11.330  -0.424  1.00 18.81 ? 48  LYS X CA  1 
ATOM   374  C C   . LYS A 1 48  ? 17.716  10.099  0.397   1.00 18.89 ? 48  LYS X C   1 
ATOM   375  O O   . LYS A 1 48  ? 18.205  9.899   1.511   1.00 18.99 ? 48  LYS X O   1 
ATOM   376  C CB  . LYS A 1 48  ? 17.021  12.394  -0.422  1.00 18.66 ? 48  LYS X CB  1 
ATOM   377  C CG  . LYS A 1 48  ? 16.583  12.902  0.942   1.00 19.12 ? 48  LYS X CG  1 
ATOM   378  C CD  . LYS A 1 48  ? 15.809  14.218  0.829   1.00 18.52 ? 48  LYS X CD  1 
ATOM   379  C CE  . LYS A 1 48  ? 14.528  14.096  0.023   1.00 18.78 ? 48  LYS X CE  1 
ATOM   380  N NZ  . LYS A 1 48  ? 13.398  13.568  0.820   1.00 18.46 ? 48  LYS X NZ  1 
ATOM   381  N N   . ALA A 1 49  ? 16.840  9.274   -0.174  1.00 19.15 ? 49  ALA X N   1 
ATOM   382  C CA  . ALA A 1 49  ? 16.360  8.053   0.477   1.00 19.59 ? 49  ALA X CA  1 
ATOM   383  C C   . ALA A 1 49  ? 17.452  6.989   0.651   1.00 19.78 ? 49  ALA X C   1 
ATOM   384  O O   . ALA A 1 49  ? 17.510  6.325   1.688   1.00 19.92 ? 49  ALA X O   1 
ATOM   385  C CB  . ALA A 1 49  ? 15.157  7.481   -0.273  1.00 19.40 ? 49  ALA X CB  1 
ATOM   386  N N   . ILE A 1 50  ? 18.314  6.841   -0.354  1.00 20.14 ? 50  ILE X N   1 
ATOM   387  C CA  . ILE A 1 50  ? 19.379  5.828   -0.344  1.00 20.74 ? 50  ILE X CA  1 
ATOM   388  C C   . ILE A 1 50  ? 20.673  6.281   0.357   1.00 20.93 ? 50  ILE X C   1 
ATOM   389  O O   . ILE A 1 50  ? 21.395  5.461   0.933   1.00 20.93 ? 50  ILE X O   1 
ATOM   390  C CB  . ILE A 1 50  ? 19.694  5.321   -1.787  1.00 20.70 ? 50  ILE X CB  1 
ATOM   391  C CG1 . ILE A 1 50  ? 18.433  4.751   -2.455  1.00 21.04 ? 50  ILE X CG1 1 
ATOM   392  C CG2 . ILE A 1 50  ? 20.818  4.283   -1.788  1.00 20.94 ? 50  ILE X CG2 1 
ATOM   393  C CD1 . ILE A 1 50  ? 17.888  3.460   -1.834  1.00 21.62 ? 50  ILE X CD1 1 
ATOM   394  N N   . GLY A 1 51  ? 20.960  7.578   0.301   1.00 21.34 ? 51  GLY X N   1 
ATOM   395  C CA  . GLY A 1 51  ? 22.148  8.136   0.949   1.00 21.91 ? 51  GLY X CA  1 
ATOM   396  C C   . GLY A 1 51  ? 23.390  8.102   0.077   1.00 22.34 ? 51  GLY X C   1 
ATOM   397  O O   . GLY A 1 51  ? 24.513  8.079   0.585   1.00 22.59 ? 51  GLY X O   1 
ATOM   398  N N   . ARG A 1 52  ? 23.183  8.090   -1.238  1.00 22.62 ? 52  ARG X N   1 
ATOM   399  C CA  . ARG A 1 52  ? 24.267  8.115   -2.216  1.00 22.99 ? 52  ARG X CA  1 
ATOM   400  C C   . ARG A 1 52  ? 23.722  8.561   -3.568  1.00 23.20 ? 52  ARG X C   1 
ATOM   401  O O   . ARG A 1 52  ? 22.507  8.558   -3.780  1.00 23.12 ? 52  ARG X O   1 
ATOM   402  C CB  . ARG A 1 52  ? 24.939  6.739   -2.339  1.00 23.09 ? 52  ARG X CB  1 
ATOM   403  C CG  . ARG A 1 52  ? 24.034  5.627   -2.862  1.00 23.16 ? 52  ARG X CG  1 
ATOM   404  C CD  . ARG A 1 52  ? 24.827  4.371   -3.174  1.00 23.37 ? 52  ARG X CD  1 
ATOM   405  N NE  . ARG A 1 52  ? 23.991  3.331   -3.775  1.00 23.56 ? 52  ARG X NE  1 
ATOM   406  C CZ  . ARG A 1 52  ? 23.776  3.195   -5.082  1.00 23.83 ? 52  ARG X CZ  1 
ATOM   407  N NH1 . ARG A 1 52  ? 24.333  4.034   -5.952  1.00 23.77 ? 52  ARG X NH1 1 
ATOM   408  N NH2 . ARG A 1 52  ? 23.003  2.211   -5.522  1.00 22.84 ? 52  ARG X NH2 1 
ATOM   409  N N   . ASN A 1 53  ? 24.619  8.949   -4.471  1.00 23.50 ? 53  ASN X N   1 
ATOM   410  C CA  . ASN A 1 53  ? 24.231  9.291   -5.832  1.00 23.87 ? 53  ASN X CA  1 
ATOM   411  C C   . ASN A 1 53  ? 23.960  8.015   -6.634  1.00 23.60 ? 53  ASN X C   1 
ATOM   412  O O   . ASN A 1 53  ? 24.885  7.314   -7.044  1.00 23.42 ? 53  ASN X O   1 
ATOM   413  C CB  . ASN A 1 53  ? 25.301  10.161  -6.504  1.00 24.39 ? 53  ASN X CB  1 
ATOM   414  C CG  . ASN A 1 53  ? 24.709  11.178  -7.472  1.00 25.46 ? 53  ASN X CG  1 
ATOM   415  O OD1 . ASN A 1 53  ? 24.961  12.378  -7.354  1.00 27.62 ? 53  ASN X OD1 1 
ATOM   416  N ND2 . ASN A 1 53  ? 23.910  10.705  -8.425  1.00 26.74 ? 53  ASN X ND2 1 
ATOM   417  N N   . THR A 1 54  ? 22.679  7.718   -6.831  1.00 23.53 ? 54  THR X N   1 
ATOM   418  C CA  . THR A 1 54  ? 22.247  6.465   -7.448  1.00 23.52 ? 54  THR X CA  1 
ATOM   419  C C   . THR A 1 54  ? 22.160  6.538   -8.973  1.00 23.82 ? 54  THR X C   1 
ATOM   420  O O   . THR A 1 54  ? 22.328  5.524   -9.659  1.00 23.74 ? 54  THR X O   1 
ATOM   421  C CB  . THR A 1 54  ? 20.864  6.031   -6.921  1.00 23.45 ? 54  THR X CB  1 
ATOM   422  O OG1 . THR A 1 54  ? 19.892  7.030   -7.259  1.00 23.05 ? 54  THR X OG1 1 
ATOM   423  C CG2 . THR A 1 54  ? 20.890  5.829   -5.408  1.00 23.25 ? 54  THR X CG2 1 
ATOM   424  N N   . ASN A 1 55  ? 21.883  7.735   -9.487  1.00 24.11 ? 55  ASN X N   1 
ATOM   425  C CA  . ASN A 1 55  ? 21.607  7.965   -10.913 1.00 24.46 ? 55  ASN X CA  1 
ATOM   426  C C   . ASN A 1 55  ? 20.430  7.126   -11.439 1.00 24.39 ? 55  ASN X C   1 
ATOM   427  O O   . ASN A 1 55  ? 20.473  6.584   -12.553 1.00 24.50 ? 55  ASN X O   1 
ATOM   428  C CB  . ASN A 1 55  ? 22.871  7.776   -11.767 0.50 24.61 ? 55  ASN X CB  1 
ATOM   429  C CG  . ASN A 1 55  ? 22.765  8.436   -13.137 1.00 25.59 ? 55  ASN X CG  1 
ATOM   430  O OD1 . ASN A 1 55  ? 21.850  9.224   -13.408 1.00 26.59 ? 55  ASN X OD1 1 
ATOM   431  N ND2 . ASN A 1 55  ? 23.710  8.116   -14.009 1.00 26.34 ? 55  ASN X ND2 1 
ATOM   432  N N   . GLY A 1 56  ? 19.387  7.019   -10.618 1.00 24.01 ? 56  GLY X N   1 
ATOM   433  C CA  . GLY A 1 56  ? 18.145  6.352   -11.004 1.00 23.66 ? 56  GLY X CA  1 
ATOM   434  C C   . GLY A 1 56  ? 18.152  4.835   -10.941 1.00 23.38 ? 56  GLY X C   1 
ATOM   435  O O   . GLY A 1 56  ? 17.196  4.196   -11.386 1.00 23.57 ? 56  GLY X O   1 
ATOM   436  N N   . VAL A 1 57  ? 19.225  4.258   -10.400 1.00 23.00 ? 57  VAL X N   1 
ATOM   437  C CA  . VAL A 1 57  ? 19.364  2.803   -10.300 1.00 22.61 ? 57  VAL X CA  1 
ATOM   438  C C   . VAL A 1 57  ? 19.795  2.411   -8.891  1.00 22.14 ? 57  VAL X C   1 
ATOM   439  O O   . VAL A 1 57  ? 20.746  2.976   -8.342  1.00 22.03 ? 57  VAL X O   1 
ATOM   440  C CB  . VAL A 1 57  ? 20.378  2.230   -11.336 1.00 22.79 ? 57  VAL X CB  1 
ATOM   441  C CG1 . VAL A 1 57  ? 20.422  0.701   -11.274 1.00 23.34 ? 57  VAL X CG1 1 
ATOM   442  C CG2 . VAL A 1 57  ? 20.033  2.676   -12.755 1.00 22.87 ? 57  VAL X CG2 1 
ATOM   443  N N   . ILE A 1 58  ? 19.080  1.447   -8.312  1.00 21.61 ? 58  ILE X N   1 
ATOM   444  C CA  . ILE A 1 58  ? 19.409  0.901   -6.991  1.00 20.91 ? 58  ILE X CA  1 
ATOM   445  C C   . ILE A 1 58  ? 19.580  -0.623  -7.040  1.00 20.65 ? 58  ILE X C   1 
ATOM   446  O O   . ILE A 1 58  ? 19.231  -1.259  -8.036  1.00 20.58 ? 58  ILE X O   1 
ATOM   447  C CB  . ILE A 1 58  ? 18.347  1.288   -5.918  1.00 20.88 ? 58  ILE X CB  1 
ATOM   448  C CG1 . ILE A 1 58  ? 16.954  0.773   -6.311  1.00 20.74 ? 58  ILE X CG1 1 
ATOM   449  C CG2 . ILE A 1 58  ? 18.356  2.800   -5.676  1.00 20.41 ? 58  ILE X CG2 1 
ATOM   450  C CD1 . ILE A 1 58  ? 15.934  0.795   -5.185  1.00 20.95 ? 58  ILE X CD1 1 
ATOM   451  N N   . THR A 1 59  ? 20.120  -1.198  -5.968  1.00 20.06 ? 59  THR X N   1 
ATOM   452  C CA  . THR A 1 59  ? 20.266  -2.651  -5.858  1.00 19.61 ? 59  THR X CA  1 
ATOM   453  C C   . THR A 1 59  ? 19.011  -3.281  -5.228  1.00 19.27 ? 59  THR X C   1 
ATOM   454  O O   . THR A 1 59  ? 18.135  -2.568  -4.731  1.00 18.80 ? 59  THR X O   1 
ATOM   455  C CB  . THR A 1 59  ? 21.532  -3.047  -5.048  1.00 19.61 ? 59  THR X CB  1 
ATOM   456  O OG1 . THR A 1 59  ? 21.378  -2.646  -3.681  1.00 19.48 ? 59  THR X OG1 1 
ATOM   457  C CG2 . THR A 1 59  ? 22.787  -2.387  -5.629  1.00 19.68 ? 59  THR X CG2 1 
ATOM   458  N N   . LYS A 1 60  ? 18.929  -4.612  -5.265  1.00 19.10 ? 60  LYS X N   1 
ATOM   459  C CA  . LYS A 1 60  ? 17.825  -5.356  -4.646  1.00 19.15 ? 60  LYS X CA  1 
ATOM   460  C C   . LYS A 1 60  ? 17.790  -5.158  -3.131  1.00 18.94 ? 60  LYS X C   1 
ATOM   461  O O   . LYS A 1 60  ? 16.716  -5.005  -2.550  1.00 18.87 ? 60  LYS X O   1 
ATOM   462  C CB  . LYS A 1 60  ? 17.901  -6.850  -4.985  1.00 19.25 ? 60  LYS X CB  1 
ATOM   463  C CG  . LYS A 1 60  ? 16.650  -7.642  -4.604  1.00 19.20 ? 60  LYS X CG  1 
ATOM   464  C CD  . LYS A 1 60  ? 16.735  -9.077  -5.102  1.00 20.53 ? 60  LYS X CD  1 
ATOM   465  C CE  . LYS A 1 60  ? 15.499  -9.881  -4.717  1.00 20.73 ? 60  LYS X CE  1 
ATOM   466  N N   . ASP A 1 61  ? 18.969  -5.157  -2.509  1.00 18.83 ? 61  ASP X N   1 
ATOM   467  C CA  . ASP A 1 61  ? 19.107  -4.896  -1.075  1.00 18.91 ? 61  ASP X CA  1 
ATOM   468  C C   . ASP A 1 61  ? 18.561  -3.523  -0.702  1.00 18.64 ? 61  ASP X C   1 
ATOM   469  O O   . ASP A 1 61  ? 17.801  -3.390  0.260   1.00 18.45 ? 61  ASP X O   1 
ATOM   470  C CB  . ASP A 1 61  ? 20.572  -5.011  -0.643  1.00 19.11 ? 61  ASP X CB  1 
ATOM   471  C CG  . ASP A 1 61  ? 21.052  -6.452  -0.560  1.00 20.38 ? 61  ASP X CG  1 
ATOM   472  O OD1 . ASP A 1 61  ? 20.257  -7.381  -0.852  1.00 21.50 ? 61  ASP X OD1 1 
ATOM   473  O OD2 . ASP A 1 61  ? 22.232  -6.655  -0.193  1.00 21.18 ? 61  ASP X OD2 1 
ATOM   474  N N   . GLU A 1 62  ? 18.955  -2.511  -1.477  1.00 18.32 ? 62  GLU X N   1 
ATOM   475  C CA  . GLU A 1 62  ? 18.493  -1.141  -1.286  1.00 17.96 ? 62  GLU X CA  1 
ATOM   476  C C   . GLU A 1 62  ? 16.976  -1.025  -1.449  1.00 17.74 ? 62  GLU X C   1 
ATOM   477  O O   . GLU A 1 62  ? 16.323  -0.341  -0.668  1.00 17.65 ? 62  GLU X O   1 
ATOM   478  C CB  . GLU A 1 62  ? 19.224  -0.190  -2.241  1.00 17.91 ? 62  GLU X CB  1 
ATOM   479  C CG  . GLU A 1 62  ? 20.696  0.016   -1.889  1.00 18.12 ? 62  GLU X CG  1 
ATOM   480  C CD  . GLU A 1 62  ? 21.470  0.790   -2.944  1.00 18.10 ? 62  GLU X CD  1 
ATOM   481  O OE1 . GLU A 1 62  ? 21.061  0.799   -4.123  1.00 17.90 ? 62  GLU X OE1 1 
ATOM   482  O OE2 . GLU A 1 62  ? 22.506  1.387   -2.592  1.00 19.14 ? 62  GLU X OE2 1 
ATOM   483  N N   . ALA A 1 63  ? 16.425  -1.718  -2.449  1.00 17.27 ? 63  ALA X N   1 
ATOM   484  C CA  . ALA A 1 63  ? 14.981  -1.750  -2.679  1.00 17.18 ? 63  ALA X CA  1 
ATOM   485  C C   . ALA A 1 63  ? 14.228  -2.371  -1.499  1.00 17.08 ? 63  ALA X C   1 
ATOM   486  O O   . ALA A 1 63  ? 13.175  -1.878  -1.088  1.00 16.95 ? 63  ALA X O   1 
ATOM   487  C CB  . ALA A 1 63  ? 14.661  -2.500  -3.971  1.00 17.02 ? 63  ALA X CB  1 
ATOM   488  N N   . GLU A 1 64  ? 14.784  -3.453  -0.963  1.00 16.87 ? 64  GLU X N   1 
ATOM   489  C CA  . GLU A 1 64  ? 14.193  -4.157  0.167   1.00 16.74 ? 64  GLU X CA  1 
ATOM   490  C C   . GLU A 1 64  ? 14.319  -3.358  1.464   1.00 16.48 ? 64  GLU X C   1 
ATOM   491  O O   . GLU A 1 64  ? 13.447  -3.440  2.332   1.00 16.34 ? 64  GLU X O   1 
ATOM   492  C CB  . GLU A 1 64  ? 14.790  -5.559  0.297   1.00 16.69 ? 64  GLU X CB  1 
ATOM   493  C CG  . GLU A 1 64  ? 14.304  -6.501  -0.802  1.00 17.58 ? 64  GLU X CG  1 
ATOM   494  C CD  . GLU A 1 64  ? 14.978  -7.858  -0.798  1.00 18.22 ? 64  GLU X CD  1 
ATOM   495  O OE1 . GLU A 1 64  ? 16.025  -8.026  -0.138  1.00 18.79 ? 64  GLU X OE1 1 
ATOM   496  O OE2 . GLU A 1 64  ? 14.456  -8.766  -1.477  1.00 19.59 ? 64  GLU X OE2 1 
ATOM   497  N N   . LYS A 1 65  ? 15.390  -2.572  1.580   1.00 16.29 ? 65  LYS X N   1 
ATOM   498  C CA  . LYS A 1 65  ? 15.538  -1.662  2.712   1.00 16.44 ? 65  LYS X CA  1 
ATOM   499  C C   . LYS A 1 65  ? 14.442  -0.585  2.728   1.00 16.36 ? 65  LYS X C   1 
ATOM   500  O O   . LYS A 1 65  ? 13.823  -0.352  3.768   1.00 16.24 ? 65  LYS X O   1 
ATOM   501  C CB  . LYS A 1 65  ? 16.934  -1.032  2.757   1.00 16.52 ? 65  LYS X CB  1 
ATOM   502  C CG  . LYS A 1 65  ? 17.145  -0.150  3.974   1.00 16.91 ? 65  LYS X CG  1 
ATOM   503  C CD  . LYS A 1 65  ? 18.591  0.264   4.163   1.00 18.74 ? 65  LYS X CD  1 
ATOM   504  C CE  . LYS A 1 65  ? 18.781  0.821   5.580   1.00 19.07 ? 65  LYS X CE  1 
ATOM   505  N NZ  . LYS A 1 65  ? 20.209  1.134   5.863   1.00 20.90 ? 65  LYS X NZ  1 
ATOM   506  N N   . LEU A 1 66  ? 14.214  0.064   1.582   1.00 16.34 ? 66  LEU X N   1 
ATOM   507  C CA  . LEU A 1 66  ? 13.132  1.049   1.437   1.00 16.27 ? 66  LEU X CA  1 
ATOM   508  C C   . LEU A 1 66  ? 11.764  0.414   1.670   1.00 16.19 ? 66  LEU X C   1 
ATOM   509  O O   . LEU A 1 66  ? 10.884  1.023   2.280   1.00 15.84 ? 66  LEU X O   1 
ATOM   510  C CB  . LEU A 1 66  ? 13.161  1.707   0.052   1.00 16.41 ? 66  LEU X CB  1 
ATOM   511  C CG  . LEU A 1 66  ? 14.337  2.609   -0.353  1.00 16.80 ? 66  LEU X CG  1 
ATOM   512  C CD1 . LEU A 1 66  ? 14.100  3.185   -1.744  1.00 16.92 ? 66  LEU X CD1 1 
ATOM   513  C CD2 . LEU A 1 66  ? 14.586  3.730   0.656   1.00 16.56 ? 66  LEU X CD2 1 
ATOM   514  N N   . PHE A 1 67  ? 11.602  -0.811  1.176   1.00 16.20 ? 67  PHE X N   1 
ATOM   515  C CA  . PHE A 1 67  ? 10.371  -1.574  1.359   1.00 16.50 ? 67  PHE X CA  1 
ATOM   516  C C   . PHE A 1 67  ? 10.072  -1.816  2.838   1.00 16.70 ? 67  PHE X C   1 
ATOM   517  O O   . PHE A 1 67  ? 8.963   -1.557  3.300   1.00 16.60 ? 67  PHE X O   1 
ATOM   518  C CB  . PHE A 1 67  ? 10.444  -2.896  0.590   1.00 16.21 ? 67  PHE X CB  1 
ATOM   519  C CG  . PHE A 1 67  ? 9.161   -3.682  0.600   1.00 16.67 ? 67  PHE X CG  1 
ATOM   520  C CD1 . PHE A 1 67  ? 7.929   -3.047  0.413   1.00 16.65 ? 67  PHE X CD1 1 
ATOM   521  C CD2 . PHE A 1 67  ? 9.186   -5.065  0.767   1.00 16.63 ? 67  PHE X CD2 1 
ATOM   522  C CE1 . PHE A 1 67  ? 6.750   -3.774  0.413   1.00 16.71 ? 67  PHE X CE1 1 
ATOM   523  C CE2 . PHE A 1 67  ? 8.012   -5.800  0.756   1.00 17.30 ? 67  PHE X CE2 1 
ATOM   524  C CZ  . PHE A 1 67  ? 6.792   -5.155  0.582   1.00 16.74 ? 67  PHE X CZ  1 
ATOM   525  N N   . ASN A 1 68  ? 11.066  -2.317  3.568   1.00 17.11 ? 68  ASN X N   1 
ATOM   526  C CA  . ASN A 1 68  ? 10.994  -2.409  5.028   1.00 17.50 ? 68  ASN X CA  1 
ATOM   527  C C   . ASN A 1 68  ? 10.512  -1.132  5.699   1.00 17.18 ? 68  ASN X C   1 
ATOM   528  O O   . ASN A 1 68  ? 9.573   -1.152  6.495   1.00 17.43 ? 68  ASN X O   1 
ATOM   529  C CB  . ASN A 1 68  ? 12.367  -2.738  5.586   1.00 17.79 ? 68  ASN X CB  1 
ATOM   530  C CG  . ASN A 1 68  ? 12.435  -4.102  6.181   1.00 19.48 ? 68  ASN X CG  1 
ATOM   531  O OD1 . ASN A 1 68  ? 12.319  -4.262  7.398   1.00 20.82 ? 68  ASN X OD1 1 
ATOM   532  N ND2 . ASN A 1 68  ? 12.636  -5.107  5.336   1.00 20.57 ? 68  ASN X ND2 1 
ATOM   533  N N   . GLN A 1 69  ? 11.182  -0.029  5.383   1.00 16.72 ? 69  GLN X N   1 
ATOM   534  C CA  . GLN A 1 69  ? 10.872  1.270   5.962   1.00 16.57 ? 69  GLN X CA  1 
ATOM   535  C C   . GLN A 1 69  ? 9.455   1.717   5.616   1.00 16.48 ? 69  GLN X C   1 
ATOM   536  O O   . GLN A 1 69  ? 8.750   2.247   6.468   1.00 16.36 ? 69  GLN X O   1 
ATOM   537  C CB  . GLN A 1 69  ? 11.901  2.315   5.511   1.00 16.35 ? 69  GLN X CB  1 
ATOM   538  C CG  . GLN A 1 69  ? 13.307  2.046   6.041   1.00 16.05 ? 69  GLN X CG  1 
ATOM   539  C CD  . GLN A 1 69  ? 14.362  3.008   5.519   1.00 16.13 ? 69  GLN X CD  1 
ATOM   540  O OE1 . GLN A 1 69  ? 15.478  3.033   6.028   1.00 16.41 ? 69  GLN X OE1 1 
ATOM   541  N NE2 . GLN A 1 69  ? 14.019  3.801   4.506   1.00 15.84 ? 69  GLN X NE2 1 
ATOM   542  N N   . ASP A 1 70  ? 9.045   1.479   4.370   1.00 16.69 ? 70  ASP X N   1 
ATOM   543  C CA  . ASP A 1 70  ? 7.717   1.846   3.887   1.00 16.95 ? 70  ASP X CA  1 
ATOM   544  C C   . ASP A 1 70  ? 6.598   1.071   4.575   1.00 17.16 ? 70  ASP X C   1 
ATOM   545  O O   . ASP A 1 70  ? 5.600   1.665   4.988   1.00 17.17 ? 70  ASP X O   1 
ATOM   546  C CB  . ASP A 1 70  ? 7.627   1.684   2.367   1.00 16.90 ? 70  ASP X CB  1 
ATOM   547  C CG  . ASP A 1 70  ? 8.447   2.712   1.624   1.00 17.28 ? 70  ASP X CG  1 
ATOM   548  O OD1 . ASP A 1 70  ? 8.876   3.700   2.254   1.00 17.09 ? 70  ASP X OD1 1 
ATOM   549  O OD2 . ASP A 1 70  ? 8.665   2.533   0.407   1.00 18.10 ? 70  ASP X OD2 1 
ATOM   550  N N   . VAL A 1 71  ? 6.768   -0.246  4.694   1.00 17.56 ? 71  VAL X N   1 
ATOM   551  C CA  . VAL A 1 71  ? 5.812   -1.090  5.421   1.00 17.93 ? 71  VAL X CA  1 
ATOM   552  C C   . VAL A 1 71  ? 5.700   -0.617  6.871   1.00 18.37 ? 71  VAL X C   1 
ATOM   553  O O   . VAL A 1 71  ? 4.595   -0.367  7.367   1.00 18.53 ? 71  VAL X O   1 
ATOM   554  C CB  . VAL A 1 71  ? 6.201   -2.596  5.369   1.00 17.91 ? 71  VAL X CB  1 
ATOM   555  C CG1 . VAL A 1 71  ? 5.348   -3.418  6.338   1.00 17.79 ? 71  VAL X CG1 1 
ATOM   556  C CG2 . VAL A 1 71  ? 6.073   -3.142  3.943   1.00 17.48 ? 71  VAL X CG2 1 
ATOM   557  N N   . ASP A 1 72  ? 6.855   -0.486  7.527   1.00 18.67 ? 72  ASP X N   1 
ATOM   558  C CA  . ASP A 1 72  ? 6.947   -0.034  8.917   1.00 19.15 ? 72  ASP X CA  1 
ATOM   559  C C   . ASP A 1 72  ? 6.275   1.331   9.116   1.00 19.20 ? 72  ASP X C   1 
ATOM   560  O O   . ASP A 1 72  ? 5.511   1.521   10.070  1.00 19.15 ? 72  ASP X O   1 
ATOM   561  C CB  . ASP A 1 72  ? 8.421   0.015   9.347   1.00 19.37 ? 72  ASP X CB  1 
ATOM   562  C CG  . ASP A 1 72  ? 8.601   0.144   10.848  1.00 20.60 ? 72  ASP X CG  1 
ATOM   563  O OD1 . ASP A 1 72  ? 7.657   -0.164  11.607  1.00 22.00 ? 72  ASP X OD1 1 
ATOM   564  O OD2 . ASP A 1 72  ? 9.705   0.550   11.274  1.00 21.69 ? 72  ASP X OD2 1 
ATOM   565  N N   . ALA A 1 73  ? 6.552   2.263   8.204   1.00 19.21 ? 73  ALA X N   1 
ATOM   566  C CA  . ALA A 1 73  ? 5.945   3.593   8.228   1.00 19.39 ? 73  ALA X CA  1 
ATOM   567  C C   . ALA A 1 73  ? 4.432   3.560   8.007   1.00 19.23 ? 73  ALA X C   1 
ATOM   568  O O   . ALA A 1 73  ? 3.703   4.355   8.599   1.00 19.47 ? 73  ALA X O   1 
ATOM   569  C CB  . ALA A 1 73  ? 6.615   4.512   7.196   1.00 19.40 ? 73  ALA X CB  1 
ATOM   570  N N   . ALA A 1 74  ? 3.967   2.649   7.151   1.00 19.27 ? 74  ALA X N   1 
ATOM   571  C CA  . ALA A 1 74  ? 2.529   2.475   6.913   1.00 19.15 ? 74  ALA X CA  1 
ATOM   572  C C   . ALA A 1 74  ? 1.804   2.018   8.181   1.00 19.21 ? 74  ALA X C   1 
ATOM   573  O O   . ALA A 1 74  ? 0.785   2.604   8.561   1.00 19.09 ? 74  ALA X O   1 
ATOM   574  C CB  . ALA A 1 74  ? 2.277   1.503   5.759   1.00 19.08 ? 74  ALA X CB  1 
ATOM   575  N N   . VAL A 1 75  ? 2.339   0.986   8.836   1.00 19.24 ? 75  VAL X N   1 
ATOM   576  C CA  . VAL A 1 75  ? 1.770   0.479   10.093  1.00 19.40 ? 75  VAL X CA  1 
ATOM   577  C C   . VAL A 1 75  ? 1.754   1.572   11.170  1.00 19.53 ? 75  VAL X C   1 
ATOM   578  O O   . VAL A 1 75  ? 0.714   1.826   11.788  1.00 19.46 ? 75  VAL X O   1 
ATOM   579  C CB  . VAL A 1 75  ? 2.526   -0.767  10.625  1.00 19.29 ? 75  VAL X CB  1 
ATOM   580  C CG1 . VAL A 1 75  ? 1.867   -1.292  11.907  1.00 19.72 ? 75  VAL X CG1 1 
ATOM   581  C CG2 . VAL A 1 75  ? 2.575   -1.857  9.576   1.00 18.80 ? 75  VAL X CG2 1 
ATOM   582  N N   . ARG A 1 76  ? 2.906   2.214   11.374  1.00 19.79 ? 76  ARG X N   1 
ATOM   583  C CA  . ARG A 1 76  ? 3.065   3.245   12.400  1.00 20.12 ? 76  ARG X CA  1 
ATOM   584  C C   . ARG A 1 76  ? 2.131   4.425   12.158  1.00 20.37 ? 76  ARG X C   1 
ATOM   585  O O   . ARG A 1 76  ? 1.634   5.030   13.112  1.00 20.76 ? 76  ARG X O   1 
ATOM   586  C CB  . ARG A 1 76  ? 4.521   3.722   12.476  1.00 20.20 ? 76  ARG X CB  1 
ATOM   587  N N   . GLY A 1 77  ? 1.899   4.739   10.884  1.00 20.36 ? 77  GLY X N   1 
ATOM   588  C CA  . GLY A 1 77  ? 0.944   5.771   10.496  1.00 20.61 ? 77  GLY X CA  1 
ATOM   589  C C   . GLY A 1 77  ? -0.487  5.411   10.861  1.00 20.76 ? 77  GLY X C   1 
ATOM   590  O O   . GLY A 1 77  ? -1.223  6.241   11.401  1.00 20.77 ? 77  GLY X O   1 
ATOM   591  N N   . ILE A 1 78  ? -0.882  4.175   10.553  1.00 20.65 ? 78  ILE X N   1 
ATOM   592  C CA  . ILE A 1 78  ? -2.193  3.650   10.948  1.00 20.62 ? 78  ILE X CA  1 
ATOM   593  C C   . ILE A 1 78  ? -2.436  3.815   12.456  1.00 20.66 ? 78  ILE X C   1 
ATOM   594  O O   . ILE A 1 78  ? -3.485  4.313   12.869  1.00 20.35 ? 78  ILE X O   1 
ATOM   595  C CB  . ILE A 1 78  ? -2.366  2.159   10.531  1.00 20.58 ? 78  ILE X CB  1 
ATOM   596  C CG1 . ILE A 1 78  ? -2.435  2.030   9.001   1.00 20.34 ? 78  ILE X CG1 1 
ATOM   597  C CG2 . ILE A 1 78  ? -3.614  1.558   11.171  1.00 20.41 ? 78  ILE X CG2 1 
ATOM   598  C CD1 . ILE A 1 78  ? -2.173  0.622   8.466   1.00 19.86 ? 78  ILE X CD1 1 
ATOM   599  N N   . LEU A 1 79  ? -1.450  3.411   13.260  1.00 20.87 ? 79  LEU X N   1 
ATOM   600  C CA  . LEU A 1 79  ? -1.561  3.449   14.723  1.00 21.27 ? 79  LEU X CA  1 
ATOM   601  C C   . LEU A 1 79  ? -1.615  4.873   15.300  1.00 21.34 ? 79  LEU X C   1 
ATOM   602  O O   . LEU A 1 79  ? -2.108  5.074   16.409  1.00 21.32 ? 79  LEU X O   1 
ATOM   603  C CB  . LEU A 1 79  ? -0.435  2.629   15.380  1.00 21.30 ? 79  LEU X CB  1 
ATOM   604  C CG  . LEU A 1 79  ? -0.344  1.136   15.011  1.00 21.58 ? 79  LEU X CG  1 
ATOM   605  C CD1 . LEU A 1 79  ? 0.944   0.519   15.534  1.00 22.10 ? 79  LEU X CD1 1 
ATOM   606  C CD2 . LEU A 1 79  ? -1.551  0.336   15.495  1.00 21.48 ? 79  LEU X CD2 1 
ATOM   607  N N   . ARG A 1 80  ? -1.119  5.847   14.539  1.00 21.39 ? 80  ARG X N   1 
ATOM   608  C CA  . ARG A 1 80  ? -1.164  7.256   14.940  1.00 21.58 ? 80  ARG X CA  1 
ATOM   609  C C   . ARG A 1 80  ? -2.351  8.006   14.346  1.00 21.68 ? 80  ARG X C   1 
ATOM   610  O O   . ARG A 1 80  ? -2.514  9.205   14.578  1.00 21.75 ? 80  ARG X O   1 
ATOM   611  C CB  . ARG A 1 80  ? 0.142   7.964   14.567  1.00 21.63 ? 80  ARG X CB  1 
ATOM   612  C CG  . ARG A 1 80  ? 1.219   7.795   15.604  1.00 21.98 ? 80  ARG X CG  1 
ATOM   613  C CD  . ARG A 1 80  ? 2.577   8.193   15.073  0.50 22.14 ? 80  ARG X CD  1 
ATOM   614  N NE  . ARG A 1 80  ? 3.639   7.636   15.904  0.50 21.82 ? 80  ARG X NE  1 
ATOM   615  C CZ  . ARG A 1 80  ? 4.812   7.211   15.446  0.50 21.99 ? 80  ARG X CZ  1 
ATOM   616  N NH1 . ARG A 1 80  ? 5.087   7.268   14.146  1.00 21.51 ? 80  ARG X NH1 1 
ATOM   617  N NH2 . ARG A 1 80  ? 5.712   6.716   16.289  0.50 21.87 ? 80  ARG X NH2 1 
ATOM   618  N N   . ASN A 1 81  ? -3.170  7.298   13.568  1.00 21.52 ? 81  ASN X N   1 
ATOM   619  C CA  . ASN A 1 81  ? -4.366  7.876   12.974  1.00 21.46 ? 81  ASN X CA  1 
ATOM   620  C C   . ASN A 1 81  ? -5.583  7.511   13.806  1.00 21.42 ? 81  ASN X C   1 
ATOM   621  O O   . ASN A 1 81  ? -5.901  6.331   13.964  1.00 21.41 ? 81  ASN X O   1 
ATOM   622  C CB  . ASN A 1 81  ? -4.535  7.392   11.526  1.00 21.51 ? 81  ASN X CB  1 
ATOM   623  C CG  . ASN A 1 81  ? -5.615  8.156   10.770  1.00 21.58 ? 81  ASN X CG  1 
ATOM   624  O OD1 . ASN A 1 81  ? -6.789  8.148   11.147  1.00 21.83 ? 81  ASN X OD1 1 
ATOM   625  N ND2 . ASN A 1 81  ? -5.219  8.812   9.685   1.00 21.52 ? 81  ASN X ND2 1 
ATOM   626  N N   . ALA A 1 82  ? -6.261  8.531   14.327  1.00 21.35 ? 82  ALA X N   1 
ATOM   627  C CA  . ALA A 1 82  ? -7.404  8.344   15.230  1.00 21.36 ? 82  ALA X CA  1 
ATOM   628  C C   . ALA A 1 82  ? -8.571  7.571   14.610  1.00 21.29 ? 82  ALA X C   1 
ATOM   629  O O   . ALA A 1 82  ? -9.323  6.899   15.321  1.00 21.29 ? 82  ALA X O   1 
ATOM   630  C CB  . ALA A 1 82  ? -7.885  9.690   15.764  1.00 21.54 ? 82  ALA X CB  1 
ATOM   631  N N   . LYS A 1 83  ? -8.723  7.674   13.292  1.00 21.00 ? 83  LYS X N   1 
ATOM   632  C CA  . LYS A 1 83  ? -9.803  6.986   12.592  1.00 20.96 ? 83  LYS X CA  1 
ATOM   633  C C   . LYS A 1 83  ? -9.436  5.561   12.210  1.00 20.65 ? 83  LYS X C   1 
ATOM   634  O O   . LYS A 1 83  ? -10.279 4.668   12.255  1.00 21.01 ? 83  LYS X O   1 
ATOM   635  C CB  . LYS A 1 83  ? -10.247 7.775   11.357  1.00 21.26 ? 83  LYS X CB  1 
ATOM   636  C CG  . LYS A 1 83  ? -10.926 9.106   11.684  1.00 21.72 ? 83  LYS X CG  1 
ATOM   637  C CD  . LYS A 1 83  ? -11.588 9.692   10.433  1.00 23.17 ? 83  LYS X CD  1 
ATOM   638  N N   . LEU A 1 84  ? -8.176  5.344   11.846  1.00 19.99 ? 84  LEU X N   1 
ATOM   639  C CA  . LEU A 1 84  ? -7.739  4.040   11.352  1.00 19.32 ? 84  LEU X CA  1 
ATOM   640  C C   . LEU A 1 84  ? -7.367  3.062   12.466  1.00 18.87 ? 84  LEU X C   1 
ATOM   641  O O   . LEU A 1 84  ? -7.648  1.871   12.361  1.00 18.61 ? 84  LEU X O   1 
ATOM   642  C CB  . LEU A 1 84  ? -6.576  4.191   10.361  1.00 19.28 ? 84  LEU X CB  1 
ATOM   643  C CG  . LEU A 1 84  ? -6.797  5.060   9.115   1.00 19.60 ? 84  LEU X CG  1 
ATOM   644  C CD1 . LEU A 1 84  ? -5.576  5.003   8.206   1.00 19.54 ? 84  LEU X CD1 1 
ATOM   645  C CD2 . LEU A 1 84  ? -8.058  4.667   8.347   1.00 18.89 ? 84  LEU X CD2 1 
ATOM   646  N N   . LYS A 1 85  ? -6.743  3.574   13.526  1.00 18.42 ? 85  LYS X N   1 
ATOM   647  C CA  . LYS A 1 85  ? -6.287  2.750   14.649  1.00 18.07 ? 85  LYS X CA  1 
ATOM   648  C C   . LYS A 1 85  ? -7.364  1.815   15.231  1.00 17.63 ? 85  LYS X C   1 
ATOM   649  O O   . LYS A 1 85  ? -7.121  0.616   15.334  1.00 17.63 ? 85  LYS X O   1 
ATOM   650  C CB  . LYS A 1 85  ? -5.663  3.622   15.747  1.00 18.13 ? 85  LYS X CB  1 
ATOM   651  C CG  . LYS A 1 85  ? -4.898  2.852   16.815  1.00 18.29 ? 85  LYS X CG  1 
ATOM   652  C CD  . LYS A 1 85  ? -4.704  3.718   18.056  1.00 19.99 ? 85  LYS X CD  1 
ATOM   653  C CE  . LYS A 1 85  ? -3.662  3.143   19.021  1.00 20.45 ? 85  LYS X CE  1 
ATOM   654  N NZ  . LYS A 1 85  ? -3.971  1.758   19.454  1.00 20.46 ? 85  LYS X NZ  1 
ATOM   655  N N   . PRO A 1 86  ? -8.546  2.352   15.616  1.00 17.32 ? 86  PRO X N   1 
ATOM   656  C CA  . PRO A 1 86  ? -9.557  1.454   16.192  1.00 17.16 ? 86  PRO X CA  1 
ATOM   657  C C   . PRO A 1 86  ? -10.034 0.341   15.251  1.00 16.80 ? 86  PRO X C   1 
ATOM   658  O O   . PRO A 1 86  ? -10.283 -0.771  15.707  1.00 16.56 ? 86  PRO X O   1 
ATOM   659  C CB  . PRO A 1 86  ? -10.718 2.395   16.550  1.00 17.19 ? 86  PRO X CB  1 
ATOM   660  C CG  . PRO A 1 86  ? -10.491 3.622   15.748  1.00 17.46 ? 86  PRO X CG  1 
ATOM   661  C CD  . PRO A 1 86  ? -9.013  3.750   15.589  1.00 17.13 ? 86  PRO X CD  1 
ATOM   662  N N   . VAL A 1 87  ? -10.160 0.639   13.960  1.00 16.59 ? 87  VAL X N   1 
ATOM   663  C CA  . VAL A 1 87  ? -10.575 -0.372  12.987  1.00 16.29 ? 87  VAL X CA  1 
ATOM   664  C C   . VAL A 1 87  ? -9.473  -1.427  12.829  1.00 16.26 ? 87  VAL X C   1 
ATOM   665  O O   . VAL A 1 87  ? -9.744  -2.628  12.873  1.00 15.82 ? 87  VAL X O   1 
ATOM   666  C CB  . VAL A 1 87  ? -10.968 0.248   11.616  1.00 16.35 ? 87  VAL X CB  1 
ATOM   667  C CG1 . VAL A 1 87  ? -11.403 -0.842  10.628  1.00 15.97 ? 87  VAL X CG1 1 
ATOM   668  C CG2 . VAL A 1 87  ? -12.074 1.288   11.790  1.00 15.96 ? 87  VAL X CG2 1 
ATOM   669  N N   . TYR A 1 88  ? -8.234  -0.959  12.671  1.00 16.17 ? 88  TYR X N   1 
ATOM   670  C CA  . TYR A 1 88  ? -7.061  -1.829  12.568  1.00 16.28 ? 88  TYR X CA  1 
ATOM   671  C C   . TYR A 1 88  ? -6.948  -2.776  13.764  1.00 16.38 ? 88  TYR X C   1 
ATOM   672  O O   . TYR A 1 88  ? -6.811  -3.987  13.595  1.00 16.28 ? 88  TYR X O   1 
ATOM   673  C CB  . TYR A 1 88  ? -5.788  -0.980  12.455  1.00 16.12 ? 88  TYR X CB  1 
ATOM   674  C CG  . TYR A 1 88  ? -4.522  -1.784  12.266  1.00 16.12 ? 88  TYR X CG  1 
ATOM   675  C CD1 . TYR A 1 88  ? -4.121  -2.199  10.994  1.00 15.65 ? 88  TYR X CD1 1 
ATOM   676  C CD2 . TYR A 1 88  ? -3.725  -2.131  13.358  1.00 16.10 ? 88  TYR X CD2 1 
ATOM   677  C CE1 . TYR A 1 88  ? -2.962  -2.939  10.816  1.00 16.18 ? 88  TYR X CE1 1 
ATOM   678  C CE2 . TYR A 1 88  ? -2.564  -2.875  13.191  1.00 16.73 ? 88  TYR X CE2 1 
ATOM   679  C CZ  . TYR A 1 88  ? -2.188  -3.274  11.915  1.00 16.98 ? 88  TYR X CZ  1 
ATOM   680  O OH  . TYR A 1 88  ? -1.042  -4.010  11.737  1.00 17.74 ? 88  TYR X OH  1 
ATOM   681  N N   . ASP A 1 89  ? -7.004  -2.204  14.966  1.00 16.45 ? 89  ASP X N   1 
ATOM   682  C CA  . ASP A 1 89  ? -6.911  -2.965  16.212  1.00 16.74 ? 89  ASP X CA  1 
ATOM   683  C C   . ASP A 1 89  ? -8.009  -4.010  16.360  1.00 16.50 ? 89  ASP X C   1 
ATOM   684  O O   . ASP A 1 89  ? -7.793  -5.047  16.988  1.00 16.77 ? 89  ASP X O   1 
ATOM   685  C CB  . ASP A 1 89  ? -6.927  -2.015  17.417  1.00 16.81 ? 89  ASP X CB  1 
ATOM   686  C CG  . ASP A 1 89  ? -5.584  -1.344  17.653  1.00 17.62 ? 89  ASP X CG  1 
ATOM   687  O OD1 . ASP A 1 89  ? -4.560  -1.828  17.121  1.00 17.80 ? 89  ASP X OD1 1 
ATOM   688  O OD2 . ASP A 1 89  ? -5.547  -0.328  18.378  1.00 19.09 ? 89  ASP X OD2 1 
ATOM   689  N N   . SER A 1 90  ? -9.174  -3.733  15.775  1.00 16.40 ? 90  SER X N   1 
ATOM   690  C CA  . SER A 1 90  ? -10.318 -4.643  15.824  1.00 16.04 ? 90  SER X CA  1 
ATOM   691  C C   . SER A 1 90  ? -10.151 -5.846  14.890  1.00 16.01 ? 90  SER X C   1 
ATOM   692  O O   . SER A 1 90  ? -10.824 -6.870  15.053  1.00 15.95 ? 90  SER X O   1 
ATOM   693  C CB  . SER A 1 90  ? -11.616 -3.888  15.512  1.00 16.16 ? 90  SER X CB  1 
ATOM   694  O OG  . SER A 1 90  ? -11.787 -3.680  14.120  1.00 15.81 ? 90  SER X OG  1 
ATOM   695  N N   . LEU A 1 91  ? -9.243  -5.721  13.922  1.00 15.65 ? 91  LEU X N   1 
ATOM   696  C CA  . LEU A 1 91  ? -9.040  -6.752  12.906  1.00 15.24 ? 91  LEU X CA  1 
ATOM   697  C C   . LEU A 1 91  ? -8.109  -7.861  13.373  1.00 15.21 ? 91  LEU X C   1 
ATOM   698  O O   . LEU A 1 91  ? -7.315  -7.678  14.300  1.00 15.27 ? 91  LEU X O   1 
ATOM   699  C CB  . LEU A 1 91  ? -8.492  -6.139  11.609  1.00 15.16 ? 91  LEU X CB  1 
ATOM   700  C CG  . LEU A 1 91  ? -9.379  -5.171  10.820  1.00 14.79 ? 91  LEU X CG  1 
ATOM   701  C CD1 . LEU A 1 91  ? -8.557  -4.460  9.743   1.00 14.19 ? 91  LEU X CD1 1 
ATOM   702  C CD2 . LEU A 1 91  ? -10.595 -5.879  10.221  1.00 13.14 ? 91  LEU X CD2 1 
ATOM   703  N N   . ASP A 1 92  ? -8.235  -9.014  12.724  1.00 14.90 ? 92  ASP X N   1 
ATOM   704  C CA  . ASP A 1 92  ? -7.279  -10.112 12.843  1.00 14.57 ? 92  ASP X CA  1 
ATOM   705  C C   . ASP A 1 92  ? -6.034  -9.785  12.014  1.00 14.31 ? 92  ASP X C   1 
ATOM   706  O O   . ASP A 1 92  ? -6.038  -8.821  11.247  1.00 14.13 ? 92  ASP X O   1 
ATOM   707  C CB  . ASP A 1 92  ? -7.910  -11.396 12.316  1.00 14.34 ? 92  ASP X CB  1 
ATOM   708  C CG  . ASP A 1 92  ? -8.430  -11.242 10.900  1.00 14.29 ? 92  ASP X CG  1 
ATOM   709  O OD1 . ASP A 1 92  ? -9.535  -10.682 10.730  1.00 14.04 ? 92  ASP X OD1 1 
ATOM   710  O OD2 . ASP A 1 92  ? -7.725  -11.667 9.962   1.00 13.82 ? 92  ASP X OD2 1 
ATOM   711  N N   . ALA A 1 93  ? -4.990  -10.605 12.153  1.00 14.00 ? 93  ALA X N   1 
ATOM   712  C CA  . ALA A 1 93  ? -3.708  -10.380 11.480  1.00 13.79 ? 93  ALA X CA  1 
ATOM   713  C C   . ALA A 1 93  ? -3.784  -10.358 9.948   1.00 13.63 ? 93  ALA X C   1 
ATOM   714  O O   . ALA A 1 93  ? -3.100  -9.556  9.312   1.00 13.69 ? 93  ALA X O   1 
ATOM   715  C CB  . ALA A 1 93  ? -2.667  -11.401 11.951  1.00 13.82 ? 93  ALA X CB  1 
ATOM   716  N N   . VAL A 1 94  ? -4.605  -11.233 9.367   1.00 13.45 ? 94  VAL X N   1 
ATOM   717  C CA  . VAL A 1 94  ? -4.726  -11.335 7.906   1.00 13.18 ? 94  VAL X CA  1 
ATOM   718  C C   . VAL A 1 94  ? -5.373  -10.066 7.323   1.00 13.16 ? 94  VAL X C   1 
ATOM   719  O O   . VAL A 1 94  ? -4.855  -9.467  6.378   1.00 13.04 ? 94  VAL X O   1 
ATOM   720  C CB  . VAL A 1 94  ? -5.475  -12.633 7.464   1.00 13.32 ? 94  VAL X CB  1 
ATOM   721  C CG1 . VAL A 1 94  ? -5.623  -12.699 5.938   1.00 13.00 ? 94  VAL X CG1 1 
ATOM   722  C CG2 . VAL A 1 94  ? -4.739  -13.885 7.968   1.00 12.95 ? 94  VAL X CG2 1 
ATOM   723  N N   . ARG A 1 95  ? -6.485  -9.647  7.917   1.00 13.11 ? 95  ARG X N   1 
ATOM   724  C CA  . ARG A 1 95  ? -7.177  -8.432  7.486   1.00 13.15 ? 95  ARG X CA  1 
ATOM   725  C C   . ARG A 1 95  ? -6.390  -7.151  7.794   1.00 13.17 ? 95  ARG X C   1 
ATOM   726  O O   . ARG A 1 95  ? -6.515  -6.158  7.074   1.00 13.35 ? 95  ARG X O   1 
ATOM   727  C CB  . ARG A 1 95  ? -8.581  -8.375  8.085   1.00 12.83 ? 95  ARG X CB  1 
ATOM   728  C CG  . ARG A 1 95  ? -9.500  -9.462  7.553   1.00 12.68 ? 95  ARG X CG  1 
ATOM   729  C CD  . ARG A 1 95  ? -10.900 -9.244  8.063   1.00 12.81 ? 95  ARG X CD  1 
ATOM   730  N NE  . ARG A 1 95  ? -11.875 -10.179 7.504   1.00 12.50 ? 95  ARG X NE  1 
ATOM   731  C CZ  . ARG A 1 95  ? -12.202 -11.345 8.053   1.00 12.44 ? 95  ARG X CZ  1 
ATOM   732  N NH1 . ARG A 1 95  ? -11.623 -11.751 9.173   1.00 12.60 ? 95  ARG X NH1 1 
ATOM   733  N NH2 . ARG A 1 95  ? -13.105 -12.116 7.471   1.00 13.12 ? 95  ARG X NH2 1 
ATOM   734  N N   . ARG A 1 96  ? -5.579  -7.184  8.854   1.00 13.05 ? 96  ARG X N   1 
ATOM   735  C CA  . ARG A 1 96  ? -4.639  -6.101  9.160   1.00 13.02 ? 96  ARG X CA  1 
ATOM   736  C C   . ARG A 1 96  ? -3.628  -5.882  8.029   1.00 12.91 ? 96  ARG X C   1 
ATOM   737  O O   . ARG A 1 96  ? -3.261  -4.743  7.733   1.00 12.83 ? 96  ARG X O   1 
ATOM   738  C CB  . ARG A 1 96  ? -3.908  -6.372  10.480  1.00 13.23 ? 96  ARG X CB  1 
ATOM   739  C CG  . ARG A 1 96  ? -4.701  -5.970  11.722  1.00 13.49 ? 96  ARG X CG  1 
ATOM   740  C CD  . ARG A 1 96  ? -3.996  -6.416  12.996  1.00 14.73 ? 96  ARG X CD  1 
ATOM   741  N NE  . ARG A 1 96  ? -4.783  -6.103  14.189  1.00 15.13 ? 96  ARG X NE  1 
ATOM   742  C CZ  . ARG A 1 96  ? -4.388  -6.336  15.439  1.00 16.12 ? 96  ARG X CZ  1 
ATOM   743  N NH1 . ARG A 1 96  ? -3.202  -6.882  15.681  1.00 16.02 ? 96  ARG X NH1 1 
ATOM   744  N NH2 . ARG A 1 96  ? -5.180  -6.018  16.457  1.00 15.64 ? 96  ARG X NH2 1 
ATOM   745  N N   . ALA A 1 97  ? -3.184  -6.974  7.404   1.00 12.65 ? 97  ALA X N   1 
ATOM   746  C CA  . ALA A 1 97  ? -2.300  -6.897  6.236   1.00 12.56 ? 97  ALA X CA  1 
ATOM   747  C C   . ALA A 1 97  ? -2.990  -6.237  5.043   1.00 12.32 ? 97  ALA X C   1 
ATOM   748  O O   . ALA A 1 97  ? -2.368  -5.471  4.306   1.00 12.52 ? 97  ALA X O   1 
ATOM   749  C CB  . ALA A 1 97  ? -1.772  -8.271  5.864   1.00 12.39 ? 97  ALA X CB  1 
ATOM   750  N N   . ALA A 1 98  ? -4.278  -6.523  4.870   1.00 12.30 ? 98  ALA X N   1 
ATOM   751  C CA  . ALA A 1 98  ? -5.085  -5.861  3.848   1.00 12.33 ? 98  ALA X CA  1 
ATOM   752  C C   . ALA A 1 98  ? -5.203  -4.359  4.123   1.00 12.26 ? 98  ALA X C   1 
ATOM   753  O O   . ALA A 1 98  ? -5.198  -3.551  3.193   1.00 12.00 ? 98  ALA X O   1 
ATOM   754  C CB  . ALA A 1 98  ? -6.466  -6.506  3.751   1.00 12.24 ? 98  ALA X CB  1 
ATOM   755  N N   . ALA A 1 99  ? -5.301  -4.003  5.405   1.00 12.33 ? 99  ALA X N   1 
ATOM   756  C CA  . ALA A 1 99  ? -5.326  -2.608  5.846   1.00 12.20 ? 99  ALA X CA  1 
ATOM   757  C C   . ALA A 1 99  ? -4.018  -1.882  5.526   1.00 12.34 ? 99  ALA X C   1 
ATOM   758  O O   . ALA A 1 99  ? -4.037  -0.766  4.985   1.00 12.01 ? 99  ALA X O   1 
ATOM   759  C CB  . ALA A 1 99  ? -5.635  -2.526  7.342   1.00 12.38 ? 99  ALA X CB  1 
ATOM   760  N N   . ILE A 1 100 ? -2.891  -2.520  5.856   1.00 12.39 ? 100 ILE X N   1 
ATOM   761  C CA  . ILE A 1 100 ? -1.562  -1.980  5.553   1.00 12.68 ? 100 ILE X CA  1 
ATOM   762  C C   . ILE A 1 100 ? -1.379  -1.812  4.039   1.00 12.91 ? 100 ILE X C   1 
ATOM   763  O O   . ILE A 1 100 ? -0.881  -0.782  3.583   1.00 13.03 ? 100 ILE X O   1 
ATOM   764  C CB  . ILE A 1 100 ? -0.420  -2.853  6.159   1.00 12.66 ? 100 ILE X CB  1 
ATOM   765  C CG1 . ILE A 1 100 ? -0.571  -2.953  7.685   1.00 12.44 ? 100 ILE X CG1 1 
ATOM   766  C CG2 . ILE A 1 100 ? 0.963   -2.283  5.808   1.00 12.39 ? 100 ILE X CG2 1 
ATOM   767  C CD1 . ILE A 1 100 ? 0.042   -4.199  8.299   1.00 11.70 ? 100 ILE X CD1 1 
ATOM   768  N N   . ASN A 1 101 ? -1.800  -2.824  3.279   1.00 13.27 ? 101 ASN X N   1 
ATOM   769  C CA  . ASN A 1 101 ? -1.750  -2.798  1.816   1.00 13.71 ? 101 ASN X CA  1 
ATOM   770  C C   . ASN A 1 101 ? -2.410  -1.547  1.226   1.00 14.09 ? 101 ASN X C   1 
ATOM   771  O O   . ASN A 1 101 ? -1.803  -0.849  0.404   1.00 14.07 ? 101 ASN X O   1 
ATOM   772  C CB  . ASN A 1 101 ? -2.375  -4.073  1.231   1.00 13.61 ? 101 ASN X CB  1 
ATOM   773  C CG  . ASN A 1 101 ? -1.996  -4.299  -0.228  1.00 13.68 ? 101 ASN X CG  1 
ATOM   774  O OD1 . ASN A 1 101 ? -2.179  -3.423  -1.077  1.00 12.82 ? 101 ASN X OD1 1 
ATOM   775  N ND2 . ASN A 1 101 ? -1.477  -5.487  -0.525  1.00 13.22 ? 101 ASN X ND2 1 
ATOM   776  N N   . MET A 1 102 ? -3.640  -1.265  1.663   1.00 14.50 ? 102 MET X N   1 
ATOM   777  C CA  . MET A 1 102 ? -4.362  -0.065  1.242   1.00 15.16 ? 102 MET X CA  1 
ATOM   778  C C   . MET A 1 102 ? -3.611  1.239   1.539   1.00 15.53 ? 102 MET X C   1 
ATOM   779  O O   . MET A 1 102 ? -3.459  2.080   0.649   1.00 15.41 ? 102 MET X O   1 
ATOM   780  C CB  . MET A 1 102 ? -5.751  -0.019  1.874   1.00 15.14 ? 102 MET X CB  1 
ATOM   781  C CG  . MET A 1 102 ? -6.783  -0.849  1.152   1.00 15.72 ? 102 MET X CG  1 
ATOM   782  S SD  . MET A 1 102 ? -8.435  -0.529  1.780   1.00 16.40 ? 102 MET X SD  1 
ATOM   783  C CE  . MET A 1 102 ? -8.822  1.072   1.076   1.00 15.30 ? 102 MET X CE  1 
ATOM   784  N N   . VAL A 1 103 ? -3.161  1.397   2.785   1.00 15.79 ? 103 VAL X N   1 
ATOM   785  C CA  . VAL A 1 103 ? -2.417  2.590   3.217   1.00 16.55 ? 103 VAL X CA  1 
ATOM   786  C C   . VAL A 1 103 ? -1.122  2.758   2.420   1.00 16.65 ? 103 VAL X C   1 
ATOM   787  O O   . VAL A 1 103 ? -0.781  3.869   2.006   1.00 16.74 ? 103 VAL X O   1 
ATOM   788  C CB  . VAL A 1 103 ? -2.132  2.576   4.750   1.00 16.55 ? 103 VAL X CB  1 
ATOM   789  C CG1 . VAL A 1 103 ? -1.167  3.696   5.147   1.00 16.79 ? 103 VAL X CG1 1 
ATOM   790  C CG2 . VAL A 1 103 ? -3.437  2.717   5.527   1.00 16.82 ? 103 VAL X CG2 1 
ATOM   791  N N   . PHE A 1 104 ? -0.422  1.646   2.198   1.00 17.01 ? 104 PHE X N   1 
ATOM   792  C CA  . PHE A 1 104 ? 0.775   1.618   1.360   1.00 17.38 ? 104 PHE X CA  1 
ATOM   793  C C   . PHE A 1 104 ? 0.507   2.178   -0.043  1.00 17.91 ? 104 PHE X C   1 
ATOM   794  O O   . PHE A 1 104 ? 1.317   2.938   -0.575  1.00 17.91 ? 104 PHE X O   1 
ATOM   795  C CB  . PHE A 1 104 ? 1.326   0.188   1.266   1.00 17.10 ? 104 PHE X CB  1 
ATOM   796  C CG  . PHE A 1 104 ? 2.719   0.100   0.691   1.00 16.95 ? 104 PHE X CG  1 
ATOM   797  C CD1 . PHE A 1 104 ? 2.926   0.106   -0.688  1.00 16.48 ? 104 PHE X CD1 1 
ATOM   798  C CD2 . PHE A 1 104 ? 3.826   -0.004  1.531   1.00 16.87 ? 104 PHE X CD2 1 
ATOM   799  C CE1 . PHE A 1 104 ? 4.213   0.022   -1.223  1.00 16.35 ? 104 PHE X CE1 1 
ATOM   800  C CE2 . PHE A 1 104 ? 5.114   -0.098  1.005   1.00 16.56 ? 104 PHE X CE2 1 
ATOM   801  C CZ  . PHE A 1 104 ? 5.307   -0.082  -0.374  1.00 16.33 ? 104 PHE X CZ  1 
ATOM   802  N N   . GLN A 1 105 ? -0.634  1.808   -0.627  1.00 18.50 ? 105 GLN X N   1 
ATOM   803  C CA  . GLN A 1 105 ? -0.960  2.191   -2.000  1.00 19.21 ? 105 GLN X CA  1 
ATOM   804  C C   . GLN A 1 105 ? -1.484  3.623   -2.141  1.00 20.01 ? 105 GLN X C   1 
ATOM   805  O O   . GLN A 1 105 ? -1.081  4.346   -3.060  1.00 19.90 ? 105 GLN X O   1 
ATOM   806  C CB  . GLN A 1 105 ? -1.963  1.205   -2.618  1.00 18.86 ? 105 GLN X CB  1 
ATOM   807  C CG  . GLN A 1 105 ? -2.224  1.437   -4.114  1.00 18.12 ? 105 GLN X CG  1 
ATOM   808  C CD  . GLN A 1 105 ? -3.399  0.641   -4.659  1.00 17.09 ? 105 GLN X CD  1 
ATOM   809  O OE1 . GLN A 1 105 ? -3.958  -0.215  -3.978  1.00 16.26 ? 105 GLN X OE1 1 
ATOM   810  N NE2 . GLN A 1 105 ? -3.780  0.928   -5.901  1.00 17.06 ? 105 GLN X NE2 1 
ATOM   811  N N   . MET A 1 106 ? -2.383  4.029   -1.250  1.00 20.88 ? 106 MET X N   1 
ATOM   812  C CA  . MET A 1 106 ? -3.100  5.292   -1.442  1.00 22.22 ? 106 MET X CA  1 
ATOM   813  C C   . MET A 1 106 ? -2.850  6.335   -0.358  1.00 22.63 ? 106 MET X C   1 
ATOM   814  O O   . MET A 1 106 ? -3.348  7.457   -0.438  1.00 22.83 ? 106 MET X O   1 
ATOM   815  C CB  . MET A 1 106 ? -4.603  5.037   -1.607  1.00 22.38 ? 106 MET X CB  1 
ATOM   816  C CG  . MET A 1 106 ? -5.320  4.672   -0.323  1.00 23.27 ? 106 MET X CG  1 
ATOM   817  S SD  . MET A 1 106 ? -7.081  4.430   -0.581  1.00 25.69 ? 106 MET X SD  1 
ATOM   818  C CE  . MET A 1 106 ? -7.060  2.863   -1.446  1.00 24.65 ? 106 MET X CE  1 
ATOM   819  N N   . GLY A 1 107 ? -2.079  5.962   0.652   1.00 23.41 ? 107 GLY X N   1 
ATOM   820  C CA  . GLY A 1 107 ? -1.817  6.860   1.755   1.00 24.44 ? 107 GLY X CA  1 
ATOM   821  C C   . GLY A 1 107 ? -2.922  6.841   2.797   1.00 25.27 ? 107 GLY X C   1 
ATOM   822  O O   . GLY A 1 107 ? -4.048  6.375   2.552   1.00 25.03 ? 107 GLY X O   1 
ATOM   823  N N   . GLU A 1 108 ? -2.572  7.357   3.967   1.00 26.12 ? 108 GLU X N   1 
ATOM   824  C CA  . GLU A 1 108 ? -3.443  7.419   5.122   1.00 27.32 ? 108 GLU X CA  1 
ATOM   825  C C   . GLU A 1 108 ? -4.717  8.218   4.883   1.00 27.72 ? 108 GLU X C   1 
ATOM   826  O O   . GLU A 1 108 ? -5.810  7.784   5.253   1.00 27.93 ? 108 GLU X O   1 
ATOM   827  C CB  . GLU A 1 108 ? -2.665  8.078   6.238   1.00 27.52 ? 108 GLU X CB  1 
ATOM   828  C CG  . GLU A 1 108 ? -3.078  7.670   7.594   1.00 28.74 ? 108 GLU X CG  1 
ATOM   829  C CD  . GLU A 1 108 ? -2.101  8.159   8.595   1.00 29.74 ? 108 GLU X CD  1 
ATOM   830  O OE1 . GLU A 1 108 ? -2.358  9.219   9.203   1.00 30.50 ? 108 GLU X OE1 1 
ATOM   831  O OE2 . GLU A 1 108 ? -1.050  7.503   8.736   1.00 30.63 ? 108 GLU X OE2 1 
ATOM   832  N N   . THR A 1 109 ? -4.534  9.124   4.336   1.00 20.00 ? 109 THR X N   1 
ATOM   833  C CA  . THR A 1 109 ? -5.595  10.083  4.061   1.00 20.00 ? 109 THR X CA  1 
ATOM   834  C C   . THR A 1 109 ? -6.610  9.514   3.075   1.00 20.00 ? 109 THR X C   1 
ATOM   835  O O   . THR A 1 109 ? -7.815  9.824   3.165   1.00 29.65 ? 109 THR X O   1 
ATOM   836  C CB  . THR A 1 109 ? -5.008  11.398  3.516   1.00 20.00 ? 109 THR X CB  1 
ATOM   837  O OG1 . THR A 1 109 ? -4.120  11.967  4.486   1.00 20.00 ? 109 THR X OG1 1 
ATOM   838  C CG2 . THR A 1 109 ? -6.096  12.451  3.377   1.00 20.00 ? 109 THR X CG2 1 
ATOM   839  N N   . GLY A 1 110 ? -6.173  8.949   2.072   1.00 29.41 ? 110 GLY X N   1 
ATOM   840  C CA  . GLY A 1 110 ? -7.011  8.248   1.102   1.00 29.66 ? 110 GLY X CA  1 
ATOM   841  C C   . GLY A 1 110 ? -7.922  7.213   1.740   1.00 29.63 ? 110 GLY X C   1 
ATOM   842  O O   . GLY A 1 110 ? -9.102  7.118   1.389   1.00 29.98 ? 110 GLY X O   1 
ATOM   843  N N   . VAL A 1 111 ? -7.376  6.445   2.681   1.00 29.57 ? 111 VAL X N   1 
ATOM   844  C CA  . VAL A 1 111 ? -8.130  5.392   3.370   1.00 29.37 ? 111 VAL X CA  1 
ATOM   845  C C   . VAL A 1 111 ? -9.156  5.963   4.355   1.00 29.45 ? 111 VAL X C   1 
ATOM   846  O O   . VAL A 1 111 ? -10.259 5.423   4.490   1.00 29.34 ? 111 VAL X O   1 
ATOM   847  C CB  . VAL A 1 111 ? -7.200  4.399   4.115   1.00 29.30 ? 111 VAL X CB  1 
ATOM   848  C CG1 . VAL A 1 111 ? -8.010  3.258   4.708   1.00 29.32 ? 111 VAL X CG1 1 
ATOM   849  C CG2 . VAL A 1 111 ? -6.132  3.848   3.184   1.00 29.07 ? 111 VAL X CG2 1 
ATOM   850  N N   . ALA A 1 112 ? -8.791  7.046   5.041   1.00 29.37 ? 112 ALA X N   1 
ATOM   851  C CA  . ALA A 1 112 ? -9.670  7.668   6.034   1.00 29.35 ? 112 ALA X CA  1 
ATOM   852  C C   . ALA A 1 112 ? -11.017 8.120   5.442   1.00 29.15 ? 112 ALA X C   1 
ATOM   853  O O   . ALA A 1 112 ? -12.014 8.214   6.164   1.00 29.50 ? 112 ALA X O   1 
ATOM   854  C CB  . ALA A 1 112 ? -8.956  8.826   6.735   1.00 29.54 ? 112 ALA X CB  1 
ATOM   855  N N   . GLY A 1 113 ? -11.042 8.378   4.131   1.00 28.77 ? 113 GLY X N   1 
ATOM   856  C CA  . GLY A 1 113 ? -12.288 8.678   3.405   1.00 27.87 ? 113 GLY X CA  1 
ATOM   857  C C   . GLY A 1 113 ? -13.152 7.457   3.086   1.00 27.24 ? 113 GLY X C   1 
ATOM   858  O O   . GLY A 1 113 ? -14.182 7.573   2.410   1.00 27.18 ? 113 GLY X O   1 
ATOM   859  N N   . PHE A 1 114 ? -12.725 6.287   3.563   1.00 26.40 ? 114 PHE X N   1 
ATOM   860  C CA  . PHE A 1 114 ? -13.504 5.054   3.456   1.00 25.62 ? 114 PHE X CA  1 
ATOM   861  C C   . PHE A 1 114 ? -14.301 4.858   4.747   1.00 25.10 ? 114 PHE X C   1 
ATOM   862  O O   . PHE A 1 114 ? -14.407 3.744   5.269   1.00 24.86 ? 114 PHE X O   1 
ATOM   863  C CB  . PHE A 1 114 ? -12.585 3.853   3.196   1.00 25.63 ? 114 PHE X CB  1 
ATOM   864  C CG  . PHE A 1 114 ? -12.111 3.741   1.769   1.00 25.90 ? 114 PHE X CG  1 
ATOM   865  C CD1 . PHE A 1 114 ? -11.130 4.597   1.271   1.00 25.89 ? 114 PHE X CD1 1 
ATOM   866  C CD2 . PHE A 1 114 ? -12.638 2.765   0.925   1.00 25.48 ? 114 PHE X CD2 1 
ATOM   867  C CE1 . PHE A 1 114 ? -10.695 4.491   -0.050  1.00 25.94 ? 114 PHE X CE1 1 
ATOM   868  C CE2 . PHE A 1 114 ? -12.210 2.650   -0.396  1.00 25.37 ? 114 PHE X CE2 1 
ATOM   869  C CZ  . PHE A 1 114 ? -11.236 3.514   -0.885  1.00 25.74 ? 114 PHE X CZ  1 
ATOM   870  N N   . THR A 1 115 ? -14.865 5.957   5.243   1.00 24.40 ? 115 THR X N   1 
ATOM   871  C CA  . THR A 1 115 ? -15.558 6.001   6.529   1.00 23.96 ? 115 THR X CA  1 
ATOM   872  C C   . THR A 1 115 ? -16.602 4.896   6.671   1.00 23.25 ? 115 THR X C   1 
ATOM   873  O O   . THR A 1 115 ? -16.674 4.238   7.709   1.00 23.17 ? 115 THR X O   1 
ATOM   874  C CB  . THR A 1 115 ? -16.229 7.378   6.751   1.00 23.89 ? 115 THR X CB  1 
ATOM   875  O OG1 . THR A 1 115 ? -15.259 8.412   6.560   1.00 24.28 ? 115 THR X OG1 1 
ATOM   876  C CG2 . THR A 1 115 ? -16.806 7.489   8.161   1.00 24.47 ? 115 THR X CG2 1 
ATOM   877  N N   . ASN A 1 116 ? -17.399 4.703   5.624   1.00 22.52 ? 116 ASN X N   1 
ATOM   878  C CA  . ASN A 1 116 ? -18.463 3.703   5.627   1.00 22.07 ? 116 ASN X CA  1 
ATOM   879  C C   . ASN A 1 116 ? -17.942 2.267   5.586   1.00 21.34 ? 116 ASN X C   1 
ATOM   880  O O   . ASN A 1 116 ? -18.521 1.380   6.209   1.00 20.96 ? 116 ASN X O   1 
ATOM   881  C CB  . ASN A 1 116 ? -19.464 3.969   4.496   1.00 22.15 ? 116 ASN X CB  1 
ATOM   882  C CG  . ASN A 1 116 ? -20.109 5.350   4.599   1.00 23.00 ? 116 ASN X CG  1 
ATOM   883  O OD1 . ASN A 1 116 ? -20.670 5.710   5.636   1.00 23.66 ? 116 ASN X OD1 1 
ATOM   884  N ND2 . ASN A 1 116 ? -20.028 6.128   3.524   1.00 23.07 ? 116 ASN X ND2 1 
ATOM   885  N N   . SER A 1 117 ? -16.848 2.056   4.854   1.00 20.73 ? 117 SER X N   1 
ATOM   886  C CA  . SER A 1 117 ? -16.173 0.755   4.807   1.00 20.18 ? 117 SER X CA  1 
ATOM   887  C C   . SER A 1 117 ? -15.525 0.444   6.148   1.00 19.91 ? 117 SER X C   1 
ATOM   888  O O   . SER A 1 117 ? -15.642 -0.677  6.654   1.00 19.66 ? 117 SER X O   1 
ATOM   889  C CB  . SER A 1 117 ? -15.114 0.727   3.701   1.00 20.06 ? 117 SER X CB  1 
ATOM   890  O OG  . SER A 1 117 ? -15.704 0.611   2.418   1.00 20.54 ? 117 SER X OG  1 
ATOM   891  N N   . LEU A 1 118 ? -14.854 1.451   6.713   1.00 19.51 ? 118 LEU X N   1 
ATOM   892  C CA  . LEU A 1 118 ? -14.211 1.355   8.028   1.00 19.45 ? 118 LEU X CA  1 
ATOM   893  C C   . LEU A 1 118 ? -15.175 0.933   9.135   1.00 19.29 ? 118 LEU X C   1 
ATOM   894  O O   . LEU A 1 118 ? -14.825 0.110   9.979   1.00 19.36 ? 118 LEU X O   1 
ATOM   895  C CB  . LEU A 1 118 ? -13.519 2.673   8.404   1.00 19.16 ? 118 LEU X CB  1 
ATOM   896  C CG  . LEU A 1 118 ? -12.294 3.093   7.583   1.00 19.13 ? 118 LEU X CG  1 
ATOM   897  C CD1 . LEU A 1 118 ? -11.893 4.530   7.899   1.00 19.04 ? 118 LEU X CD1 1 
ATOM   898  C CD2 . LEU A 1 118 ? -11.124 2.148   7.800   1.00 19.31 ? 118 LEU X CD2 1 
ATOM   899  N N   . ARG A 1 119 ? -16.350 1.533   9.150   1.00 20.00 ? 119 ARG X N   1 
ATOM   900  C CA  . ARG A 1 119 ? -17.394 1.135   10.063  1.00 20.00 ? 119 ARG X CA  1 
ATOM   901  C C   . ARG A 1 119 ? -17.892 -0.315  9.874   1.00 20.00 ? 119 ARG X C   1 
ATOM   902  O O   . ARG A 1 119 ? -18.020 -1.026  10.798  1.00 18.85 ? 119 ARG X O   1 
ATOM   903  C CB  . ARG A 1 119 ? -18.566 2.107   10.032  1.00 20.00 ? 119 ARG X CB  1 
ATOM   904  C CG  . ARG A 1 119 ? -19.621 1.727   10.943  1.00 20.00 ? 119 ARG X CG  1 
ATOM   905  C CD  . ARG A 1 119 ? -20.953 2.292   10.636  1.00 20.00 ? 119 ARG X CD  1 
ATOM   906  N NE  . ARG A 1 119 ? -20.901 3.558   9.979   1.00 20.00 ? 119 ARG X NE  1 
ATOM   907  C CZ  . ARG A 1 119 ? -20.910 3.792   8.674   1.00 20.00 ? 119 ARG X CZ  1 
ATOM   908  N NH1 . ARG A 1 119 ? -20.968 2.815   7.756   1.00 20.00 ? 119 ARG X NH1 1 
ATOM   909  N NH2 . ARG A 1 119 ? -20.840 5.027   8.298   1.00 20.00 ? 119 ARG X NH2 1 
ATOM   910  N N   . MET A 1 120 ? -18.142 -0.699  8.639   1.00 18.61 ? 120 MET X N   1 
ATOM   911  C CA  . MET A 1 120 ? -18.547 -2.066  8.285   1.00 18.43 ? 120 MET X CA  1 
ATOM   912  C C   . MET A 1 120 ? -17.477 -3.099  8.648   1.00 17.97 ? 120 MET X C   1 
ATOM   913  O O   . MET A 1 120 ? -17.804 -4.206  9.071   1.00 17.85 ? 120 MET X O   1 
ATOM   914  C CB  . MET A 1 120 ? -18.885 -2.177  6.798   1.00 18.47 ? 120 MET X CB  1 
ATOM   915  C CG  . MET A 1 120 ? -20.191 -1.524  6.398   1.00 19.51 ? 120 MET X CG  1 
ATOM   916  S SD  . MET A 1 120 ? -20.378 -1.539  4.608   1.00 21.19 ? 120 MET X SD  1 
ATOM   917  C CE  . MET A 1 120 ? -21.676 -0.325  4.378   1.00 20.99 ? 120 MET X CE  1 
ATOM   918  N N   . LEU A 1 121 ? -16.207 -2.728  8.475   1.00 17.59 ? 121 LEU X N   1 
ATOM   919  C CA  . LEU A 1 121 ? -15.093 -3.596  8.863   1.00 17.55 ? 121 LEU X CA  1 
ATOM   920  C C   . LEU A 1 121 ? -14.994 -3.765  10.375  1.00 17.46 ? 121 LEU X C   1 
ATOM   921  O O   . LEU A 1 121 ? -14.722 -4.864  10.853  1.00 17.47 ? 121 LEU X O   1 
ATOM   922  C CB  . LEU A 1 121 ? -13.760 -3.098  8.286   1.00 17.42 ? 121 LEU X CB  1 
ATOM   923  C CG  . LEU A 1 121 ? -13.518 -3.291  6.783   1.00 17.21 ? 121 LEU X CG  1 
ATOM   924  C CD1 . LEU A 1 121 ? -12.330 -2.464  6.338   1.00 16.94 ? 121 LEU X CD1 1 
ATOM   925  C CD2 . LEU A 1 121 ? -13.322 -4.765  6.410   1.00 16.69 ? 121 LEU X CD2 1 
ATOM   926  N N   . GLN A 1 122 ? -15.221 -2.685  11.122  1.00 17.58 ? 122 GLN X N   1 
ATOM   927  C CA  . GLN A 1 122 ? -15.210 -2.755  12.590  1.00 18.07 ? 122 GLN X CA  1 
ATOM   928  C C   . GLN A 1 122 ? -16.390 -3.558  13.161  1.00 17.61 ? 122 GLN X C   1 
ATOM   929  O O   . GLN A 1 122 ? -16.250 -4.228  14.186  1.00 17.86 ? 122 GLN X O   1 
ATOM   930  C CB  . GLN A 1 122 ? -15.138 -1.362  13.223  1.00 18.17 ? 122 GLN X CB  1 
ATOM   931  C CG  . GLN A 1 122 ? -15.017 -1.403  14.752  1.00 20.43 ? 122 GLN X CG  1 
ATOM   932  C CD  . GLN A 1 122 ? -14.139 -0.311  15.325  1.00 23.09 ? 122 GLN X CD  1 
ATOM   933  O OE1 . GLN A 1 122 ? -13.859 0.696   14.669  1.00 24.63 ? 122 GLN X OE1 1 
ATOM   934  N NE2 . GLN A 1 122 ? -13.705 -0.501  16.570  1.00 24.79 ? 122 GLN X NE2 1 
ATOM   935  N N   . GLN A 1 123 ? -17.538 -3.483  12.491  1.00 17.30 ? 123 GLN X N   1 
ATOM   936  C CA  . GLN A 1 123 ? -18.721 -4.264  12.859  1.00 17.36 ? 123 GLN X CA  1 
ATOM   937  C C   . GLN A 1 123 ? -18.602 -5.725  12.405  1.00 17.01 ? 123 GLN X C   1 
ATOM   938  O O   . GLN A 1 123 ? -19.428 -6.564  12.780  1.00 16.87 ? 123 GLN X O   1 
ATOM   939  C CB  . GLN A 1 123 ? -19.974 -3.655  12.236  1.00 17.33 ? 123 GLN X CB  1 
ATOM   940  C CG  . GLN A 1 123 ? -20.412 -2.312  12.806  1.00 18.74 ? 123 GLN X CG  1 
ATOM   941  C CD  . GLN A 1 123 ? -21.435 -1.620  11.913  1.00 19.67 ? 123 GLN X CD  1 
ATOM   942  O OE1 . GLN A 1 123 ? -22.548 -1.317  12.344  1.00 20.81 ? 123 GLN X OE1 1 
ATOM   943  N NE2 . GLN A 1 123 ? -21.066 -1.381  10.659  1.00 19.25 ? 123 GLN X NE2 1 
ATOM   944  N N   . LYS A 1 124 ? -17.583 -6.003  11.586  1.00 16.93 ? 124 LYS X N   1 
ATOM   945  C CA  . LYS A 1 124 ? -17.297 -7.337  11.036  1.00 16.79 ? 124 LYS X CA  1 
ATOM   946  C C   . LYS A 1 124 ? -18.389 -7.819  10.076  1.00 16.88 ? 124 LYS X C   1 
ATOM   947  O O   . LYS A 1 124 ? -18.707 -9.010  10.003  1.00 16.98 ? 124 LYS X O   1 
ATOM   948  C CB  . LYS A 1 124 ? -17.009 -8.360  12.148  1.00 16.63 ? 124 LYS X CB  1 
ATOM   949  C CG  . LYS A 1 124 ? -15.859 -7.952  13.065  1.00 16.31 ? 124 LYS X CG  1 
ATOM   950  C CD  . LYS A 1 124 ? -15.299 -9.132  13.839  1.00 15.11 ? 124 LYS X CD  1 
ATOM   951  C CE  . LYS A 1 124 ? -14.109 -8.720  14.686  1.00 15.31 ? 124 LYS X CE  1 
ATOM   952  N NZ  . LYS A 1 124 ? -12.937 -8.268  13.881  1.00 15.23 ? 124 LYS X NZ  1 
ATOM   953  N N   . ARG A 1 125 ? -18.953 -6.869  9.341   1.00 17.13 ? 125 ARG X N   1 
ATOM   954  C CA  . ARG A 1 125 ? -19.905 -7.155  8.274   1.00 17.45 ? 125 ARG X CA  1 
ATOM   955  C C   . ARG A 1 125 ? -19.103 -7.255  6.986   1.00 17.11 ? 125 ARG X C   1 
ATOM   956  O O   . ARG A 1 125 ? -19.041 -6.309  6.197   1.00 17.12 ? 125 ARG X O   1 
ATOM   957  C CB  . ARG A 1 125 ? -20.966 -6.053  8.201   1.00 17.76 ? 125 ARG X CB  1 
ATOM   958  C CG  . ARG A 1 125 ? -21.834 -5.976  9.442   1.00 19.17 ? 125 ARG X CG  1 
ATOM   959  C CD  . ARG A 1 125 ? -22.101 -4.541  9.816   1.00 22.48 ? 125 ARG X CD  1 
ATOM   960  N NE  . ARG A 1 125 ? -23.492 -4.132  9.646   1.00 24.84 ? 125 ARG X NE  1 
ATOM   961  C CZ  . ARG A 1 125 ? -24.380 -4.044  10.637  1.00 25.86 ? 125 ARG X CZ  1 
ATOM   962  N NH1 . ARG A 1 125 ? -24.044 -4.358  11.882  1.00 26.25 ? 125 ARG X NH1 1 
ATOM   963  N NH2 . ARG A 1 125 ? -25.618 -3.652  10.380  1.00 26.74 ? 125 ARG X NH2 1 
ATOM   964  N N   . TRP A 1 126 ? -18.478 -8.416  6.802   1.00 16.93 ? 126 TRP X N   1 
ATOM   965  C CA  . TRP A 1 126 ? -17.429 -8.609  5.801   1.00 16.83 ? 126 TRP X CA  1 
ATOM   966  C C   . TRP A 1 126 ? -17.888 -8.465  4.354   1.00 16.93 ? 126 TRP X C   1 
ATOM   967  O O   . TRP A 1 126 ? -17.198 -7.835  3.552   1.00 17.08 ? 126 TRP X O   1 
ATOM   968  C CB  . TRP A 1 126 ? -16.731 -9.958  5.996   1.00 16.57 ? 126 TRP X CB  1 
ATOM   969  C CG  . TRP A 1 126 ? -16.169 -10.196 7.378   1.00 15.92 ? 126 TRP X CG  1 
ATOM   970  C CD1 . TRP A 1 126 ? -16.413 -11.276 8.180   1.00 15.40 ? 126 TRP X CD1 1 
ATOM   971  C CD2 . TRP A 1 126 ? -15.270 -9.348  8.113   1.00 15.29 ? 126 TRP X CD2 1 
ATOM   972  N NE1 . TRP A 1 126 ? -15.728 -11.154 9.362   1.00 15.03 ? 126 TRP X NE1 1 
ATOM   973  C CE2 . TRP A 1 126 ? -15.020 -9.982  9.351   1.00 15.00 ? 126 TRP X CE2 1 
ATOM   974  C CE3 . TRP A 1 126 ? -14.658 -8.112  7.848   1.00 14.91 ? 126 TRP X CE3 1 
ATOM   975  C CZ2 . TRP A 1 126 ? -14.173 -9.431  10.320  1.00 15.00 ? 126 TRP X CZ2 1 
ATOM   976  C CZ3 . TRP A 1 126 ? -13.828 -7.558  8.813   1.00 14.88 ? 126 TRP X CZ3 1 
ATOM   977  C CH2 . TRP A 1 126 ? -13.590 -8.221  10.037  1.00 15.57 ? 126 TRP X CH2 1 
ATOM   978  N N   . ASP A 1 127 ? -19.037 -9.055  4.027   1.00 16.84 ? 127 ASP X N   1 
ATOM   979  C CA  . ASP A 1 127 ? -19.582 -8.987  2.676   1.00 16.82 ? 127 ASP X CA  1 
ATOM   980  C C   . ASP A 1 127 ? -20.009 -7.569  2.321   1.00 16.96 ? 127 ASP X C   1 
ATOM   981  O O   . ASP A 1 127 ? -19.750 -7.105  1.209   1.00 16.93 ? 127 ASP X O   1 
ATOM   982  C CB  . ASP A 1 127 ? -20.743 -9.970  2.492   1.00 16.72 ? 127 ASP X CB  1 
ATOM   983  C CG  . ASP A 1 127 ? -20.273 -11.395 2.229   1.00 17.01 ? 127 ASP X CG  1 
ATOM   984  O OD1 . ASP A 1 127 ? -19.181 -11.776 2.702   1.00 17.67 ? 127 ASP X OD1 1 
ATOM   985  O OD2 . ASP A 1 127 ? -21.004 -12.145 1.548   1.00 17.61 ? 127 ASP X OD2 1 
ATOM   986  N N   . GLU A 1 128 ? -20.643 -6.903  3.248   1.00 17.04 ? 128 GLU X N   1 
ATOM   987  C CA  . GLU A 1 128 ? -21.015 -5.531  3.112   1.00 17.27 ? 128 GLU X CA  1 
ATOM   988  C C   . GLU A 1 128 ? -19.851 -4.566  2.923   1.00 16.90 ? 128 GLU X C   1 
ATOM   989  O O   . GLU A 1 128 ? -19.856 -3.742  2.068   1.00 16.75 ? 128 GLU X O   1 
ATOM   990  C CB  . GLU A 1 128 ? -21.925 -5.117  4.246   1.00 17.54 ? 128 GLU X CB  1 
ATOM   991  C CG  . GLU A 1 128 ? -23.236 -5.789  4.208   1.00 19.66 ? 128 GLU X CG  1 
ATOM   992  C CD  . GLU A 1 128 ? -23.997 -5.754  5.501   1.00 22.33 ? 128 GLU X CD  1 
ATOM   993  O OE1 . GLU A 1 128 ? -24.701 -4.794  5.751   1.00 23.18 ? 128 GLU X OE1 1 
ATOM   994  O OE2 . GLU A 1 128 ? -23.908 -6.665  6.263   1.00 24.30 ? 128 GLU X OE2 1 
ATOM   995  N N   . ALA A 1 129 ? -18.843 -4.747  3.738   1.00 16.39 ? 129 ALA X N   1 
ATOM   996  C CA  . ALA A 1 129 ? -17.608 -3.975  3.630   1.00 15.99 ? 129 ALA X CA  1 
ATOM   997  C C   . ALA A 1 129 ? -16.966 -4.180  2.258   1.00 15.91 ? 129 ALA X C   1 
ATOM   998  O O   . ALA A 1 129 ? -16.542 -3.219  1.618   1.00 15.92 ? 129 ALA X O   1 
ATOM   999  C CB  . ALA A 1 129 ? -16.640 -4.353  4.739   1.00 16.09 ? 129 ALA X CB  1 
ATOM   1000 N N   . ALA A 1 130 ? -16.917 -5.433  1.810   1.00 15.70 ? 130 ALA X N   1 
ATOM   1001 C CA  . ALA A 1 130 ? -16.350 -5.785  0.507   1.00 15.54 ? 130 ALA X CA  1 
ATOM   1002 C C   . ALA A 1 130 ? -17.093 -5.105  -0.645  1.00 15.28 ? 130 ALA X C   1 
ATOM   1003 O O   . ALA A 1 130 ? -16.467 -4.633  -1.592  1.00 15.23 ? 130 ALA X O   1 
ATOM   1004 C CB  . ALA A 1 130 ? -16.335 -7.306  0.322   1.00 15.34 ? 130 ALA X CB  1 
ATOM   1005 N N   . VAL A 1 131 ? -18.424 -5.060  -0.551  1.00 15.09 ? 131 VAL X N   1 
ATOM   1006 C CA  . VAL A 1 131 ? -19.267 -4.350  -1.519  1.00 15.01 ? 131 VAL X CA  1 
ATOM   1007 C C   . VAL A 1 131 ? -18.980 -2.835  -1.491  1.00 14.82 ? 131 VAL X C   1 
ATOM   1008 O O   . VAL A 1 131 ? -18.807 -2.207  -2.540  1.00 15.02 ? 131 VAL X O   1 
ATOM   1009 C CB  . VAL A 1 131 ? -20.788 -4.662  -1.292  1.00 15.06 ? 131 VAL X CB  1 
ATOM   1010 C CG1 . VAL A 1 131 ? -21.696 -3.739  -2.117  1.00 14.97 ? 131 VAL X CG1 1 
ATOM   1011 C CG2 . VAL A 1 131 ? -21.095 -6.128  -1.614  1.00 14.92 ? 131 VAL X CG2 1 
ATOM   1012 N N   . ASN A 1 132 ? -18.914 -2.263  -0.292  1.00 14.67 ? 132 ASN X N   1 
ATOM   1013 C CA  . ASN A 1 132 ? -18.668 -0.831  -0.125  1.00 14.38 ? 132 ASN X CA  1 
ATOM   1014 C C   . ASN A 1 132 ? -17.269 -0.405  -0.583  1.00 14.42 ? 132 ASN X C   1 
ATOM   1015 O O   . ASN A 1 132 ? -17.105 0.677   -1.152  1.00 14.26 ? 132 ASN X O   1 
ATOM   1016 C CB  . ASN A 1 132 ? -18.903 -0.406  1.327   1.00 14.24 ? 132 ASN X CB  1 
ATOM   1017 C CG  . ASN A 1 132 ? -18.941 1.097   1.493   1.00 14.04 ? 132 ASN X CG  1 
ATOM   1018 O OD1 . ASN A 1 132 ? -17.939 1.713   1.844   1.00 14.77 ? 132 ASN X OD1 1 
ATOM   1019 N ND2 . ASN A 1 132 ? -20.094 1.699   1.222   1.00 13.90 ? 132 ASN X ND2 1 
ATOM   1020 N N   . LEU A 1 133 ? -16.276 -1.263  -0.343  1.00 14.25 ? 133 LEU X N   1 
ATOM   1021 C CA  . LEU A 1 133 ? -14.890 -0.982  -0.729  1.00 14.45 ? 133 LEU X CA  1 
ATOM   1022 C C   . LEU A 1 133 ? -14.712 -0.864  -2.243  1.00 14.45 ? 133 LEU X C   1 
ATOM   1023 O O   . LEU A 1 133 ? -13.894 -0.070  -2.717  1.00 14.57 ? 133 LEU X O   1 
ATOM   1024 C CB  . LEU A 1 133 ? -13.933 -2.044  -0.157  1.00 14.29 ? 133 LEU X CB  1 
ATOM   1025 C CG  . LEU A 1 133 ? -13.503 -1.943  1.318   1.00 14.39 ? 133 LEU X CG  1 
ATOM   1026 C CD1 . LEU A 1 133 ? -13.022 -3.294  1.846   1.00 13.68 ? 133 LEU X CD1 1 
ATOM   1027 C CD2 . LEU A 1 133 ? -12.439 -0.870  1.529   1.00 13.85 ? 133 LEU X CD2 1 
ATOM   1028 N N   . ALA A 1 134 ? -15.483 -1.651  -2.991  1.00 14.44 ? 134 ALA X N   1 
ATOM   1029 C CA  . ALA A 1 134 ? -15.393 -1.680  -4.456  1.00 14.56 ? 134 ALA X CA  1 
ATOM   1030 C C   . ALA A 1 134 ? -16.068 -0.482  -5.131  1.00 14.52 ? 134 ALA X C   1 
ATOM   1031 O O   . ALA A 1 134 ? -15.839 -0.219  -6.317  1.00 14.87 ? 134 ALA X O   1 
ATOM   1032 C CB  . ALA A 1 134 ? -15.939 -3.002  -5.003  1.00 14.28 ? 134 ALA X CB  1 
ATOM   1033 N N   . LYS A 1 135 ? -16.891 0.239   -4.372  1.00 14.49 ? 135 LYS X N   1 
ATOM   1034 C CA  . LYS A 1 135 ? -17.535 1.465   -4.837  1.00 14.52 ? 135 LYS X CA  1 
ATOM   1035 C C   . LYS A 1 135 ? -16.579 2.647   -4.654  1.00 14.44 ? 135 LYS X C   1 
ATOM   1036 O O   . LYS A 1 135 ? -16.831 3.548   -3.856  1.00 14.51 ? 135 LYS X O   1 
ATOM   1037 C CB  . LYS A 1 135 ? -18.850 1.701   -4.075  1.00 14.49 ? 135 LYS X CB  1 
ATOM   1038 C CG  . LYS A 1 135 ? -19.912 0.635   -4.309  1.00 15.28 ? 135 LYS X CG  1 
ATOM   1039 C CD  . LYS A 1 135 ? -21.165 0.894   -3.479  1.00 17.45 ? 135 LYS X CD  1 
ATOM   1040 C CE  . LYS A 1 135 ? -22.266 -0.114  -3.818  1.00 18.55 ? 135 LYS X CE  1 
ATOM   1041 N NZ  . LYS A 1 135 ? -23.389 -0.094  -2.823  1.00 18.97 ? 135 LYS X NZ  1 
ATOM   1042 N N   . SER A 1 136 ? -15.476 2.630   -5.398  1.00 14.34 ? 136 SER X N   1 
ATOM   1043 C CA  . SER A 1 136 ? -14.376 3.564   -5.180  1.00 14.48 ? 136 SER X CA  1 
ATOM   1044 C C   . SER A 1 136 ? -13.552 3.794   -6.444  1.00 14.55 ? 136 SER X C   1 
ATOM   1045 O O   . SER A 1 136 ? -13.531 2.948   -7.341  1.00 14.31 ? 136 SER X O   1 
ATOM   1046 C CB  . SER A 1 136 ? -13.457 3.035   -4.078  1.00 14.20 ? 136 SER X CB  1 
ATOM   1047 O OG  . SER A 1 136 ? -12.894 1.787   -4.446  1.00 14.35 ? 136 SER X OG  1 
ATOM   1048 N N   . ARG A 1 137 ? -12.873 4.942   -6.496  1.00 14.67 ? 137 ARG X N   1 
ATOM   1049 C CA  . ARG A 1 137 ? -11.895 5.213   -7.545  1.00 14.78 ? 137 ARG X CA  1 
ATOM   1050 C C   . ARG A 1 137 ? -10.799 4.152   -7.510  1.00 14.67 ? 137 ARG X C   1 
ATOM   1051 O O   . ARG A 1 137 ? -10.374 3.661   -8.557  1.00 14.68 ? 137 ARG X O   1 
ATOM   1052 C CB  . ARG A 1 137 ? -11.272 6.610   -7.395  1.00 14.84 ? 137 ARG X CB  1 
ATOM   1053 C CG  . ARG A 1 137 ? -10.308 6.936   -8.538  1.00 14.92 ? 137 ARG X CG  1 
ATOM   1054 C CD  . ARG A 1 137 ? -9.578  8.255   -8.384  1.00 15.85 ? 137 ARG X CD  1 
ATOM   1055 N NE  . ARG A 1 137 ? -8.720  8.506   -9.547  1.00 16.77 ? 137 ARG X NE  1 
ATOM   1056 C CZ  . ARG A 1 137 ? -7.459  8.089   -9.657  1.00 17.32 ? 137 ARG X CZ  1 
ATOM   1057 N NH1 . ARG A 1 137 ? -6.888  7.402   -8.671  1.00 17.10 ? 137 ARG X NH1 1 
ATOM   1058 N NH2 . ARG A 1 137 ? -6.759  8.358   -10.755 1.00 17.90 ? 137 ARG X NH2 1 
ATOM   1059 N N   . TRP A 1 138 ? -10.358 3.811   -6.296  1.00 14.53 ? 138 TRP X N   1 
ATOM   1060 C CA  . TRP A 1 138 ? -9.331  2.791   -6.061  1.00 14.49 ? 138 TRP X CA  1 
ATOM   1061 C C   . TRP A 1 138 ? -9.611  1.488   -6.803  1.00 14.67 ? 138 TRP X C   1 
ATOM   1062 O O   . TRP A 1 138 ? -8.744  0.972   -7.511  1.00 15.23 ? 138 TRP X O   1 
ATOM   1063 C CB  . TRP A 1 138 ? -9.189  2.538   -4.557  1.00 14.18 ? 138 TRP X CB  1 
ATOM   1064 C CG  . TRP A 1 138 ? -8.425  1.294   -4.159  1.00 13.72 ? 138 TRP X CG  1 
ATOM   1065 C CD1 . TRP A 1 138 ? -7.132  0.981   -4.477  1.00 13.33 ? 138 TRP X CD1 1 
ATOM   1066 C CD2 . TRP A 1 138 ? -8.899  0.230   -3.320  1.00 13.28 ? 138 TRP X CD2 1 
ATOM   1067 N NE1 . TRP A 1 138 ? -6.782  -0.226  -3.909  1.00 12.94 ? 138 TRP X NE1 1 
ATOM   1068 C CE2 . TRP A 1 138 ? -7.847  -0.704  -3.191  1.00 12.97 ? 138 TRP X CE2 1 
ATOM   1069 C CE3 . TRP A 1 138 ? -10.116 -0.030  -2.675  1.00 13.90 ? 138 TRP X CE3 1 
ATOM   1070 C CZ2 . TRP A 1 138 ? -7.972  -1.875  -2.435  1.00 13.26 ? 138 TRP X CZ2 1 
ATOM   1071 C CZ3 . TRP A 1 138 ? -10.242 -1.202  -1.925  1.00 13.26 ? 138 TRP X CZ3 1 
ATOM   1072 C CH2 . TRP A 1 138 ? -9.174  -2.106  -1.814  1.00 13.28 ? 138 TRP X CH2 1 
ATOM   1073 N N   . TYR A 1 139 ? -10.823 0.969   -6.642  1.00 14.82 ? 139 TYR X N   1 
ATOM   1074 C CA  . TYR A 1 139 ? -11.236 -0.259  -7.305  1.00 15.14 ? 139 TYR X CA  1 
ATOM   1075 C C   . TYR A 1 139 ? -11.265 -0.093  -8.819  1.00 14.86 ? 139 TYR X C   1 
ATOM   1076 O O   . TYR A 1 139 ? -10.794 -0.961  -9.548  1.00 14.54 ? 139 TYR X O   1 
ATOM   1077 C CB  . TYR A 1 139 ? -12.606 -0.705  -6.798  1.00 15.31 ? 139 TYR X CB  1 
ATOM   1078 C CG  . TYR A 1 139 ? -13.134 -1.953  -7.469  1.00 17.30 ? 139 TYR X CG  1 
ATOM   1079 C CD1 . TYR A 1 139 ? -12.777 -3.217  -7.004  1.00 18.13 ? 139 TYR X CD1 1 
ATOM   1080 C CD2 . TYR A 1 139 ? -13.997 -1.868  -8.566  1.00 18.93 ? 139 TYR X CD2 1 
ATOM   1081 C CE1 . TYR A 1 139 ? -13.253 -4.366  -7.609  1.00 20.09 ? 139 TYR X CE1 1 
ATOM   1082 C CE2 . TYR A 1 139 ? -14.484 -3.015  -9.183  1.00 20.88 ? 139 TYR X CE2 1 
ATOM   1083 C CZ  . TYR A 1 139 ? -14.104 -4.262  -8.697  1.00 21.04 ? 139 TYR X CZ  1 
ATOM   1084 O OH  . TYR A 1 139 ? -14.582 -5.407  -9.292  1.00 21.91 ? 139 TYR X OH  1 
ATOM   1085 N N   . ASN A 1 140 ? -11.822 1.024   -9.285  1.00 14.74 ? 140 ASN X N   1 
ATOM   1086 C CA  . ASN A 1 140 ? -11.971 1.266   -10.714 1.00 14.61 ? 140 ASN X CA  1 
ATOM   1087 C C   . ASN A 1 140 ? -10.646 1.455   -11.444 1.00 14.54 ? 140 ASN X C   1 
ATOM   1088 O O   . ASN A 1 140 ? -10.509 1.024   -12.586 1.00 14.38 ? 140 ASN X O   1 
ATOM   1089 C CB  . ASN A 1 140 ? -12.915 2.441   -10.972 1.00 14.85 ? 140 ASN X CB  1 
ATOM   1090 C CG  . ASN A 1 140 ? -14.373 2.067   -10.773 1.00 15.70 ? 140 ASN X CG  1 
ATOM   1091 O OD1 . ASN A 1 140 ? -14.970 2.363   -9.731  1.00 16.02 ? 140 ASN X OD1 1 
ATOM   1092 N ND2 . ASN A 1 140 ? -14.948 1.387   -11.759 1.00 16.00 ? 140 ASN X ND2 1 
ATOM   1093 N N   . GLN A 1 141 ? -9.673  2.075   -10.779 1.00 14.46 ? 141 GLN X N   1 
ATOM   1094 C CA  . GLN A 1 141 ? -8.358  2.298   -11.389 1.00 14.65 ? 141 GLN X CA  1 
ATOM   1095 C C   . GLN A 1 141 ? -7.449  1.069   -11.287 1.00 14.57 ? 141 GLN X C   1 
ATOM   1096 O O   . GLN A 1 141 ? -6.710  0.756   -12.227 1.00 14.68 ? 141 GLN X O   1 
ATOM   1097 C CB  . GLN A 1 141 ? -7.664  3.539   -10.802 1.00 14.55 ? 141 GLN X CB  1 
ATOM   1098 C CG  . GLN A 1 141 ? -8.441  4.859   -10.960 1.00 14.47 ? 141 GLN X CG  1 
ATOM   1099 C CD  . GLN A 1 141 ? -8.826  5.187   -12.400 1.00 14.68 ? 141 GLN X CD  1 
ATOM   1100 O OE1 . GLN A 1 141 ? -9.965  5.566   -12.671 1.00 14.31 ? 141 GLN X OE1 1 
ATOM   1101 N NE2 . GLN A 1 141 ? -7.882  5.040   -13.324 1.00 14.49 ? 141 GLN X NE2 1 
ATOM   1102 N N   . THR A 1 142 ? -7.501  0.376   -10.152 1.00 14.54 ? 142 THR X N   1 
ATOM   1103 C CA  . THR A 1 142 ? -6.721  -0.854  -9.968  1.00 14.54 ? 142 THR X CA  1 
ATOM   1104 C C   . THR A 1 142 ? -7.613  -2.020  -9.529  1.00 14.62 ? 142 THR X C   1 
ATOM   1105 O O   . THR A 1 142 ? -7.514  -2.468  -8.384  1.00 14.75 ? 142 THR X O   1 
ATOM   1106 C CB  . THR A 1 142 ? -5.533  -0.665  -8.965  1.00 14.64 ? 142 THR X CB  1 
ATOM   1107 O OG1 . THR A 1 142 ? -6.014  -0.151  -7.715  1.00 14.69 ? 142 THR X OG1 1 
ATOM   1108 C CG2 . THR A 1 142 ? -4.473  0.279   -9.530  1.00 14.26 ? 142 THR X CG2 1 
ATOM   1109 N N   . PRO A 1 143 ? -8.483  -2.520  -10.440 1.00 14.66 ? 143 PRO X N   1 
ATOM   1110 C CA  . PRO A 1 143 ? -9.468  -3.551  -10.071 1.00 14.57 ? 143 PRO X CA  1 
ATOM   1111 C C   . PRO A 1 143 ? -8.890  -4.892  -9.615  1.00 14.68 ? 143 PRO X C   1 
ATOM   1112 O O   . PRO A 1 143 ? -9.385  -5.453  -8.648  1.00 14.43 ? 143 PRO X O   1 
ATOM   1113 C CB  . PRO A 1 143 ? -10.315 -3.720  -11.341 1.00 14.84 ? 143 PRO X CB  1 
ATOM   1114 C CG  . PRO A 1 143 ? -9.489  -3.171  -12.450 1.00 14.39 ? 143 PRO X CG  1 
ATOM   1115 C CD  . PRO A 1 143 ? -8.608  -2.123  -11.857 1.00 14.49 ? 143 PRO X CD  1 
ATOM   1116 N N   . ASN A 1 144 ? -7.863  -5.398  -10.297 1.00 14.60 ? 144 ASN X N   1 
ATOM   1117 C CA  . ASN A 1 144 ? -7.306  -6.702  -9.943  1.00 14.74 ? 144 ASN X CA  1 
ATOM   1118 C C   . ASN A 1 144 ? -6.657  -6.723  -8.559  1.00 14.46 ? 144 ASN X C   1 
ATOM   1119 O O   . ASN A 1 144 ? -6.895  -7.638  -7.770  1.00 14.09 ? 144 ASN X O   1 
ATOM   1120 C CB  . ASN A 1 144 ? -6.347  -7.201  -11.026 1.00 14.78 ? 144 ASN X CB  1 
ATOM   1121 C CG  . ASN A 1 144 ? -7.074  -7.601  -12.306 1.00 15.99 ? 144 ASN X CG  1 
ATOM   1122 O OD1 . ASN A 1 144 ? -8.306  -7.552  -12.382 1.00 17.09 ? 144 ASN X OD1 1 
ATOM   1123 N ND2 . ASN A 1 144 ? -6.315  -8.006  -13.311 1.00 16.99 ? 144 ASN X ND2 1 
ATOM   1124 N N   . ARG A 1 145 ? -5.852  -5.702  -8.275  1.00 14.53 ? 145 ARG X N   1 
ATOM   1125 C CA  . ARG A 1 145 ? -5.234  -5.534  -6.966  1.00 14.47 ? 145 ARG X CA  1 
ATOM   1126 C C   . ARG A 1 145 ? -6.288  -5.295  -5.882  1.00 14.59 ? 145 ARG X C   1 
ATOM   1127 O O   . ARG A 1 145 ? -6.226  -5.902  -4.809  1.00 14.62 ? 145 ARG X O   1 
ATOM   1128 C CB  . ARG A 1 145 ? -4.247  -4.368  -6.992  1.00 14.51 ? 145 ARG X CB  1 
ATOM   1129 C CG  . ARG A 1 145 ? -3.296  -4.355  -5.809  1.00 14.89 ? 145 ARG X CG  1 
ATOM   1130 C CD  . ARG A 1 145 ? -3.129  -2.965  -5.291  1.00 15.57 ? 145 ARG X CD  1 
ATOM   1131 N NE  . ARG A 1 145 ? -2.278  -2.906  -4.104  1.00 15.12 ? 145 ARG X NE  1 
ATOM   1132 C CZ  . ARG A 1 145 ? -1.093  -2.301  -4.056  1.00 14.87 ? 145 ARG X CZ  1 
ATOM   1133 N NH1 . ARG A 1 145 ? -0.594  -1.698  -5.132  1.00 13.01 ? 145 ARG X NH1 1 
ATOM   1134 N NH2 . ARG A 1 145 ? -0.403  -2.296  -2.923  1.00 13.93 ? 145 ARG X NH2 1 
ATOM   1135 N N   . ALA A 1 146 ? -7.241  -4.404  -6.169  1.00 14.70 ? 146 ALA X N   1 
ATOM   1136 C CA  . ALA A 1 146 ? -8.327  -4.088  -5.237  1.00 14.89 ? 146 ALA X CA  1 
ATOM   1137 C C   . ALA A 1 146 ? -9.185  -5.313  -4.924  1.00 15.03 ? 146 ALA X C   1 
ATOM   1138 O O   . ALA A 1 146 ? -9.559  -5.518  -3.769  1.00 14.72 ? 146 ALA X O   1 
ATOM   1139 C CB  . ALA A 1 146 ? -9.191  -2.947  -5.764  1.00 14.81 ? 146 ALA X CB  1 
ATOM   1140 N N   . LYS A 1 147 ? -9.479  -6.122  -5.946  1.00 15.10 ? 147 LYS X N   1 
ATOM   1141 C CA  . LYS A 1 147 ? -10.203 -7.384  -5.751  1.00 15.58 ? 147 LYS X CA  1 
ATOM   1142 C C   . LYS A 1 147 ? -9.490  -8.304  -4.763  1.00 15.36 ? 147 LYS X C   1 
ATOM   1143 O O   . LYS A 1 147 ? -10.137 -8.901  -3.908  1.00 15.48 ? 147 LYS X O   1 
ATOM   1144 C CB  . LYS A 1 147 ? -10.398 -8.132  -7.072  1.00 15.82 ? 147 LYS X CB  1 
ATOM   1145 C CG  . LYS A 1 147 ? -11.523 -7.628  -7.941  1.00 16.54 ? 147 LYS X CG  1 
ATOM   1146 C CD  . LYS A 1 147 ? -11.805 -8.637  -9.053  1.00 18.87 ? 147 LYS X CD  1 
ATOM   1147 C CE  . LYS A 1 147 ? -11.991 -7.957  -10.402 1.00 20.45 ? 147 LYS X CE  1 
ATOM   1148 N NZ  . LYS A 1 147 ? -13.167 -7.046  -10.429 1.00 21.87 ? 147 LYS X NZ  1 
ATOM   1149 N N   . ARG A 1 148 ? -8.165  -8.423  -4.901  1.00 15.41 ? 148 ARG X N   1 
ATOM   1150 C CA  . ARG A 1 148 ? -7.347  -9.247  -3.999  1.00 15.05 ? 148 ARG X CA  1 
ATOM   1151 C C   . ARG A 1 148 ? -7.392  -8.743  -2.559  1.00 14.91 ? 148 ARG X C   1 
ATOM   1152 O O   . ARG A 1 148 ? -7.541  -9.535  -1.626  1.00 14.93 ? 148 ARG X O   1 
ATOM   1153 C CB  . ARG A 1 148 ? -5.888  -9.318  -4.474  1.00 15.06 ? 148 ARG X CB  1 
ATOM   1154 C CG  . ARG A 1 148 ? -5.655  -10.164 -5.723  1.00 15.04 ? 148 ARG X CG  1 
ATOM   1155 C CD  . ARG A 1 148 ? -4.170  -10.436 -5.956  1.00 15.02 ? 148 ARG X CD  1 
ATOM   1156 N NE  . ARG A 1 148 ? -3.398  -9.232  -6.273  1.00 15.24 ? 148 ARG X NE  1 
ATOM   1157 C CZ  . ARG A 1 148 ? -3.227  -8.740  -7.501  1.00 15.67 ? 148 ARG X CZ  1 
ATOM   1158 N NH1 . ARG A 1 148 ? -3.786  -9.332  -8.553  1.00 15.20 ? 148 ARG X NH1 1 
ATOM   1159 N NH2 . ARG A 1 148 ? -2.507  -7.643  -7.677  1.00 15.56 ? 148 ARG X NH2 1 
ATOM   1160 N N   . VAL A 1 149 ? -7.256  -7.427  -2.391  1.00 14.76 ? 149 VAL X N   1 
ATOM   1161 C CA  . VAL A 1 149 ? -7.247  -6.795  -1.065  1.00 14.68 ? 149 VAL X CA  1 
ATOM   1162 C C   . VAL A 1 149 ? -8.629  -6.912  -0.420  1.00 14.64 ? 149 VAL X C   1 
ATOM   1163 O O   . VAL A 1 149 ? -8.738  -7.254  0.759   1.00 14.65 ? 149 VAL X O   1 
ATOM   1164 C CB  . VAL A 1 149 ? -6.766  -5.315  -1.132  1.00 14.50 ? 149 VAL X CB  1 
ATOM   1165 C CG1 . VAL A 1 149 ? -6.937  -4.608  0.214   1.00 14.78 ? 149 VAL X CG1 1 
ATOM   1166 C CG2 . VAL A 1 149 ? -5.308  -5.240  -1.598  1.00 14.13 ? 149 VAL X CG2 1 
ATOM   1167 N N   . ILE A 1 150 ? -9.670  -6.660  -1.216  1.00 14.63 ? 150 ILE X N   1 
ATOM   1168 C CA  . ILE A 1 150 ? -11.065 -6.793  -0.784  1.00 14.91 ? 150 ILE X CA  1 
ATOM   1169 C C   . ILE A 1 150 ? -11.426 -8.238  -0.391  1.00 15.00 ? 150 ILE X C   1 
ATOM   1170 O O   . ILE A 1 150 ? -12.138 -8.457  0.595   1.00 15.15 ? 150 ILE X O   1 
ATOM   1171 C CB  . ILE A 1 150 ? -12.044 -6.246  -1.867  1.00 14.85 ? 150 ILE X CB  1 
ATOM   1172 C CG1 . ILE A 1 150 ? -12.041 -4.711  -1.866  1.00 14.96 ? 150 ILE X CG1 1 
ATOM   1173 C CG2 . ILE A 1 150 ? -13.458 -6.763  -1.644  1.00 14.99 ? 150 ILE X CG2 1 
ATOM   1174 C CD1 . ILE A 1 150 ? -12.605 -4.081  -3.134  1.00 14.48 ? 150 ILE X CD1 1 
ATOM   1175 N N   . THR A 1 151 ? -10.936 -9.210  -1.164  1.00 15.07 ? 151 THR X N   1 
ATOM   1176 C CA  . THR A 1 151 ? -11.143 -10.637 -0.870  1.00 15.14 ? 151 THR X CA  1 
ATOM   1177 C C   . THR A 1 151 ? -10.492 -11.015 0.463   1.00 14.90 ? 151 THR X C   1 
ATOM   1178 O O   . THR A 1 151 ? -11.048 -11.793 1.245   1.00 14.90 ? 151 THR X O   1 
ATOM   1179 C CB  . THR A 1 151 ? -10.623 -11.528 -2.027  1.00 15.06 ? 151 THR X CB  1 
ATOM   1180 O OG1 . THR A 1 151 ? -11.491 -11.381 -3.154  1.00 16.12 ? 151 THR X OG1 1 
ATOM   1181 C CG2 . THR A 1 151 ? -10.578 -13.003 -1.641  1.00 15.80 ? 151 THR X CG2 1 
ATOM   1182 N N   . THR A 1 152 ? -9.320  -10.439 0.715   1.00 14.71 ? 152 THR X N   1 
ATOM   1183 C CA  . THR A 1 152 ? -8.610  -10.622 1.975   1.00 14.52 ? 152 THR X CA  1 
ATOM   1184 C C   . THR A 1 152 ? -9.424  -10.051 3.144   1.00 14.39 ? 152 THR X C   1 
ATOM   1185 O O   . THR A 1 152 ? -9.534  -10.701 4.188   1.00 14.09 ? 152 THR X O   1 
ATOM   1186 C CB  . THR A 1 152 ? -7.189  -10.011 1.910   1.00 14.36 ? 152 THR X CB  1 
ATOM   1187 O OG1 . THR A 1 152 ? -6.552  -10.441 0.702   1.00 14.09 ? 152 THR X OG1 1 
ATOM   1188 C CG2 . THR A 1 152 ? -6.340  -10.452 3.102   1.00 14.33 ? 152 THR X CG2 1 
ATOM   1189 N N   . PHE A 1 153 ? -10.001 -8.860  2.948   1.00 14.30 ? 153 PHE X N   1 
ATOM   1190 C CA  . PHE A 1 153 ? -10.923 -8.247  3.916   1.00 14.43 ? 153 PHE X CA  1 
ATOM   1191 C C   . PHE A 1 153 ? -12.201 -9.062  4.112   1.00 14.68 ? 153 PHE X C   1 
ATOM   1192 O O   . PHE A 1 153 ? -12.677 -9.204  5.235   1.00 14.99 ? 153 PHE X O   1 
ATOM   1193 C CB  . PHE A 1 153 ? -11.316 -6.822  3.503   1.00 14.25 ? 153 PHE X CB  1 
ATOM   1194 C CG  . PHE A 1 153 ? -10.367 -5.752  3.970   1.00 13.86 ? 153 PHE X CG  1 
ATOM   1195 C CD1 . PHE A 1 153 ? -9.989  -5.659  5.314   1.00 13.63 ? 153 PHE X CD1 1 
ATOM   1196 C CD2 . PHE A 1 153 ? -9.875  -4.804  3.070   1.00 13.61 ? 153 PHE X CD2 1 
ATOM   1197 C CE1 . PHE A 1 153 ? -9.119  -4.661  5.744   1.00 12.23 ? 153 PHE X CE1 1 
ATOM   1198 C CE2 . PHE A 1 153 ? -9.005  -3.796  3.494   1.00 12.73 ? 153 PHE X CE2 1 
ATOM   1199 C CZ  . PHE A 1 153 ? -8.629  -3.729  4.835   1.00 12.76 ? 153 PHE X CZ  1 
ATOM   1200 N N   . ARG A 1 154 ? -12.757 -9.579  3.017   1.00 15.12 ? 154 ARG X N   1 
ATOM   1201 C CA  . ARG A 1 154 ? -14.005 -10.342 3.062   1.00 15.43 ? 154 ARG X CA  1 
ATOM   1202 C C   . ARG A 1 154 ? -13.846 -11.681 3.773   1.00 15.31 ? 154 ARG X C   1 
ATOM   1203 O O   . ARG A 1 154 ? -14.708 -12.065 4.564   1.00 15.40 ? 154 ARG X O   1 
ATOM   1204 C CB  . ARG A 1 154 ? -14.588 -10.545 1.649   1.00 15.69 ? 154 ARG X CB  1 
ATOM   1205 C CG  . ARG A 1 154 ? -15.937 -11.292 1.618   1.00 16.51 ? 154 ARG X CG  1 
ATOM   1206 C CD  . ARG A 1 154 ? -16.509 -11.463 0.209   1.00 19.03 ? 154 ARG X CD  1 
ATOM   1207 N NE  . ARG A 1 154 ? -15.568 -12.075 -0.737  1.00 21.56 ? 154 ARG X NE  1 
ATOM   1208 C CZ  . ARG A 1 154 ? -15.402 -13.387 -0.924  1.00 23.10 ? 154 ARG X CZ  1 
ATOM   1209 N NH1 . ARG A 1 154 ? -16.106 -14.275 -0.221  1.00 22.76 ? 154 ARG X NH1 1 
ATOM   1210 N NH2 . ARG A 1 154 ? -14.514 -13.818 -1.817  1.00 23.24 ? 154 ARG X NH2 1 
ATOM   1211 N N   . THR A 1 155 ? -12.742 -12.377 3.494   1.00 15.52 ? 155 THR X N   1 
ATOM   1212 C CA  . THR A 1 155 ? -12.557 -13.772 3.927   1.00 15.52 ? 155 THR X CA  1 
ATOM   1213 C C   . THR A 1 155 ? -11.649 -13.957 5.139   1.00 15.51 ? 155 THR X C   1 
ATOM   1214 O O   . THR A 1 155 ? -11.817 -14.914 5.902   1.00 15.57 ? 155 THR X O   1 
ATOM   1215 C CB  . THR A 1 155 ? -12.007 -14.666 2.791   1.00 15.49 ? 155 THR X CB  1 
ATOM   1216 O OG1 . THR A 1 155 ? -10.714 -14.193 2.392   1.00 16.01 ? 155 THR X OG1 1 
ATOM   1217 C CG2 . THR A 1 155 ? -12.951 -14.686 1.591   1.00 15.14 ? 155 THR X CG2 1 
ATOM   1218 N N   . GLY A 1 156 ? -10.683 -13.057 5.304   1.00 15.39 ? 156 GLY X N   1 
ATOM   1219 C CA  . GLY A 1 156 ? -9.659  -13.211 6.330   1.00 15.37 ? 156 GLY X CA  1 
ATOM   1220 C C   . GLY A 1 156 ? -8.732  -14.368 6.010   1.00 15.47 ? 156 GLY X C   1 
ATOM   1221 O O   . GLY A 1 156 ? -8.188  -15.007 6.910   1.00 15.29 ? 156 GLY X O   1 
ATOM   1222 N N   . THR A 1 157 ? -8.574  -14.639 4.715   1.00 15.61 ? 157 THR X N   1 
ATOM   1223 C CA  . THR A 1 157 ? -7.684  -15.678 4.212   1.00 15.53 ? 157 THR X CA  1 
ATOM   1224 C C   . THR A 1 157 ? -6.723  -15.064 3.194   1.00 15.48 ? 157 THR X C   1 
ATOM   1225 O O   . THR A 1 157 ? -6.890  -13.915 2.783   1.00 14.93 ? 157 THR X O   1 
ATOM   1226 C CB  . THR A 1 157 ? -8.463  -16.817 3.510   1.00 15.63 ? 157 THR X CB  1 
ATOM   1227 O OG1 . THR A 1 157 ? -9.086  -16.314 2.319   1.00 15.85 ? 157 THR X OG1 1 
ATOM   1228 C CG2 . THR A 1 157 ? -9.519  -17.428 4.434   1.00 15.48 ? 157 THR X CG2 1 
ATOM   1229 N N   . TRP A 1 158 ? -5.730  -15.852 2.790   1.00 15.68 ? 158 TRP X N   1 
ATOM   1230 C CA  . TRP A 1 158 ? -4.779  -15.463 1.758   1.00 15.98 ? 158 TRP X CA  1 
ATOM   1231 C C   . TRP A 1 158 ? -5.116  -16.092 0.397   1.00 16.22 ? 158 TRP X C   1 
ATOM   1232 O O   . TRP A 1 158 ? -4.241  -16.241 -0.463  1.00 16.29 ? 158 TRP X O   1 
ATOM   1233 C CB  . TRP A 1 158 ? -3.365  -15.872 2.180   1.00 15.83 ? 158 TRP X CB  1 
ATOM   1234 C CG  . TRP A 1 158 ? -2.817  -15.120 3.355   1.00 15.71 ? 158 TRP X CG  1 
ATOM   1235 C CD1 . TRP A 1 158 ? -2.550  -15.623 4.598   1.00 15.81 ? 158 TRP X CD1 1 
ATOM   1236 C CD2 . TRP A 1 158 ? -2.453  -13.732 3.397   1.00 15.81 ? 158 TRP X CD2 1 
ATOM   1237 N NE1 . TRP A 1 158 ? -2.039  -14.636 5.411   1.00 15.66 ? 158 TRP X NE1 1 
ATOM   1238 C CE2 . TRP A 1 158 ? -1.971  -13.466 4.701   1.00 15.80 ? 158 TRP X CE2 1 
ATOM   1239 C CE3 . TRP A 1 158 ? -2.482  -12.688 2.458   1.00 16.10 ? 158 TRP X CE3 1 
ATOM   1240 C CZ2 . TRP A 1 158 ? -1.521  -12.200 5.090   1.00 15.81 ? 158 TRP X CZ2 1 
ATOM   1241 C CZ3 . TRP A 1 158 ? -2.030  -11.428 2.845   1.00 15.49 ? 158 TRP X CZ3 1 
ATOM   1242 C CH2 . TRP A 1 158 ? -1.555  -11.199 4.152   1.00 15.60 ? 158 TRP X CH2 1 
ATOM   1243 N N   . ASP A 1 159 ? -6.383  -16.452 0.201   1.00 16.50 ? 159 ASP X N   1 
ATOM   1244 C CA  . ASP A 1 159 ? -6.813  -17.154 -1.015  1.00 16.84 ? 159 ASP X CA  1 
ATOM   1245 C C   . ASP A 1 159 ? -6.519  -16.398 -2.314  1.00 16.78 ? 159 ASP X C   1 
ATOM   1246 O O   . ASP A 1 159 ? -6.183  -17.013 -3.322  1.00 16.57 ? 159 ASP X O   1 
ATOM   1247 C CB  . ASP A 1 159 ? -8.298  -17.513 -0.942  1.00 17.07 ? 159 ASP X CB  1 
ATOM   1248 C CG  . ASP A 1 159 ? -8.594  -18.601 0.082   1.00 17.64 ? 159 ASP X CG  1 
ATOM   1249 O OD1 . ASP A 1 159 ? -7.644  -19.204 0.632   1.00 17.83 ? 159 ASP X OD1 1 
ATOM   1250 O OD2 . ASP A 1 159 ? -9.791  -18.851 0.338   1.00 18.97 ? 159 ASP X OD2 1 
ATOM   1251 N N   . ALA A 1 160 ? -6.636  -15.073 -2.278  1.00 16.87 ? 160 ALA X N   1 
ATOM   1252 C CA  . ALA A 1 160 ? -6.399  -14.242 -3.461  1.00 17.14 ? 160 ALA X CA  1 
ATOM   1253 C C   . ALA A 1 160 ? -4.913  -14.103 -3.826  1.00 17.23 ? 160 ALA X C   1 
ATOM   1254 O O   . ALA A 1 160 ? -4.579  -13.591 -4.900  1.00 17.22 ? 160 ALA X O   1 
ATOM   1255 C CB  . ALA A 1 160 ? -7.050  -12.868 -3.287  1.00 17.06 ? 160 ALA X CB  1 
ATOM   1256 N N   . TYR A 1 161 ? -4.030  -14.560 -2.940  1.00 17.35 ? 161 TYR X N   1 
ATOM   1257 C CA  . TYR A 1 161 ? -2.585  -14.477 -3.172  1.00 17.85 ? 161 TYR X CA  1 
ATOM   1258 C C   . TYR A 1 161 ? -1.904  -15.848 -3.321  1.00 18.65 ? 161 TYR X C   1 
ATOM   1259 O O   . TYR A 1 161 ? -0.674  -15.934 -3.393  1.00 18.70 ? 161 TYR X O   1 
ATOM   1260 C CB  . TYR A 1 161 ? -1.912  -13.631 -2.083  1.00 17.69 ? 161 TYR X CB  1 
ATOM   1261 C CG  . TYR A 1 161 ? -2.306  -12.170 -2.142  1.00 16.40 ? 161 TYR X CG  1 
ATOM   1262 C CD1 . TYR A 1 161 ? -3.439  -11.711 -1.474  1.00 15.38 ? 161 TYR X CD1 1 
ATOM   1263 C CD2 . TYR A 1 161 ? -1.558  -11.253 -2.888  1.00 15.61 ? 161 TYR X CD2 1 
ATOM   1264 C CE1 . TYR A 1 161 ? -3.816  -10.378 -1.534  1.00 15.34 ? 161 TYR X CE1 1 
ATOM   1265 C CE2 . TYR A 1 161 ? -1.929  -9.919  -2.958  1.00 14.49 ? 161 TYR X CE2 1 
ATOM   1266 C CZ  . TYR A 1 161 ? -3.058  -9.488  -2.272  1.00 14.82 ? 161 TYR X CZ  1 
ATOM   1267 O OH  . TYR A 1 161 ? -3.440  -8.170  -2.325  1.00 14.65 ? 161 TYR X OH  1 
ATOM   1268 N N   . LYS A 1 162 ? -2.713  -16.907 -3.380  1.00 19.31 ? 162 LYS X N   1 
ATOM   1269 C CA  . LYS A 1 162 ? -2.219  -18.266 -3.601  1.00 20.07 ? 162 LYS X CA  1 
ATOM   1270 C C   . LYS A 1 162 ? -2.392  -18.652 -5.068  1.00 20.42 ? 162 LYS X C   1 
ATOM   1271 O O   . LYS A 1 162 ? -1.405  -18.896 -5.777  1.00 21.13 ? 162 LYS X O   1 
HETATM 1272 P P   . PO4 B 2 .   ? 5.913   3.144   -16.800 0.50 9.26  ? 201 PO4 X P   1 
HETATM 1273 O O1  . PO4 B 2 .   ? 6.082   2.318   -18.026 0.50 9.86  ? 201 PO4 X O1  1 
HETATM 1274 O O2  . PO4 B 2 .   ? 4.935   4.194   -17.068 0.50 8.28  ? 201 PO4 X O2  1 
HETATM 1275 O O3  . PO4 B 2 .   ? 5.671   2.170   -15.721 0.50 8.40  ? 201 PO4 X O3  1 
HETATM 1276 O O4  . PO4 B 2 .   ? 7.217   3.767   -16.365 0.50 8.64  ? 201 PO4 X O4  1 
HETATM 1277 P P   . PO4 C 2 .   ? -2.986  -8.724  -12.370 0.50 17.52 ? 202 PO4 X P   1 
HETATM 1278 O O1  . PO4 C 2 .   ? -4.048  -9.622  -11.786 0.50 17.66 ? 202 PO4 X O1  1 
HETATM 1279 O O2  . PO4 C 2 .   ? -3.599  -7.855  -13.440 0.50 17.16 ? 202 PO4 X O2  1 
HETATM 1280 O O3  . PO4 C 2 .   ? -2.415  -7.848  -11.280 0.50 17.18 ? 202 PO4 X O3  1 
HETATM 1281 O O4  . PO4 C 2 .   ? -1.903  -9.574  -12.989 0.50 17.51 ? 202 PO4 X O4  1 
HETATM 1282 C CAA . 1MR D 3 .   ? -9.811  -0.228  5.107   1.00 15.10 ? 203 1MR X CAA 1 
HETATM 1283 N NAG . 1MR D 3 .   ? -8.350  -0.166  5.320   1.00 15.11 ? 203 1MR X NAG 1 
HETATM 1284 C CAH . 1MR D 3 .   ? -7.832  0.123   6.512   1.00 15.25 ? 203 1MR X CAH 1 
HETATM 1285 C CAE . 1MR D 3 .   ? -6.608  0.794   6.578   1.00 15.83 ? 203 1MR X CAE 1 
HETATM 1286 C CAC . 1MR D 3 .   ? -6.044  1.104   7.814   1.00 15.42 ? 203 1MR X CAC 1 
HETATM 1287 C CAB . 1MR D 3 .   ? -6.705  0.737   8.983   1.00 15.46 ? 203 1MR X CAB 1 
HETATM 1288 C CAD . 1MR D 3 .   ? -7.926  0.061   8.925   1.00 15.44 ? 203 1MR X CAD 1 
HETATM 1289 C CAF . 1MR D 3 .   ? -8.489  -0.250  7.689   1.00 15.28 ? 203 1MR X CAF 1 
HETATM 1290 O O   . HOH E 4 .   ? -18.960 -9.028  -0.833  1.00 16.66 ? 204 HOH X O   1 
HETATM 1291 O O   . HOH E 4 .   ? 8.313   13.764  -16.736 1.00 16.03 ? 205 HOH X O   1 
HETATM 1292 O O   . HOH E 4 .   ? 9.011   0.377   -0.956  1.00 14.55 ? 206 HOH X O   1 
HETATM 1293 O O   . HOH E 4 .   ? -6.901  -13.219 0.159   1.00 15.71 ? 207 HOH X O   1 
HETATM 1294 O O   . HOH E 4 .   ? -19.752 -3.094  -4.796  1.00 19.63 ? 208 HOH X O   1 
HETATM 1295 O O   . HOH E 4 .   ? 14.475  -3.720  -12.600 1.00 20.92 ? 209 HOH X O   1 
HETATM 1296 O O   . HOH E 4 .   ? -13.146 -5.766  12.784  1.00 15.01 ? 210 HOH X O   1 
HETATM 1297 O O   . HOH E 4 .   ? 5.687   -12.343 -2.842  1.00 18.96 ? 211 HOH X O   1 
HETATM 1298 O O   . HOH E 4 .   ? 5.755   4.780   -0.839  1.00 24.79 ? 212 HOH X O   1 
HETATM 1299 O O   . HOH E 4 .   ? -11.513 -10.236 12.499  1.00 15.34 ? 213 HOH X O   1 
HETATM 1300 O O   . HOH E 4 .   ? -12.379 5.866   -11.036 1.00 16.09 ? 214 HOH X O   1 
HETATM 1301 O O   . HOH E 4 .   ? -4.469  -1.685  -1.738  1.00 18.34 ? 215 HOH X O   1 
HETATM 1302 O O   . HOH E 4 .   ? -11.087 5.600   -3.951  1.00 17.92 ? 216 HOH X O   1 
HETATM 1303 O O   . HOH E 4 .   ? -16.768 4.106   2.640   1.00 24.16 ? 217 HOH X O   1 
HETATM 1304 O O   . HOH E 4 .   ? 4.352   4.034   1.893   1.00 29.18 ? 218 HOH X O   1 
HETATM 1305 O O   . HOH E 4 .   ? 6.247   11.629  -10.500 1.00 19.78 ? 219 HOH X O   1 
HETATM 1306 O O   . HOH E 4 .   ? -14.595 -10.172 -2.302  1.00 20.81 ? 220 HOH X O   1 
HETATM 1307 O O   . HOH E 4 .   ? -11.958 -0.974  -13.903 1.00 15.53 ? 221 HOH X O   1 
HETATM 1308 O O   . HOH E 4 .   ? -15.398 5.297   -8.748  1.00 13.53 ? 222 HOH X O   1 
HETATM 1309 O O   . HOH E 4 .   ? 11.520  -0.353  -2.490  1.00 19.27 ? 223 HOH X O   1 
HETATM 1310 O O   . HOH E 4 .   ? 8.272   -13.886 3.849   1.00 20.16 ? 224 HOH X O   1 
HETATM 1311 O O   . HOH E 4 .   ? 3.819   1.740   -7.087  1.00 18.26 ? 225 HOH X O   1 
HETATM 1312 O O   . HOH E 4 .   ? 1.484   -9.926  7.669   1.00 22.82 ? 226 HOH X O   1 
HETATM 1313 O O   . HOH E 4 .   ? -22.267 -2.511  1.689   1.00 18.29 ? 227 HOH X O   1 
HETATM 1314 O O   . HOH E 4 .   ? -5.230  -11.618 -8.837  1.00 20.00 ? 228 HOH X O   1 
HETATM 1315 O O   . HOH E 4 .   ? 0.285   -4.129  14.181  1.00 19.83 ? 229 HOH X O   1 
HETATM 1316 O O   . HOH E 4 .   ? -6.765  -16.939 7.940   1.00 16.77 ? 230 HOH X O   1 
HETATM 1317 O O   . HOH E 4 .   ? 13.558  17.455  -14.664 1.00 30.67 ? 231 HOH X O   1 
HETATM 1318 O O   . HOH E 4 .   ? 21.324  -6.375  -3.784  1.00 23.19 ? 232 HOH X O   1 
HETATM 1319 O O   . HOH E 4 .   ? -0.899  8.860   11.264  1.00 23.54 ? 233 HOH X O   1 
HETATM 1320 O O   . HOH E 4 .   ? 1.640   1.934   -4.444  1.00 18.75 ? 234 HOH X O   1 
HETATM 1321 O O   . HOH E 4 .   ? -7.805  -10.009 -8.756  1.00 14.79 ? 235 HOH X O   1 
HETATM 1322 O O   . HOH E 4 .   ? -10.931 -1.380  18.034  1.00 22.17 ? 236 HOH X O   1 
HETATM 1323 O O   . HOH E 4 .   ? 11.035  2.313   9.300   1.00 24.63 ? 237 HOH X O   1 
HETATM 1324 O O   . HOH E 4 .   ? -2.398  6.804   -14.741 1.00 20.63 ? 238 HOH X O   1 
HETATM 1325 O O   . HOH E 4 .   ? -6.205  2.886   -7.633  1.00 21.24 ? 239 HOH X O   1 
HETATM 1326 O O   . HOH E 4 .   ? 8.214   11.568  -18.891 1.00 25.00 ? 240 HOH X O   1 
HETATM 1327 O O   . HOH E 4 .   ? -5.139  5.082   -13.425 1.00 15.61 ? 241 HOH X O   1 
HETATM 1328 O O   . HOH E 4 .   ? -12.841 -9.120  -4.322  1.00 18.93 ? 242 HOH X O   1 
HETATM 1329 O O   . HOH E 4 .   ? 4.480   -0.705  -8.306  1.00 16.43 ? 243 HOH X O   1 
HETATM 1330 O O   . HOH E 4 .   ? -16.030 4.744   10.296  1.00 21.80 ? 244 HOH X O   1 
HETATM 1331 O O   . HOH E 4 .   ? -16.457 -6.253  -3.633  1.00 20.27 ? 245 HOH X O   1 
HETATM 1332 O O   . HOH E 4 .   ? -5.249  -18.220 4.101   1.00 19.00 ? 246 HOH X O   1 
HETATM 1333 O O   . HOH E 4 .   ? 18.140  3.987   2.967   1.00 18.18 ? 247 HOH X O   1 
HETATM 1334 O O   . HOH E 4 .   ? 0.575   6.353   -6.628  1.00 20.04 ? 248 HOH X O   1 
HETATM 1335 O O   . HOH E 4 .   ? -12.802 4.922   12.714  1.00 23.62 ? 249 HOH X O   1 
HETATM 1336 O O   . HOH E 4 .   ? -13.897 1.126   -14.262 1.00 22.07 ? 250 HOH X O   1 
HETATM 1337 O O   . HOH E 4 .   ? -13.474 -17.044 5.447   1.00 20.69 ? 251 HOH X O   1 
HETATM 1338 O O   . HOH E 4 .   ? 8.193   -12.391 -1.641  1.00 21.11 ? 252 HOH X O   1 
HETATM 1339 O O   . HOH E 4 .   ? 4.262   6.740   9.557   1.00 21.24 ? 253 HOH X O   1 
HETATM 1340 O O   . HOH E 4 .   ? -20.023 -12.759 -1.120  1.00 24.78 ? 254 HOH X O   1 
HETATM 1341 O O   . HOH E 4 .   ? -0.961  -4.837  -8.365  1.00 17.66 ? 255 HOH X O   1 
HETATM 1342 O O   . HOH E 4 .   ? 3.290   10.629  -15.879 1.00 19.07 ? 256 HOH X O   1 
HETATM 1343 O O   . HOH E 4 .   ? 3.474   3.659   -3.828  1.00 20.64 ? 257 HOH X O   1 
HETATM 1344 O O   . HOH E 4 .   ? -4.131  3.674   -9.741  1.00 19.10 ? 258 HOH X O   1 
HETATM 1345 O O   . HOH E 4 .   ? 4.136   4.454   -6.303  1.00 20.67 ? 259 HOH X O   1 
HETATM 1346 O O   . HOH E 4 .   ? 4.970   -16.854 4.234   1.00 21.36 ? 260 HOH X O   1 
HETATM 1347 O O   . HOH E 4 .   ? 3.200   1.134   -13.269 1.00 19.18 ? 261 HOH X O   1 
HETATM 1348 O O   . HOH E 4 .   ? 11.733  4.469   2.975   1.00 21.36 ? 262 HOH X O   1 
HETATM 1349 O O   . HOH E 4 .   ? 4.711   -15.043 -1.661  1.00 26.81 ? 263 HOH X O   1 
HETATM 1350 O O   . HOH E 4 .   ? 17.263  -7.441  2.142   1.00 25.87 ? 264 HOH X O   1 
HETATM 1351 O O   . HOH E 4 .   ? -9.107  6.437   -15.700 1.00 17.02 ? 265 HOH X O   1 
HETATM 1352 O O   . HOH E 4 .   ? -15.414 -7.183  -7.568  1.00 17.49 ? 266 HOH X O   1 
HETATM 1353 O O   . HOH E 4 .   ? 25.144  0.014   -6.477  1.00 22.77 ? 267 HOH X O   1 
HETATM 1354 O O   . HOH E 4 .   ? 18.622  14.980  -9.445  1.00 22.77 ? 268 HOH X O   1 
HETATM 1355 O O   . HOH E 4 .   ? 18.090  -4.906  2.452   1.00 19.42 ? 269 HOH X O   1 
HETATM 1356 O O   . HOH E 4 .   ? -4.288  -18.180 6.973   1.00 20.33 ? 270 HOH X O   1 
HETATM 1357 O O   . HOH E 4 .   ? 15.027  -1.304  6.103   1.00 24.34 ? 271 HOH X O   1 
HETATM 1358 O O   . HOH E 4 .   ? -6.206  -13.543 -7.094  1.00 17.47 ? 272 HOH X O   1 
HETATM 1359 O O   . HOH E 4 .   ? -17.856 4.471   -8.111  1.00 23.50 ? 273 HOH X O   1 
HETATM 1360 O O   . HOH E 4 .   ? 7.810   -6.838  -11.159 1.00 23.63 ? 274 HOH X O   1 
HETATM 1361 O O   . HOH E 4 .   ? 5.522   11.825  -13.170 1.00 23.74 ? 275 HOH X O   1 
HETATM 1362 O O   . HOH E 4 .   ? -5.467  11.056  13.607  1.00 22.94 ? 276 HOH X O   1 
HETATM 1363 O O   . HOH E 4 .   ? -11.241 8.709   -0.442  1.00 27.42 ? 277 HOH X O   1 
HETATM 1364 O O   . HOH E 4 .   ? 6.536   -12.284 -5.531  1.00 22.72 ? 278 HOH X O   1 
HETATM 1365 O O   . HOH E 4 .   ? 23.109  1.573   0.052   1.00 21.87 ? 279 HOH X O   1 
HETATM 1366 O O   . HOH E 4 .   ? 2.687   4.145   -15.566 1.00 18.67 ? 280 HOH X O   1 
HETATM 1367 O O   . HOH E 4 .   ? 23.433  3.226   -8.626  1.00 22.89 ? 281 HOH X O   1 
HETATM 1368 O O   . HOH E 4 .   ? -19.032 -1.352  -7.385  1.00 23.37 ? 282 HOH X O   1 
HETATM 1369 O O   . HOH E 4 .   ? 11.941  -5.875  2.956   1.00 22.87 ? 283 HOH X O   1 
HETATM 1370 O O   . HOH E 4 .   ? -14.159 -2.768  -12.675 1.00 25.17 ? 284 HOH X O   1 
HETATM 1371 O O   . HOH E 4 .   ? 17.507  -4.527  -13.170 1.00 22.44 ? 285 HOH X O   1 
HETATM 1372 O O   . HOH E 4 .   ? 20.561  -5.959  -7.074  1.00 22.85 ? 286 HOH X O   1 
HETATM 1373 O O   . HOH E 4 .   ? 23.143  0.583   -8.436  1.00 24.35 ? 287 HOH X O   1 
HETATM 1374 O O   . HOH E 4 .   ? -17.323 1.744   -8.649  1.00 22.63 ? 288 HOH X O   1 
HETATM 1375 O O   . HOH E 4 .   ? -5.959  4.588   -5.537  1.00 23.42 ? 289 HOH X O   1 
HETATM 1376 O O   . HOH E 4 .   ? -15.400 10.574  4.821   1.00 25.63 ? 290 HOH X O   1 
HETATM 1377 O O   . HOH E 4 .   ? 7.289   -9.296  -10.125 1.00 27.87 ? 291 HOH X O   1 
HETATM 1378 O O   . HOH E 4 .   ? -0.196  7.733   -16.528 1.00 16.81 ? 292 HOH X O   1 
HETATM 1379 O O   . HOH E 4 .   ? 21.185  0.585   1.870   1.00 19.25 ? 293 HOH X O   1 
HETATM 1380 O O   . HOH E 4 .   ? -2.208  -2.668  -9.627  1.00 21.02 ? 294 HOH X O   1 
HETATM 1381 O O   . HOH E 4 .   ? 5.426   -11.355 -7.854  1.00 23.39 ? 295 HOH X O   1 
HETATM 1382 O O   . HOH E 4 .   ? -7.747  6.646   -5.468  1.00 24.89 ? 296 HOH X O   1 
HETATM 1383 O O   . HOH E 4 .   ? -6.116  -4.217  -12.576 1.00 15.87 ? 297 HOH X O   1 
HETATM 1384 O O   . HOH E 4 .   ? -4.888  -3.716  -10.292 1.00 10.39 ? 298 HOH X O   1 
HETATM 1385 O O   . HOH E 4 .   ? -3.985  -5.328  -13.613 1.00 16.96 ? 299 HOH X O   1 
HETATM 1386 O O   . HOH E 4 .   ? -18.696 -13.023 5.211   1.00 18.72 ? 300 HOH X O   1 
HETATM 1387 O O   . HOH E 4 .   ? 4.593   7.111   18.723  1.00 25.20 ? 301 HOH X O   1 
HETATM 1388 O O   . HOH E 4 .   ? -4.201  2.760   -12.284 1.00 21.74 ? 302 HOH X O   1 
HETATM 1389 O O   . HOH E 4 .   ? 6.190   12.869  -15.601 1.00 22.32 ? 303 HOH X O   1 
HETATM 1390 O O   . HOH E 4 .   ? 3.757   8.144   12.092  1.00 22.78 ? 304 HOH X O   1 
HETATM 1391 O O   . HOH E 4 .   ? -22.238 -0.065  0.127   1.00 21.79 ? 305 HOH X O   1 
HETATM 1392 O O   . HOH E 4 .   ? 5.811   -1.099  -13.158 1.00 22.93 ? 306 HOH X O   1 
# 
loop_
_pdbx_poly_seq_scheme.asym_id 
_pdbx_poly_seq_scheme.entity_id 
_pdbx_poly_seq_scheme.seq_id 
_pdbx_poly_seq_scheme.mon_id 
_pdbx_poly_seq_scheme.ndb_seq_num 
_pdbx_poly_seq_scheme.pdb_seq_num 
_pdbx_poly_seq_scheme.auth_seq_num 
_pdbx_poly_seq_scheme.pdb_mon_id 
_pdbx_poly_seq_scheme.auth_mon_id 
_pdbx_poly_seq_scheme.pdb_strand_id 
_pdbx_poly_seq_scheme.pdb_ins_code 
_pdbx_poly_seq_scheme.hetero 
A 1 1   MET 1   1   1   MET MET X . n 
A 1 2   ASN 2   2   2   ASN ASN X . n 
A 1 3   ILE 3   3   3   ILE ILE X . n 
A 1 4   PHE 4   4   4   PHE PHE X . n 
A 1 5   GLU 5   5   5   GLU GLU X . n 
A 1 6   MET 6   6   6   MET MET X . n 
A 1 7   LEU 7   7   7   LEU LEU X . n 
A 1 8   ARG 8   8   8   ARG ARG X . n 
A 1 9   ILE 9   9   9   ILE ILE X . n 
A 1 10  ASP 10  10  10  ASP ASP X . n 
A 1 11  GLU 11  11  11  GLU GLU X . n 
A 1 12  GLY 12  12  12  GLY GLY X . n 
A 1 13  LEU 13  13  13  LEU LEU X . n 
A 1 14  ARG 14  14  14  ARG ARG X . n 
A 1 15  LEU 15  15  15  LEU LEU X . n 
A 1 16  LYS 16  16  16  LYS LYS X . n 
A 1 17  ILE 17  17  17  ILE ILE X . n 
A 1 18  TYR 18  18  18  TYR TYR X . n 
A 1 19  LYS 19  19  19  LYS LYS X . n 
A 1 20  ASP 20  20  20  ASP ASP X . n 
A 1 21  THR 21  21  21  THR THR X . n 
A 1 22  GLU 22  22  22  GLU GLU X . n 
A 1 23  GLY 23  23  23  GLY GLY X . n 
A 1 24  TYR 24  24  24  TYR TYR X . n 
A 1 25  TYR 25  25  25  TYR TYR X . n 
A 1 26  THR 26  26  26  THR THR X . n 
A 1 27  ILE 27  27  27  ILE ILE X . n 
A 1 28  GLY 28  28  28  GLY GLY X . n 
A 1 29  ILE 29  29  29  ILE ILE X . n 
A 1 30  GLY 30  30  30  GLY GLY X . n 
A 1 31  HIS 31  31  31  HIS HIS X . n 
A 1 32  LEU 32  32  32  LEU LEU X . n 
A 1 33  LEU 33  33  33  LEU LEU X . n 
A 1 34  THR 34  34  34  THR THR X . n 
A 1 35  LYS 35  35  35  LYS LYS X . n 
A 1 36  SER 36  36  36  SER SER X . n 
A 1 37  PRO 37  37  37  PRO PRO X . n 
A 1 38  SER 38  38  38  SER SER X . n 
A 1 39  LEU 39  39  39  LEU LEU X . n 
A 1 40  ASN 40  40  40  ASN ASN X . n 
A 1 41  ALA 41  41  41  ALA ALA X . n 
A 1 42  ALA 42  42  42  ALA ALA X . n 
A 1 43  LYS 43  43  43  LYS LYS X . n 
A 1 44  SER 44  44  44  SER SER X . n 
A 1 45  GLU 45  45  45  GLU GLU X . n 
A 1 46  LEU 46  46  46  LEU LEU X . n 
A 1 47  ASP 47  47  47  ASP ASP X . n 
A 1 48  LYS 48  48  48  LYS LYS X . n 
A 1 49  ALA 49  49  49  ALA ALA X . n 
A 1 50  ILE 50  50  50  ILE ILE X . n 
A 1 51  GLY 51  51  51  GLY GLY X . n 
A 1 52  ARG 52  52  52  ARG ARG X . n 
A 1 53  ASN 53  53  53  ASN ASN X . n 
A 1 54  THR 54  54  54  THR THR X . n 
A 1 55  ASN 55  55  55  ASN ASN X . n 
A 1 56  GLY 56  56  56  GLY GLY X . n 
A 1 57  VAL 57  57  57  VAL VAL X . n 
A 1 58  ILE 58  58  58  ILE ILE X . n 
A 1 59  THR 59  59  59  THR THR X . n 
A 1 60  LYS 60  60  60  LYS LYS X . n 
A 1 61  ASP 61  61  61  ASP ASP X . n 
A 1 62  GLU 62  62  62  GLU GLU X . n 
A 1 63  ALA 63  63  63  ALA ALA X . n 
A 1 64  GLU 64  64  64  GLU GLU X . n 
A 1 65  LYS 65  65  65  LYS LYS X . n 
A 1 66  LEU 66  66  66  LEU LEU X . n 
A 1 67  PHE 67  67  67  PHE PHE X . n 
A 1 68  ASN 68  68  68  ASN ASN X . n 
A 1 69  GLN 69  69  69  GLN GLN X . n 
A 1 70  ASP 70  70  70  ASP ASP X . n 
A 1 71  VAL 71  71  71  VAL VAL X . n 
A 1 72  ASP 72  72  72  ASP ASP X . n 
A 1 73  ALA 73  73  73  ALA ALA X . n 
A 1 74  ALA 74  74  74  ALA ALA X . n 
A 1 75  VAL 75  75  75  VAL VAL X . n 
A 1 76  ARG 76  76  76  ARG ARG X . n 
A 1 77  GLY 77  77  77  GLY GLY X . n 
A 1 78  ILE 78  78  78  ILE ILE X . n 
A 1 79  LEU 79  79  79  LEU LEU X . n 
A 1 80  ARG 80  80  80  ARG ARG X . n 
A 1 81  ASN 81  81  81  ASN ASN X . n 
A 1 82  ALA 82  82  82  ALA ALA X . n 
A 1 83  LYS 83  83  83  LYS LYS X . n 
A 1 84  LEU 84  84  84  LEU LEU X . n 
A 1 85  LYS 85  85  85  LYS LYS X . n 
A 1 86  PRO 86  86  86  PRO PRO X . n 
A 1 87  VAL 87  87  87  VAL VAL X . n 
A 1 88  TYR 88  88  88  TYR TYR X . n 
A 1 89  ASP 89  89  89  ASP ASP X . n 
A 1 90  SER 90  90  90  SER SER X . n 
A 1 91  LEU 91  91  91  LEU LEU X . n 
A 1 92  ASP 92  92  92  ASP ASP X . n 
A 1 93  ALA 93  93  93  ALA ALA X . n 
A 1 94  VAL 94  94  94  VAL VAL X . n 
A 1 95  ARG 95  95  95  ARG ARG X . n 
A 1 96  ARG 96  96  96  ARG ARG X . n 
A 1 97  ALA 97  97  97  ALA ALA X . n 
A 1 98  ALA 98  98  98  ALA ALA X . n 
A 1 99  ALA 99  99  99  ALA ALA X . n 
A 1 100 ILE 100 100 100 ILE ILE X . n 
A 1 101 ASN 101 101 101 ASN ASN X . n 
A 1 102 MET 102 102 102 MET MET X . n 
A 1 103 VAL 103 103 103 VAL VAL X . n 
A 1 104 PHE 104 104 104 PHE PHE X . n 
A 1 105 GLN 105 105 105 GLN GLN X . n 
A 1 106 MET 106 106 106 MET MET X . n 
A 1 107 GLY 107 107 107 GLY GLY X . n 
A 1 108 GLU 108 108 108 GLU GLU X . n 
A 1 109 THR 109 109 109 THR THR X . n 
A 1 110 GLY 110 110 110 GLY GLY X . n 
A 1 111 VAL 111 111 111 VAL VAL X . n 
A 1 112 ALA 112 112 112 ALA ALA X . n 
A 1 113 GLY 113 113 113 GLY GLY X . n 
A 1 114 PHE 114 114 114 PHE PHE X . n 
A 1 115 THR 115 115 115 THR THR X . n 
A 1 116 ASN 116 116 116 ASN ASN X . n 
A 1 117 SER 117 117 117 SER SER X . n 
A 1 118 LEU 118 118 118 LEU LEU X . n 
A 1 119 ARG 119 119 119 ARG ARG X . n 
A 1 120 MET 120 120 120 MET MET X . n 
A 1 121 LEU 121 121 121 LEU LEU X . n 
A 1 122 GLN 122 122 122 GLN GLN X . n 
A 1 123 GLN 123 123 123 GLN GLN X . n 
A 1 124 LYS 124 124 124 LYS LYS X . n 
A 1 125 ARG 125 125 125 ARG ARG X . n 
A 1 126 TRP 126 126 126 TRP TRP X . n 
A 1 127 ASP 127 127 127 ASP ASP X . n 
A 1 128 GLU 128 128 128 GLU GLU X . n 
A 1 129 ALA 129 129 129 ALA ALA X . n 
A 1 130 ALA 130 130 130 ALA ALA X . n 
A 1 131 VAL 131 131 131 VAL VAL X . n 
A 1 132 ASN 132 132 132 ASN ASN X . n 
A 1 133 LEU 133 133 133 LEU LEU X . n 
A 1 134 ALA 134 134 134 ALA ALA X . n 
A 1 135 LYS 135 135 135 LYS LYS X . n 
A 1 136 SER 136 136 136 SER SER X . n 
A 1 137 ARG 137 137 137 ARG ARG X . n 
A 1 138 TRP 138 138 138 TRP TRP X . n 
A 1 139 TYR 139 139 139 TYR TYR X . n 
A 1 140 ASN 140 140 140 ASN ASN X . n 
A 1 141 GLN 141 141 141 GLN GLN X . n 
A 1 142 THR 142 142 142 THR THR X . n 
A 1 143 PRO 143 143 143 PRO PRO X . n 
A 1 144 ASN 144 144 144 ASN ASN X . n 
A 1 145 ARG 145 145 145 ARG ARG X . n 
A 1 146 ALA 146 146 146 ALA ALA X . n 
A 1 147 LYS 147 147 147 LYS LYS X . n 
A 1 148 ARG 148 148 148 ARG ARG X . n 
A 1 149 VAL 149 149 149 VAL VAL X . n 
A 1 150 ILE 150 150 150 ILE ILE X . n 
A 1 151 THR 151 151 151 THR THR X . n 
A 1 152 THR 152 152 152 THR THR X . n 
A 1 153 PHE 153 153 153 PHE PHE X . n 
A 1 154 ARG 154 154 154 ARG ARG X . n 
A 1 155 THR 155 155 155 THR THR X . n 
A 1 156 GLY 156 156 156 GLY GLY X . n 
A 1 157 THR 157 157 157 THR THR X . n 
A 1 158 TRP 158 158 158 TRP TRP X . n 
A 1 159 ASP 159 159 159 ASP ASP X . n 
A 1 160 ALA 160 160 160 ALA ALA X . n 
A 1 161 TYR 161 161 161 TYR TYR X . n 
A 1 162 LYS 162 162 162 LYS LYS X . n 
# 
loop_
_pdbx_nonpoly_scheme.asym_id 
_pdbx_nonpoly_scheme.entity_id 
_pdbx_nonpoly_scheme.mon_id 
_pdbx_nonpoly_scheme.ndb_seq_num 
_pdbx_nonpoly_scheme.pdb_seq_num 
_pdbx_nonpoly_scheme.auth_seq_num 
_pdbx_nonpoly_scheme.pdb_mon_id 
_pdbx_nonpoly_scheme.auth_mon_id 
_pdbx_nonpoly_scheme.pdb_strand_id 
_pdbx_nonpoly_scheme.pdb_ins_code 
B 2 PO4 1   201 201 PO4 PO4 X . 
C 2 PO4 1   202 202 PO4 PO4 X . 
D 3 1MR 1   203 203 1MR 1MR X . 
E 4 HOH 1   204 1   HOH HOH X . 
E 4 HOH 2   205 2   HOH HOH X . 
E 4 HOH 3   206 3   HOH HOH X . 
E 4 HOH 4   207 4   HOH HOH X . 
E 4 HOH 5   208 5   HOH HOH X . 
E 4 HOH 6   209 6   HOH HOH X . 
E 4 HOH 7   210 7   HOH HOH X . 
E 4 HOH 8   211 8   HOH HOH X . 
E 4 HOH 9   212 10  HOH HOH X . 
E 4 HOH 10  213 11  HOH HOH X . 
E 4 HOH 11  214 12  HOH HOH X . 
E 4 HOH 12  215 13  HOH HOH X . 
E 4 HOH 13  216 14  HOH HOH X . 
E 4 HOH 14  217 15  HOH HOH X . 
E 4 HOH 15  218 16  HOH HOH X . 
E 4 HOH 16  219 17  HOH HOH X . 
E 4 HOH 17  220 18  HOH HOH X . 
E 4 HOH 18  221 19  HOH HOH X . 
E 4 HOH 19  222 20  HOH HOH X . 
E 4 HOH 20  223 21  HOH HOH X . 
E 4 HOH 21  224 22  HOH HOH X . 
E 4 HOH 22  225 23  HOH HOH X . 
E 4 HOH 23  226 24  HOH HOH X . 
E 4 HOH 24  227 26  HOH HOH X . 
E 4 HOH 25  228 27  HOH HOH X . 
E 4 HOH 26  229 28  HOH HOH X . 
E 4 HOH 27  230 29  HOH HOH X . 
E 4 HOH 28  231 30  HOH HOH X . 
E 4 HOH 29  232 31  HOH HOH X . 
E 4 HOH 30  233 32  HOH HOH X . 
E 4 HOH 31  234 33  HOH HOH X . 
E 4 HOH 32  235 34  HOH HOH X . 
E 4 HOH 33  236 35  HOH HOH X . 
E 4 HOH 34  237 36  HOH HOH X . 
E 4 HOH 35  238 37  HOH HOH X . 
E 4 HOH 36  239 38  HOH HOH X . 
E 4 HOH 37  240 39  HOH HOH X . 
E 4 HOH 38  241 40  HOH HOH X . 
E 4 HOH 39  242 41  HOH HOH X . 
E 4 HOH 40  243 42  HOH HOH X . 
E 4 HOH 41  244 43  HOH HOH X . 
E 4 HOH 42  245 44  HOH HOH X . 
E 4 HOH 43  246 45  HOH HOH X . 
E 4 HOH 44  247 46  HOH HOH X . 
E 4 HOH 45  248 47  HOH HOH X . 
E 4 HOH 46  249 48  HOH HOH X . 
E 4 HOH 47  250 49  HOH HOH X . 
E 4 HOH 48  251 50  HOH HOH X . 
E 4 HOH 49  252 51  HOH HOH X . 
E 4 HOH 50  253 52  HOH HOH X . 
E 4 HOH 51  254 53  HOH HOH X . 
E 4 HOH 52  255 54  HOH HOH X . 
E 4 HOH 53  256 55  HOH HOH X . 
E 4 HOH 54  257 56  HOH HOH X . 
E 4 HOH 55  258 57  HOH HOH X . 
E 4 HOH 56  259 58  HOH HOH X . 
E 4 HOH 57  260 59  HOH HOH X . 
E 4 HOH 58  261 60  HOH HOH X . 
E 4 HOH 59  262 61  HOH HOH X . 
E 4 HOH 60  263 62  HOH HOH X . 
E 4 HOH 61  264 63  HOH HOH X . 
E 4 HOH 62  265 64  HOH HOH X . 
E 4 HOH 63  266 65  HOH HOH X . 
E 4 HOH 64  267 66  HOH HOH X . 
E 4 HOH 65  268 67  HOH HOH X . 
E 4 HOH 66  269 70  HOH HOH X . 
E 4 HOH 67  270 71  HOH HOH X . 
E 4 HOH 68  271 72  HOH HOH X . 
E 4 HOH 69  272 74  HOH HOH X . 
E 4 HOH 70  273 76  HOH HOH X . 
E 4 HOH 71  274 78  HOH HOH X . 
E 4 HOH 72  275 79  HOH HOH X . 
E 4 HOH 73  276 80  HOH HOH X . 
E 4 HOH 74  277 81  HOH HOH X . 
E 4 HOH 75  278 82  HOH HOH X . 
E 4 HOH 76  279 83  HOH HOH X . 
E 4 HOH 77  280 84  HOH HOH X . 
E 4 HOH 78  281 85  HOH HOH X . 
E 4 HOH 79  282 86  HOH HOH X . 
E 4 HOH 80  283 89  HOH HOH X . 
E 4 HOH 81  284 92  HOH HOH X . 
E 4 HOH 82  285 93  HOH HOH X . 
E 4 HOH 83  286 95  HOH HOH X . 
E 4 HOH 84  287 96  HOH HOH X . 
E 4 HOH 85  288 98  HOH HOH X . 
E 4 HOH 86  289 99  HOH HOH X . 
E 4 HOH 87  290 100 HOH HOH X . 
E 4 HOH 88  291 101 HOH HOH X . 
E 4 HOH 89  292 102 HOH HOH X . 
E 4 HOH 90  293 103 HOH HOH X . 
E 4 HOH 91  294 104 HOH HOH X . 
E 4 HOH 92  295 106 HOH HOH X . 
E 4 HOH 93  296 107 HOH HOH X . 
E 4 HOH 94  297 108 HOH HOH X . 
E 4 HOH 95  298 109 HOH HOH X . 
E 4 HOH 96  299 110 HOH HOH X . 
E 4 HOH 97  300 111 HOH HOH X . 
E 4 HOH 98  301 112 HOH HOH X . 
E 4 HOH 99  302 113 HOH HOH X . 
E 4 HOH 100 303 114 HOH HOH X . 
E 4 HOH 101 304 115 HOH HOH X . 
E 4 HOH 102 305 116 HOH HOH X . 
E 4 HOH 103 306 117 HOH HOH X . 
# 
_pdbx_struct_assembly.id                   1 
_pdbx_struct_assembly.details              author_defined_assembly 
_pdbx_struct_assembly.method_details       ? 
_pdbx_struct_assembly.oligomeric_details   monomeric 
_pdbx_struct_assembly.oligomeric_count     1 
# 
_pdbx_struct_assembly_gen.assembly_id       1 
_pdbx_struct_assembly_gen.oper_expression   1 
_pdbx_struct_assembly_gen.asym_id_list      A,B,C,D,E 
# 
_pdbx_struct_oper_list.id                   1 
_pdbx_struct_oper_list.type                 'identity operation' 
_pdbx_struct_oper_list.name                 1_555 
_pdbx_struct_oper_list.symmetry_operation   x,y,z 
_pdbx_struct_oper_list.matrix[1][1]         1.0000000000 
_pdbx_struct_oper_list.matrix[1][2]         0.0000000000 
_pdbx_struct_oper_list.matrix[1][3]         0.0000000000 
_pdbx_struct_oper_list.vector[1]            0.0000000000 
_pdbx_struct_oper_list.matrix[2][1]         0.0000000000 
_pdbx_struct_oper_list.matrix[2][2]         1.0000000000 
_pdbx_struct_oper_list.matrix[2][3]         0.0000000000 
_pdbx_struct_oper_list.vector[2]            0.0000000000 
_pdbx_struct_oper_list.matrix[3][1]         0.0000000000 
_pdbx_struct_oper_list.matrix[3][2]         0.0000000000 
_pdbx_struct_oper_list.matrix[3][3]         1.0000000000 
_pdbx_struct_oper_list.vector[3]            0.0000000000 
# 
loop_
_pdbx_audit_revision_history.ordinal 
_pdbx_audit_revision_history.data_content_type 
_pdbx_audit_revision_history.major_revision 
_pdbx_audit_revision_history.minor_revision 
_pdbx_audit_revision_history.revision_date 
1 'Structure model' 1 0 2007-08-07 
2 'Structure model' 1 1 2011-07-13 
3 'Structure model' 1 2 2017-10-18 
4 'Structure model' 1 3 2021-10-20 
5 'Structure model' 1 4 2023-08-30 
# 
_pdbx_audit_revision_details.ordinal             1 
_pdbx_audit_revision_details.revision_ordinal    1 
_pdbx_audit_revision_details.data_content_type   'Structure model' 
_pdbx_audit_revision_details.provider            repository 
_pdbx_audit_revision_details.type                'Initial release' 
_pdbx_audit_revision_details.description         ? 
_pdbx_audit_revision_details.details             ? 
# 
loop_
_pdbx_audit_revision_group.ordinal 
_pdbx_audit_revision_group.revision_ordinal 
_pdbx_audit_revision_group.data_content_type 
_pdbx_audit_revision_group.group 
1 2 'Structure model' 'Version format compliance' 
2 3 'Structure model' 'Refinement description'    
3 4 'Structure model' 'Database references'       
4 4 'Structure model' 'Derived calculations'      
5 5 'Structure model' 'Data collection'           
6 5 'Structure model' 'Refinement description'    
# 
loop_
_pdbx_audit_revision_category.ordinal 
_pdbx_audit_revision_category.revision_ordinal 
_pdbx_audit_revision_category.data_content_type 
_pdbx_audit_revision_category.category 
1 3 'Structure model' software                      
2 4 'Structure model' database_2                    
3 4 'Structure model' struct_ref_seq_dif            
4 4 'Structure model' struct_site                   
5 5 'Structure model' chem_comp_atom                
6 5 'Structure model' chem_comp_bond                
7 5 'Structure model' pdbx_initial_refinement_model 
# 
loop_
_pdbx_audit_revision_item.ordinal 
_pdbx_audit_revision_item.revision_ordinal 
_pdbx_audit_revision_item.data_content_type 
_pdbx_audit_revision_item.item 
1  3 'Structure model' '_software.classification'            
2  3 'Structure model' '_software.contact_author'            
3  3 'Structure model' '_software.contact_author_email'      
4  3 'Structure model' '_software.date'                      
5  3 'Structure model' '_software.language'                  
6  3 'Structure model' '_software.location'                  
7  3 'Structure model' '_software.name'                      
8  3 'Structure model' '_software.type'                      
9  3 'Structure model' '_software.version'                   
10 4 'Structure model' '_database_2.pdbx_DOI'                
11 4 'Structure model' '_database_2.pdbx_database_accession' 
12 4 'Structure model' '_struct_ref_seq_dif.details'         
13 4 'Structure model' '_struct_site.pdbx_auth_asym_id'      
14 4 'Structure model' '_struct_site.pdbx_auth_comp_id'      
15 4 'Structure model' '_struct_site.pdbx_auth_seq_id'       
# 
loop_
_software.name 
_software.version 
_software.date 
_software.type 
_software.contact_author 
_software.contact_author_email 
_software.classification 
_software.location 
_software.language 
_software.citation_id 
_software.pdbx_ordinal 
DENZO       .     ?                package 'Zbyszek Otwinowski' zbyszek@mix.swmed.edu    'data reduction'  
http://www.lnls.br/infra/linhasluz/denzo-hkl.htm ?          ? 1 
SCALEPACK   .     ?                package 'Zbyszek Otwinowski' zbyszek@mix.swmed.edu    'data scaling'    
http://www.lnls.br/infra/linhasluz/denzo-hkl.htm ?          ? 2 
REFMAC      .     ?                program 'Murshudov, G.N.'    ccp4@dl.ac.uk            refinement        
http://www.ccp4.ac.uk/main.html                  Fortran_77 ? 3 
PDB_EXTRACT 2.000 'April. 3, 2006' package PDB                  sw-help@rcsb.rutgers.edu 'data extraction' 
http://pdb.rutgers.edu/software/                 C++        ? 4 
HKL-2000    .     ?                ?       ?                    ?                        'data collection' ? ?          ? 5 
HKL-2000    .     ?                ?       ?                    ?                        'data reduction'  ? ?          ? 6 
REFMAC      .     ?                ?       ?                    ?                        phasing           ? ?          ? 7 
# 
_pdbx_validate_rmsd_bond.id                        1 
_pdbx_validate_rmsd_bond.PDB_model_num             1 
_pdbx_validate_rmsd_bond.auth_atom_id_1            C 
_pdbx_validate_rmsd_bond.auth_asym_id_1            X 
_pdbx_validate_rmsd_bond.auth_comp_id_1            GLU 
_pdbx_validate_rmsd_bond.auth_seq_id_1             108 
_pdbx_validate_rmsd_bond.PDB_ins_code_1            ? 
_pdbx_validate_rmsd_bond.label_alt_id_1            ? 
_pdbx_validate_rmsd_bond.auth_atom_id_2            N 
_pdbx_validate_rmsd_bond.auth_asym_id_2            X 
_pdbx_validate_rmsd_bond.auth_comp_id_2            THR 
_pdbx_validate_rmsd_bond.auth_seq_id_2             109 
_pdbx_validate_rmsd_bond.PDB_ins_code_2            ? 
_pdbx_validate_rmsd_bond.label_alt_id_2            ? 
_pdbx_validate_rmsd_bond.bond_value                1.074 
_pdbx_validate_rmsd_bond.bond_target_value         1.336 
_pdbx_validate_rmsd_bond.bond_deviation            -0.262 
_pdbx_validate_rmsd_bond.bond_standard_deviation   0.023 
_pdbx_validate_rmsd_bond.linker_flag               Y 
# 
_pdbx_validate_rmsd_angle.id                         1 
_pdbx_validate_rmsd_angle.PDB_model_num              1 
_pdbx_validate_rmsd_angle.auth_atom_id_1             NE 
_pdbx_validate_rmsd_angle.auth_asym_id_1             X 
_pdbx_validate_rmsd_angle.auth_comp_id_1             ARG 
_pdbx_validate_rmsd_angle.auth_seq_id_1              119 
_pdbx_validate_rmsd_angle.PDB_ins_code_1             ? 
_pdbx_validate_rmsd_angle.label_alt_id_1             ? 
_pdbx_validate_rmsd_angle.auth_atom_id_2             CZ 
_pdbx_validate_rmsd_angle.auth_asym_id_2             X 
_pdbx_validate_rmsd_angle.auth_comp_id_2             ARG 
_pdbx_validate_rmsd_angle.auth_seq_id_2              119 
_pdbx_validate_rmsd_angle.PDB_ins_code_2             ? 
_pdbx_validate_rmsd_angle.label_alt_id_2             ? 
_pdbx_validate_rmsd_angle.auth_atom_id_3             NH2 
_pdbx_validate_rmsd_angle.auth_asym_id_3             X 
_pdbx_validate_rmsd_angle.auth_comp_id_3             ARG 
_pdbx_validate_rmsd_angle.auth_seq_id_3              119 
_pdbx_validate_rmsd_angle.PDB_ins_code_3             ? 
_pdbx_validate_rmsd_angle.label_alt_id_3             ? 
_pdbx_validate_rmsd_angle.angle_value                117.00 
_pdbx_validate_rmsd_angle.angle_target_value         120.30 
_pdbx_validate_rmsd_angle.angle_deviation            -3.30 
_pdbx_validate_rmsd_angle.angle_standard_deviation   0.50 
_pdbx_validate_rmsd_angle.linker_flag                N 
# 
loop_
_pdbx_validate_torsion.id 
_pdbx_validate_torsion.PDB_model_num 
_pdbx_validate_torsion.auth_comp_id 
_pdbx_validate_torsion.auth_asym_id 
_pdbx_validate_torsion.auth_seq_id 
_pdbx_validate_torsion.PDB_ins_code 
_pdbx_validate_torsion.label_alt_id 
_pdbx_validate_torsion.phi 
_pdbx_validate_torsion.psi 
1 1 ASP X 20  ? ? -73.04  -169.07 
2 1 ILE X 29  ? ? -102.52 75.46   
3 1 PHE X 114 ? ? -95.18  41.80   
# 
_pdbx_validate_polymer_linkage.id               1 
_pdbx_validate_polymer_linkage.PDB_model_num    1 
_pdbx_validate_polymer_linkage.auth_atom_id_1   C 
_pdbx_validate_polymer_linkage.auth_asym_id_1   X 
_pdbx_validate_polymer_linkage.auth_comp_id_1   GLU 
_pdbx_validate_polymer_linkage.auth_seq_id_1    108 
_pdbx_validate_polymer_linkage.PDB_ins_code_1   ? 
_pdbx_validate_polymer_linkage.label_alt_id_1   ? 
_pdbx_validate_polymer_linkage.auth_atom_id_2   N 
_pdbx_validate_polymer_linkage.auth_asym_id_2   X 
_pdbx_validate_polymer_linkage.auth_comp_id_2   THR 
_pdbx_validate_polymer_linkage.auth_seq_id_2    109 
_pdbx_validate_polymer_linkage.PDB_ins_code_2   ? 
_pdbx_validate_polymer_linkage.label_alt_id_2   ? 
_pdbx_validate_polymer_linkage.dist             1.07 
# 
loop_
_pdbx_unobs_or_zero_occ_atoms.id 
_pdbx_unobs_or_zero_occ_atoms.PDB_model_num 
_pdbx_unobs_or_zero_occ_atoms.polymer_flag 
_pdbx_unobs_or_zero_occ_atoms.occupancy_flag 
_pdbx_unobs_or_zero_occ_atoms.auth_asym_id 
_pdbx_unobs_or_zero_occ_atoms.auth_comp_id 
_pdbx_unobs_or_zero_occ_atoms.auth_seq_id 
_pdbx_unobs_or_zero_occ_atoms.PDB_ins_code 
_pdbx_unobs_or_zero_occ_atoms.auth_atom_id 
_pdbx_unobs_or_zero_occ_atoms.label_alt_id 
_pdbx_unobs_or_zero_occ_atoms.label_asym_id 
_pdbx_unobs_or_zero_occ_atoms.label_comp_id 
_pdbx_unobs_or_zero_occ_atoms.label_seq_id 
_pdbx_unobs_or_zero_occ_atoms.label_atom_id 
1  1 Y 1 X LYS 16  ? CD  ? A LYS 16  CD  
2  1 Y 1 X LYS 16  ? CE  ? A LYS 16  CE  
3  1 Y 1 X LYS 16  ? NZ  ? A LYS 16  NZ  
4  1 Y 1 X LYS 35  ? NZ  ? A LYS 35  NZ  
5  1 Y 1 X LYS 60  ? NZ  ? A LYS 60  NZ  
6  1 Y 1 X ARG 76  ? CG  ? A ARG 76  CG  
7  1 Y 1 X ARG 76  ? CD  ? A ARG 76  CD  
8  1 Y 1 X ARG 76  ? NE  ? A ARG 76  NE  
9  1 Y 1 X ARG 76  ? CZ  ? A ARG 76  CZ  
10 1 Y 1 X ARG 76  ? NH1 ? A ARG 76  NH1 
11 1 Y 1 X ARG 76  ? NH2 ? A ARG 76  NH2 
12 1 Y 1 X LYS 83  ? CE  ? A LYS 83  CE  
13 1 Y 1 X LYS 83  ? NZ  ? A LYS 83  NZ  
14 1 Y 1 X LYS 162 ? CB  ? A LYS 162 CB  
15 1 Y 1 X LYS 162 ? CG  ? A LYS 162 CG  
16 1 Y 1 X LYS 162 ? CD  ? A LYS 162 CD  
17 1 Y 1 X LYS 162 ? CE  ? A LYS 162 CE  
18 1 Y 1 X LYS 162 ? NZ  ? A LYS 162 NZ  
# 
loop_
_chem_comp_atom.comp_id 
_chem_comp_atom.atom_id 
_chem_comp_atom.type_symbol 
_chem_comp_atom.pdbx_aromatic_flag 
_chem_comp_atom.pdbx_stereo_config 
_chem_comp_atom.pdbx_ordinal 
1MR CAA  C N N 1   
1MR NAG  N N N 2   
1MR CAH  C Y N 3   
1MR CAE  C Y N 4   
1MR CAC  C Y N 5   
1MR CAB  C Y N 6   
1MR CAD  C Y N 7   
1MR CAF  C Y N 8   
1MR HAA1 H N N 9   
1MR HAA2 H N N 10  
1MR HAA3 H N N 11  
1MR HNAG H N N 12  
1MR HAE  H N N 13  
1MR HAC  H N N 14  
1MR HAB  H N N 15  
1MR HAD  H N N 16  
1MR HAF  H N N 17  
ALA N    N N N 18  
ALA CA   C N S 19  
ALA C    C N N 20  
ALA O    O N N 21  
ALA CB   C N N 22  
ALA OXT  O N N 23  
ALA H    H N N 24  
ALA H2   H N N 25  
ALA HA   H N N 26  
ALA HB1  H N N 27  
ALA HB2  H N N 28  
ALA HB3  H N N 29  
ALA HXT  H N N 30  
ARG N    N N N 31  
ARG CA   C N S 32  
ARG C    C N N 33  
ARG O    O N N 34  
ARG CB   C N N 35  
ARG CG   C N N 36  
ARG CD   C N N 37  
ARG NE   N N N 38  
ARG CZ   C N N 39  
ARG NH1  N N N 40  
ARG NH2  N N N 41  
ARG OXT  O N N 42  
ARG H    H N N 43  
ARG H2   H N N 44  
ARG HA   H N N 45  
ARG HB2  H N N 46  
ARG HB3  H N N 47  
ARG HG2  H N N 48  
ARG HG3  H N N 49  
ARG HD2  H N N 50  
ARG HD3  H N N 51  
ARG HE   H N N 52  
ARG HH11 H N N 53  
ARG HH12 H N N 54  
ARG HH21 H N N 55  
ARG HH22 H N N 56  
ARG HXT  H N N 57  
ASN N    N N N 58  
ASN CA   C N S 59  
ASN C    C N N 60  
ASN O    O N N 61  
ASN CB   C N N 62  
ASN CG   C N N 63  
ASN OD1  O N N 64  
ASN ND2  N N N 65  
ASN OXT  O N N 66  
ASN H    H N N 67  
ASN H2   H N N 68  
ASN HA   H N N 69  
ASN HB2  H N N 70  
ASN HB3  H N N 71  
ASN HD21 H N N 72  
ASN HD22 H N N 73  
ASN HXT  H N N 74  
ASP N    N N N 75  
ASP CA   C N S 76  
ASP C    C N N 77  
ASP O    O N N 78  
ASP CB   C N N 79  
ASP CG   C N N 80  
ASP OD1  O N N 81  
ASP OD2  O N N 82  
ASP OXT  O N N 83  
ASP H    H N N 84  
ASP H2   H N N 85  
ASP HA   H N N 86  
ASP HB2  H N N 87  
ASP HB3  H N N 88  
ASP HD2  H N N 89  
ASP HXT  H N N 90  
CYS N    N N N 91  
CYS CA   C N R 92  
CYS C    C N N 93  
CYS O    O N N 94  
CYS CB   C N N 95  
CYS SG   S N N 96  
CYS OXT  O N N 97  
CYS H    H N N 98  
CYS H2   H N N 99  
CYS HA   H N N 100 
CYS HB2  H N N 101 
CYS HB3  H N N 102 
CYS HG   H N N 103 
CYS HXT  H N N 104 
GLN N    N N N 105 
GLN CA   C N S 106 
GLN C    C N N 107 
GLN O    O N N 108 
GLN CB   C N N 109 
GLN CG   C N N 110 
GLN CD   C N N 111 
GLN OE1  O N N 112 
GLN NE2  N N N 113 
GLN OXT  O N N 114 
GLN H    H N N 115 
GLN H2   H N N 116 
GLN HA   H N N 117 
GLN HB2  H N N 118 
GLN HB3  H N N 119 
GLN HG2  H N N 120 
GLN HG3  H N N 121 
GLN HE21 H N N 122 
GLN HE22 H N N 123 
GLN HXT  H N N 124 
GLU N    N N N 125 
GLU CA   C N S 126 
GLU C    C N N 127 
GLU O    O N N 128 
GLU CB   C N N 129 
GLU CG   C N N 130 
GLU CD   C N N 131 
GLU OE1  O N N 132 
GLU OE2  O N N 133 
GLU OXT  O N N 134 
GLU H    H N N 135 
GLU H2   H N N 136 
GLU HA   H N N 137 
GLU HB2  H N N 138 
GLU HB3  H N N 139 
GLU HG2  H N N 140 
GLU HG3  H N N 141 
GLU HE2  H N N 142 
GLU HXT  H N N 143 
GLY N    N N N 144 
GLY CA   C N N 145 
GLY C    C N N 146 
GLY O    O N N 147 
GLY OXT  O N N 148 
GLY H    H N N 149 
GLY H2   H N N 150 
GLY HA2  H N N 151 
GLY HA3  H N N 152 
GLY HXT  H N N 153 
HIS N    N N N 154 
HIS CA   C N S 155 
HIS C    C N N 156 
HIS O    O N N 157 
HIS CB   C N N 158 
HIS CG   C Y N 159 
HIS ND1  N Y N 160 
HIS CD2  C Y N 161 
HIS CE1  C Y N 162 
HIS NE2  N Y N 163 
HIS OXT  O N N 164 
HIS H    H N N 165 
HIS H2   H N N 166 
HIS HA   H N N 167 
HIS HB2  H N N 168 
HIS HB3  H N N 169 
HIS HD1  H N N 170 
HIS HD2  H N N 171 
HIS HE1  H N N 172 
HIS HE2  H N N 173 
HIS HXT  H N N 174 
HOH O    O N N 175 
HOH H1   H N N 176 
HOH H2   H N N 177 
ILE N    N N N 178 
ILE CA   C N S 179 
ILE C    C N N 180 
ILE O    O N N 181 
ILE CB   C N S 182 
ILE CG1  C N N 183 
ILE CG2  C N N 184 
ILE CD1  C N N 185 
ILE OXT  O N N 186 
ILE H    H N N 187 
ILE H2   H N N 188 
ILE HA   H N N 189 
ILE HB   H N N 190 
ILE HG12 H N N 191 
ILE HG13 H N N 192 
ILE HG21 H N N 193 
ILE HG22 H N N 194 
ILE HG23 H N N 195 
ILE HD11 H N N 196 
ILE HD12 H N N 197 
ILE HD13 H N N 198 
ILE HXT  H N N 199 
LEU N    N N N 200 
LEU CA   C N S 201 
LEU C    C N N 202 
LEU O    O N N 203 
LEU CB   C N N 204 
LEU CG   C N N 205 
LEU CD1  C N N 206 
LEU CD2  C N N 207 
LEU OXT  O N N 208 
LEU H    H N N 209 
LEU H2   H N N 210 
LEU HA   H N N 211 
LEU HB2  H N N 212 
LEU HB3  H N N 213 
LEU HG   H N N 214 
LEU HD11 H N N 215 
LEU HD12 H N N 216 
LEU HD13 H N N 217 
LEU HD21 H N N 218 
LEU HD22 H N N 219 
LEU HD23 H N N 220 
LEU HXT  H N N 221 
LYS N    N N N 222 
LYS CA   C N S 223 
LYS C    C N N 224 
LYS O    O N N 225 
LYS CB   C N N 226 
LYS CG   C N N 227 
LYS CD   C N N 228 
LYS CE   C N N 229 
LYS NZ   N N N 230 
LYS OXT  O N N 231 
LYS H    H N N 232 
LYS H2   H N N 233 
LYS HA   H N N 234 
LYS HB2  H N N 235 
LYS HB3  H N N 236 
LYS HG2  H N N 237 
LYS HG3  H N N 238 
LYS HD2  H N N 239 
LYS HD3  H N N 240 
LYS HE2  H N N 241 
LYS HE3  H N N 242 
LYS HZ1  H N N 243 
LYS HZ2  H N N 244 
LYS HZ3  H N N 245 
LYS HXT  H N N 246 
MET N    N N N 247 
MET CA   C N S 248 
MET C    C N N 249 
MET O    O N N 250 
MET CB   C N N 251 
MET CG   C N N 252 
MET SD   S N N 253 
MET CE   C N N 254 
MET OXT  O N N 255 
MET H    H N N 256 
MET H2   H N N 257 
MET HA   H N N 258 
MET HB2  H N N 259 
MET HB3  H N N 260 
MET HG2  H N N 261 
MET HG3  H N N 262 
MET HE1  H N N 263 
MET HE2  H N N 264 
MET HE3  H N N 265 
MET HXT  H N N 266 
PHE N    N N N 267 
PHE CA   C N S 268 
PHE C    C N N 269 
PHE O    O N N 270 
PHE CB   C N N 271 
PHE CG   C Y N 272 
PHE CD1  C Y N 273 
PHE CD2  C Y N 274 
PHE CE1  C Y N 275 
PHE CE2  C Y N 276 
PHE CZ   C Y N 277 
PHE OXT  O N N 278 
PHE H    H N N 279 
PHE H2   H N N 280 
PHE HA   H N N 281 
PHE HB2  H N N 282 
PHE HB3  H N N 283 
PHE HD1  H N N 284 
PHE HD2  H N N 285 
PHE HE1  H N N 286 
PHE HE2  H N N 287 
PHE HZ   H N N 288 
PHE HXT  H N N 289 
PO4 P    P N N 290 
PO4 O1   O N N 291 
PO4 O2   O N N 292 
PO4 O3   O N N 293 
PO4 O4   O N N 294 
PRO N    N N N 295 
PRO CA   C N S 296 
PRO C    C N N 297 
PRO O    O N N 298 
PRO CB   C N N 299 
PRO CG   C N N 300 
PRO CD   C N N 301 
PRO OXT  O N N 302 
PRO H    H N N 303 
PRO HA   H N N 304 
PRO HB2  H N N 305 
PRO HB3  H N N 306 
PRO HG2  H N N 307 
PRO HG3  H N N 308 
PRO HD2  H N N 309 
PRO HD3  H N N 310 
PRO HXT  H N N 311 
SER N    N N N 312 
SER CA   C N S 313 
SER C    C N N 314 
SER O    O N N 315 
SER CB   C N N 316 
SER OG   O N N 317 
SER OXT  O N N 318 
SER H    H N N 319 
SER H2   H N N 320 
SER HA   H N N 321 
SER HB2  H N N 322 
SER HB3  H N N 323 
SER HG   H N N 324 
SER HXT  H N N 325 
THR N    N N N 326 
THR CA   C N S 327 
THR C    C N N 328 
THR O    O N N 329 
THR CB   C N R 330 
THR OG1  O N N 331 
THR CG2  C N N 332 
THR OXT  O N N 333 
THR H    H N N 334 
THR H2   H N N 335 
THR HA   H N N 336 
THR HB   H N N 337 
THR HG1  H N N 338 
THR HG21 H N N 339 
THR HG22 H N N 340 
THR HG23 H N N 341 
THR HXT  H N N 342 
TRP N    N N N 343 
TRP CA   C N S 344 
TRP C    C N N 345 
TRP O    O N N 346 
TRP CB   C N N 347 
TRP CG   C Y N 348 
TRP CD1  C Y N 349 
TRP CD2  C Y N 350 
TRP NE1  N Y N 351 
TRP CE2  C Y N 352 
TRP CE3  C Y N 353 
TRP CZ2  C Y N 354 
TRP CZ3  C Y N 355 
TRP CH2  C Y N 356 
TRP OXT  O N N 357 
TRP H    H N N 358 
TRP H2   H N N 359 
TRP HA   H N N 360 
TRP HB2  H N N 361 
TRP HB3  H N N 362 
TRP HD1  H N N 363 
TRP HE1  H N N 364 
TRP HE3  H N N 365 
TRP HZ2  H N N 366 
TRP HZ3  H N N 367 
TRP HH2  H N N 368 
TRP HXT  H N N 369 
TYR N    N N N 370 
TYR CA   C N S 371 
TYR C    C N N 372 
TYR O    O N N 373 
TYR CB   C N N 374 
TYR CG   C Y N 375 
TYR CD1  C Y N 376 
TYR CD2  C Y N 377 
TYR CE1  C Y N 378 
TYR CE2  C Y N 379 
TYR CZ   C Y N 380 
TYR OH   O N N 381 
TYR OXT  O N N 382 
TYR H    H N N 383 
TYR H2   H N N 384 
TYR HA   H N N 385 
TYR HB2  H N N 386 
TYR HB3  H N N 387 
TYR HD1  H N N 388 
TYR HD2  H N N 389 
TYR HE1  H N N 390 
TYR HE2  H N N 391 
TYR HH   H N N 392 
TYR HXT  H N N 393 
VAL N    N N N 394 
VAL CA   C N S 395 
VAL C    C N N 396 
VAL O    O N N 397 
VAL CB   C N N 398 
VAL CG1  C N N 399 
VAL CG2  C N N 400 
VAL OXT  O N N 401 
VAL H    H N N 402 
VAL H2   H N N 403 
VAL HA   H N N 404 
VAL HB   H N N 405 
VAL HG11 H N N 406 
VAL HG12 H N N 407 
VAL HG13 H N N 408 
VAL HG21 H N N 409 
VAL HG22 H N N 410 
VAL HG23 H N N 411 
VAL HXT  H N N 412 
# 
loop_
_chem_comp_bond.comp_id 
_chem_comp_bond.atom_id_1 
_chem_comp_bond.atom_id_2 
_chem_comp_bond.value_order 
_chem_comp_bond.pdbx_aromatic_flag 
_chem_comp_bond.pdbx_stereo_config 
_chem_comp_bond.pdbx_ordinal 
1MR CAA NAG  sing N N 1   
1MR CAA HAA1 sing N N 2   
1MR CAA HAA2 sing N N 3   
1MR CAA HAA3 sing N N 4   
1MR NAG CAH  sing N N 5   
1MR NAG HNAG sing N N 6   
1MR CAH CAE  doub Y N 7   
1MR CAH CAF  sing Y N 8   
1MR CAE CAC  sing Y N 9   
1MR CAE HAE  sing N N 10  
1MR CAC CAB  doub Y N 11  
1MR CAC HAC  sing N N 12  
1MR CAB CAD  sing Y N 13  
1MR CAB HAB  sing N N 14  
1MR CAD CAF  doub Y N 15  
1MR CAD HAD  sing N N 16  
1MR CAF HAF  sing N N 17  
ALA N   CA   sing N N 18  
ALA N   H    sing N N 19  
ALA N   H2   sing N N 20  
ALA CA  C    sing N N 21  
ALA CA  CB   sing N N 22  
ALA CA  HA   sing N N 23  
ALA C   O    doub N N 24  
ALA C   OXT  sing N N 25  
ALA CB  HB1  sing N N 26  
ALA CB  HB2  sing N N 27  
ALA CB  HB3  sing N N 28  
ALA OXT HXT  sing N N 29  
ARG N   CA   sing N N 30  
ARG N   H    sing N N 31  
ARG N   H2   sing N N 32  
ARG CA  C    sing N N 33  
ARG CA  CB   sing N N 34  
ARG CA  HA   sing N N 35  
ARG C   O    doub N N 36  
ARG C   OXT  sing N N 37  
ARG CB  CG   sing N N 38  
ARG CB  HB2  sing N N 39  
ARG CB  HB3  sing N N 40  
ARG CG  CD   sing N N 41  
ARG CG  HG2  sing N N 42  
ARG CG  HG3  sing N N 43  
ARG CD  NE   sing N N 44  
ARG CD  HD2  sing N N 45  
ARG CD  HD3  sing N N 46  
ARG NE  CZ   sing N N 47  
ARG NE  HE   sing N N 48  
ARG CZ  NH1  sing N N 49  
ARG CZ  NH2  doub N N 50  
ARG NH1 HH11 sing N N 51  
ARG NH1 HH12 sing N N 52  
ARG NH2 HH21 sing N N 53  
ARG NH2 HH22 sing N N 54  
ARG OXT HXT  sing N N 55  
ASN N   CA   sing N N 56  
ASN N   H    sing N N 57  
ASN N   H2   sing N N 58  
ASN CA  C    sing N N 59  
ASN CA  CB   sing N N 60  
ASN CA  HA   sing N N 61  
ASN C   O    doub N N 62  
ASN C   OXT  sing N N 63  
ASN CB  CG   sing N N 64  
ASN CB  HB2  sing N N 65  
ASN CB  HB3  sing N N 66  
ASN CG  OD1  doub N N 67  
ASN CG  ND2  sing N N 68  
ASN ND2 HD21 sing N N 69  
ASN ND2 HD22 sing N N 70  
ASN OXT HXT  sing N N 71  
ASP N   CA   sing N N 72  
ASP N   H    sing N N 73  
ASP N   H2   sing N N 74  
ASP CA  C    sing N N 75  
ASP CA  CB   sing N N 76  
ASP CA  HA   sing N N 77  
ASP C   O    doub N N 78  
ASP C   OXT  sing N N 79  
ASP CB  CG   sing N N 80  
ASP CB  HB2  sing N N 81  
ASP CB  HB3  sing N N 82  
ASP CG  OD1  doub N N 83  
ASP CG  OD2  sing N N 84  
ASP OD2 HD2  sing N N 85  
ASP OXT HXT  sing N N 86  
CYS N   CA   sing N N 87  
CYS N   H    sing N N 88  
CYS N   H2   sing N N 89  
CYS CA  C    sing N N 90  
CYS CA  CB   sing N N 91  
CYS CA  HA   sing N N 92  
CYS C   O    doub N N 93  
CYS C   OXT  sing N N 94  
CYS CB  SG   sing N N 95  
CYS CB  HB2  sing N N 96  
CYS CB  HB3  sing N N 97  
CYS SG  HG   sing N N 98  
CYS OXT HXT  sing N N 99  
GLN N   CA   sing N N 100 
GLN N   H    sing N N 101 
GLN N   H2   sing N N 102 
GLN CA  C    sing N N 103 
GLN CA  CB   sing N N 104 
GLN CA  HA   sing N N 105 
GLN C   O    doub N N 106 
GLN C   OXT  sing N N 107 
GLN CB  CG   sing N N 108 
GLN CB  HB2  sing N N 109 
GLN CB  HB3  sing N N 110 
GLN CG  CD   sing N N 111 
GLN CG  HG2  sing N N 112 
GLN CG  HG3  sing N N 113 
GLN CD  OE1  doub N N 114 
GLN CD  NE2  sing N N 115 
GLN NE2 HE21 sing N N 116 
GLN NE2 HE22 sing N N 117 
GLN OXT HXT  sing N N 118 
GLU N   CA   sing N N 119 
GLU N   H    sing N N 120 
GLU N   H2   sing N N 121 
GLU CA  C    sing N N 122 
GLU CA  CB   sing N N 123 
GLU CA  HA   sing N N 124 
GLU C   O    doub N N 125 
GLU C   OXT  sing N N 126 
GLU CB  CG   sing N N 127 
GLU CB  HB2  sing N N 128 
GLU CB  HB3  sing N N 129 
GLU CG  CD   sing N N 130 
GLU CG  HG2  sing N N 131 
GLU CG  HG3  sing N N 132 
GLU CD  OE1  doub N N 133 
GLU CD  OE2  sing N N 134 
GLU OE2 HE2  sing N N 135 
GLU OXT HXT  sing N N 136 
GLY N   CA   sing N N 137 
GLY N   H    sing N N 138 
GLY N   H2   sing N N 139 
GLY CA  C    sing N N 140 
GLY CA  HA2  sing N N 141 
GLY CA  HA3  sing N N 142 
GLY C   O    doub N N 143 
GLY C   OXT  sing N N 144 
GLY OXT HXT  sing N N 145 
HIS N   CA   sing N N 146 
HIS N   H    sing N N 147 
HIS N   H2   sing N N 148 
HIS CA  C    sing N N 149 
HIS CA  CB   sing N N 150 
HIS CA  HA   sing N N 151 
HIS C   O    doub N N 152 
HIS C   OXT  sing N N 153 
HIS CB  CG   sing N N 154 
HIS CB  HB2  sing N N 155 
HIS CB  HB3  sing N N 156 
HIS CG  ND1  sing Y N 157 
HIS CG  CD2  doub Y N 158 
HIS ND1 CE1  doub Y N 159 
HIS ND1 HD1  sing N N 160 
HIS CD2 NE2  sing Y N 161 
HIS CD2 HD2  sing N N 162 
HIS CE1 NE2  sing Y N 163 
HIS CE1 HE1  sing N N 164 
HIS NE2 HE2  sing N N 165 
HIS OXT HXT  sing N N 166 
HOH O   H1   sing N N 167 
HOH O   H2   sing N N 168 
ILE N   CA   sing N N 169 
ILE N   H    sing N N 170 
ILE N   H2   sing N N 171 
ILE CA  C    sing N N 172 
ILE CA  CB   sing N N 173 
ILE CA  HA   sing N N 174 
ILE C   O    doub N N 175 
ILE C   OXT  sing N N 176 
ILE CB  CG1  sing N N 177 
ILE CB  CG2  sing N N 178 
ILE CB  HB   sing N N 179 
ILE CG1 CD1  sing N N 180 
ILE CG1 HG12 sing N N 181 
ILE CG1 HG13 sing N N 182 
ILE CG2 HG21 sing N N 183 
ILE CG2 HG22 sing N N 184 
ILE CG2 HG23 sing N N 185 
ILE CD1 HD11 sing N N 186 
ILE CD1 HD12 sing N N 187 
ILE CD1 HD13 sing N N 188 
ILE OXT HXT  sing N N 189 
LEU N   CA   sing N N 190 
LEU N   H    sing N N 191 
LEU N   H2   sing N N 192 
LEU CA  C    sing N N 193 
LEU CA  CB   sing N N 194 
LEU CA  HA   sing N N 195 
LEU C   O    doub N N 196 
LEU C   OXT  sing N N 197 
LEU CB  CG   sing N N 198 
LEU CB  HB2  sing N N 199 
LEU CB  HB3  sing N N 200 
LEU CG  CD1  sing N N 201 
LEU CG  CD2  sing N N 202 
LEU CG  HG   sing N N 203 
LEU CD1 HD11 sing N N 204 
LEU CD1 HD12 sing N N 205 
LEU CD1 HD13 sing N N 206 
LEU CD2 HD21 sing N N 207 
LEU CD2 HD22 sing N N 208 
LEU CD2 HD23 sing N N 209 
LEU OXT HXT  sing N N 210 
LYS N   CA   sing N N 211 
LYS N   H    sing N N 212 
LYS N   H2   sing N N 213 
LYS CA  C    sing N N 214 
LYS CA  CB   sing N N 215 
LYS CA  HA   sing N N 216 
LYS C   O    doub N N 217 
LYS C   OXT  sing N N 218 
LYS CB  CG   sing N N 219 
LYS CB  HB2  sing N N 220 
LYS CB  HB3  sing N N 221 
LYS CG  CD   sing N N 222 
LYS CG  HG2  sing N N 223 
LYS CG  HG3  sing N N 224 
LYS CD  CE   sing N N 225 
LYS CD  HD2  sing N N 226 
LYS CD  HD3  sing N N 227 
LYS CE  NZ   sing N N 228 
LYS CE  HE2  sing N N 229 
LYS CE  HE3  sing N N 230 
LYS NZ  HZ1  sing N N 231 
LYS NZ  HZ2  sing N N 232 
LYS NZ  HZ3  sing N N 233 
LYS OXT HXT  sing N N 234 
MET N   CA   sing N N 235 
MET N   H    sing N N 236 
MET N   H2   sing N N 237 
MET CA  C    sing N N 238 
MET CA  CB   sing N N 239 
MET CA  HA   sing N N 240 
MET C   O    doub N N 241 
MET C   OXT  sing N N 242 
MET CB  CG   sing N N 243 
MET CB  HB2  sing N N 244 
MET CB  HB3  sing N N 245 
MET CG  SD   sing N N 246 
MET CG  HG2  sing N N 247 
MET CG  HG3  sing N N 248 
MET SD  CE   sing N N 249 
MET CE  HE1  sing N N 250 
MET CE  HE2  sing N N 251 
MET CE  HE3  sing N N 252 
MET OXT HXT  sing N N 253 
PHE N   CA   sing N N 254 
PHE N   H    sing N N 255 
PHE N   H2   sing N N 256 
PHE CA  C    sing N N 257 
PHE CA  CB   sing N N 258 
PHE CA  HA   sing N N 259 
PHE C   O    doub N N 260 
PHE C   OXT  sing N N 261 
PHE CB  CG   sing N N 262 
PHE CB  HB2  sing N N 263 
PHE CB  HB3  sing N N 264 
PHE CG  CD1  doub Y N 265 
PHE CG  CD2  sing Y N 266 
PHE CD1 CE1  sing Y N 267 
PHE CD1 HD1  sing N N 268 
PHE CD2 CE2  doub Y N 269 
PHE CD2 HD2  sing N N 270 
PHE CE1 CZ   doub Y N 271 
PHE CE1 HE1  sing N N 272 
PHE CE2 CZ   sing Y N 273 
PHE CE2 HE2  sing N N 274 
PHE CZ  HZ   sing N N 275 
PHE OXT HXT  sing N N 276 
PO4 P   O1   doub N N 277 
PO4 P   O2   sing N N 278 
PO4 P   O3   sing N N 279 
PO4 P   O4   sing N N 280 
PRO N   CA   sing N N 281 
PRO N   CD   sing N N 282 
PRO N   H    sing N N 283 
PRO CA  C    sing N N 284 
PRO CA  CB   sing N N 285 
PRO CA  HA   sing N N 286 
PRO C   O    doub N N 287 
PRO C   OXT  sing N N 288 
PRO CB  CG   sing N N 289 
PRO CB  HB2  sing N N 290 
PRO CB  HB3  sing N N 291 
PRO CG  CD   sing N N 292 
PRO CG  HG2  sing N N 293 
PRO CG  HG3  sing N N 294 
PRO CD  HD2  sing N N 295 
PRO CD  HD3  sing N N 296 
PRO OXT HXT  sing N N 297 
SER N   CA   sing N N 298 
SER N   H    sing N N 299 
SER N   H2   sing N N 300 
SER CA  C    sing N N 301 
SER CA  CB   sing N N 302 
SER CA  HA   sing N N 303 
SER C   O    doub N N 304 
SER C   OXT  sing N N 305 
SER CB  OG   sing N N 306 
SER CB  HB2  sing N N 307 
SER CB  HB3  sing N N 308 
SER OG  HG   sing N N 309 
SER OXT HXT  sing N N 310 
THR N   CA   sing N N 311 
THR N   H    sing N N 312 
THR N   H2   sing N N 313 
THR CA  C    sing N N 314 
THR CA  CB   sing N N 315 
THR CA  HA   sing N N 316 
THR C   O    doub N N 317 
THR C   OXT  sing N N 318 
THR CB  OG1  sing N N 319 
THR CB  CG2  sing N N 320 
THR CB  HB   sing N N 321 
THR OG1 HG1  sing N N 322 
THR CG2 HG21 sing N N 323 
THR CG2 HG22 sing N N 324 
THR CG2 HG23 sing N N 325 
THR OXT HXT  sing N N 326 
TRP N   CA   sing N N 327 
TRP N   H    sing N N 328 
TRP N   H2   sing N N 329 
TRP CA  C    sing N N 330 
TRP CA  CB   sing N N 331 
TRP CA  HA   sing N N 332 
TRP C   O    doub N N 333 
TRP C   OXT  sing N N 334 
TRP CB  CG   sing N N 335 
TRP CB  HB2  sing N N 336 
TRP CB  HB3  sing N N 337 
TRP CG  CD1  doub Y N 338 
TRP CG  CD2  sing Y N 339 
TRP CD1 NE1  sing Y N 340 
TRP CD1 HD1  sing N N 341 
TRP CD2 CE2  doub Y N 342 
TRP CD2 CE3  sing Y N 343 
TRP NE1 CE2  sing Y N 344 
TRP NE1 HE1  sing N N 345 
TRP CE2 CZ2  sing Y N 346 
TRP CE3 CZ3  doub Y N 347 
TRP CE3 HE3  sing N N 348 
TRP CZ2 CH2  doub Y N 349 
TRP CZ2 HZ2  sing N N 350 
TRP CZ3 CH2  sing Y N 351 
TRP CZ3 HZ3  sing N N 352 
TRP CH2 HH2  sing N N 353 
TRP OXT HXT  sing N N 354 
TYR N   CA   sing N N 355 
TYR N   H    sing N N 356 
TYR N   H2   sing N N 357 
TYR CA  C    sing N N 358 
TYR CA  CB   sing N N 359 
TYR CA  HA   sing N N 360 
TYR C   O    doub N N 361 
TYR C   OXT  sing N N 362 
TYR CB  CG   sing N N 363 
TYR CB  HB2  sing N N 364 
TYR CB  HB3  sing N N 365 
TYR CG  CD1  doub Y N 366 
TYR CG  CD2  sing Y N 367 
TYR CD1 CE1  sing Y N 368 
TYR CD1 HD1  sing N N 369 
TYR CD2 CE2  doub Y N 370 
TYR CD2 HD2  sing N N 371 
TYR CE1 CZ   doub Y N 372 
TYR CE1 HE1  sing N N 373 
TYR CE2 CZ   sing Y N 374 
TYR CE2 HE2  sing N N 375 
TYR CZ  OH   sing N N 376 
TYR OH  HH   sing N N 377 
TYR OXT HXT  sing N N 378 
VAL N   CA   sing N N 379 
VAL N   H    sing N N 380 
VAL N   H2   sing N N 381 
VAL CA  C    sing N N 382 
VAL CA  CB   sing N N 383 
VAL CA  HA   sing N N 384 
VAL C   O    doub N N 385 
VAL C   OXT  sing N N 386 
VAL CB  CG1  sing N N 387 
VAL CB  CG2  sing N N 388 
VAL CB  HB   sing N N 389 
VAL CG1 HG11 sing N N 390 
VAL CG1 HG12 sing N N 391 
VAL CG1 HG13 sing N N 392 
VAL CG2 HG21 sing N N 393 
VAL CG2 HG22 sing N N 394 
VAL CG2 HG23 sing N N 395 
VAL OXT HXT  sing N N 396 
# 
loop_
_pdbx_entity_nonpoly.entity_id 
_pdbx_entity_nonpoly.name 
_pdbx_entity_nonpoly.comp_id 
2 'PHOSPHATE ION' PO4 
3 N-METHYLANILINE 1MR 
4 water           HOH 
# 
_pdbx_initial_refinement_model.id               1 
_pdbx_initial_refinement_model.entity_id_list   ? 
_pdbx_initial_refinement_model.type             'experimental model' 
_pdbx_initial_refinement_model.source_name      PDB 
_pdbx_initial_refinement_model.accession_code   181L 
_pdbx_initial_refinement_model.details          ? 
# 
